data_8JWW
#
_entry.id   8JWW
#
_cell.length_a   1.00
_cell.length_b   1.00
_cell.length_c   1.00
_cell.angle_alpha   90.00
_cell.angle_beta   90.00
_cell.angle_gamma   90.00
#
_symmetry.space_group_name_H-M   'P 1'
#
loop_
_entity.id
_entity.type
_entity.pdbx_description
1 polymer 'Capsid protein G8P'
2 polymer 'Tail virion protein G9P'
3 polymer 'Tail virion protein G7P'
#
loop_
_entity_poly.entity_id
_entity_poly.type
_entity_poly.pdbx_seq_one_letter_code
_entity_poly.pdbx_strand_id
1 'polypeptide(L)' AEGDDPAKAAFNSLQASATEYIGYAWAMVVVIVGATIGIKLFKKFTSKAS Z,B,C,E,H,A,G,I,K,M,N,O,P,R,T,V,W,X,AA,CA,DA,EA,FA,HA,JA
2 'polypeptide(L)' MSVLVYSFASFVLGWCLRSGITYFTRLMETSS D,J,Q,Y,GA
3 'polypeptide(L)' MEQVADFDTIYQAMIQISVVLCFALGIIAGGQR F,L,S,BA,IA
#
# COMPACT_ATOMS: atom_id res chain seq x y z
N ASP A 5 52.87 21.85 12.49
CA ASP A 5 52.50 20.43 12.19
C ASP A 5 52.11 20.32 10.72
N PRO A 6 52.71 19.40 9.93
CA PRO A 6 52.30 19.19 8.54
C PRO A 6 50.83 18.75 8.47
N ALA A 7 50.40 17.88 9.39
CA ALA A 7 49.00 17.40 9.42
C ALA A 7 48.06 18.58 9.67
N LYS A 8 48.43 19.50 10.56
CA LYS A 8 47.59 20.69 10.85
C LYS A 8 47.38 21.49 9.58
N ALA A 9 48.46 21.76 8.84
CA ALA A 9 48.36 22.55 7.59
C ALA A 9 47.44 21.84 6.59
N ALA A 10 47.61 20.52 6.45
CA ALA A 10 46.76 19.74 5.51
C ALA A 10 45.29 19.85 5.93
N PHE A 11 45.00 19.72 7.23
CA PHE A 11 43.61 19.79 7.73
C PHE A 11 43.02 21.18 7.48
N ASN A 12 43.81 22.23 7.71
CA ASN A 12 43.33 23.63 7.52
C ASN A 12 43.00 23.84 6.04
N SER A 13 43.85 23.36 5.13
CA SER A 13 43.57 23.46 3.68
C SER A 13 42.29 22.69 3.35
N LEU A 14 42.12 21.51 3.95
CA LEU A 14 40.91 20.67 3.70
C LEU A 14 39.67 21.42 4.16
N GLN A 15 39.74 22.12 5.30
CA GLN A 15 38.56 22.86 5.83
C GLN A 15 38.08 23.85 4.77
N ALA A 16 38.99 24.62 4.17
CA ALA A 16 38.60 25.60 3.12
C ALA A 16 38.00 24.86 1.91
N SER A 17 38.64 23.78 1.48
CA SER A 17 38.12 22.99 0.33
C SER A 17 36.74 22.42 0.67
N ALA A 18 36.54 21.96 1.90
CA ALA A 18 35.26 21.35 2.32
C ALA A 18 34.11 22.36 2.18
N THR A 19 34.33 23.61 2.58
CA THR A 19 33.26 24.64 2.50
C THR A 19 32.85 24.82 1.04
N GLU A 20 33.81 24.77 0.10
CA GLU A 20 33.44 24.84 -1.34
C GLU A 20 32.53 23.66 -1.71
N TYR A 21 32.95 22.44 -1.36
CA TYR A 21 32.18 21.22 -1.73
C TYR A 21 30.79 21.26 -1.11
N ILE A 22 30.69 21.61 0.18
CA ILE A 22 29.35 21.57 0.86
C ILE A 22 28.49 22.71 0.30
N GLY A 23 29.11 23.81 -0.14
CA GLY A 23 28.35 24.89 -0.80
C GLY A 23 27.79 24.41 -2.12
N TYR A 24 28.59 23.68 -2.90
CA TYR A 24 28.10 23.10 -4.17
C TYR A 24 26.95 22.14 -3.90
N ALA A 25 27.15 21.17 -3.00
CA ALA A 25 26.12 20.16 -2.67
C ALA A 25 24.82 20.85 -2.27
N TRP A 26 24.91 21.86 -1.39
CA TRP A 26 23.68 22.53 -0.88
C TRP A 26 22.89 23.18 -2.02
N ALA A 27 23.59 23.84 -2.95
CA ALA A 27 22.93 24.52 -4.09
C ALA A 27 22.22 23.52 -4.99
N MET A 28 22.73 22.29 -5.09
CA MET A 28 22.06 21.25 -5.91
C MET A 28 20.94 20.63 -5.08
N VAL A 29 21.25 20.23 -3.84
CA VAL A 29 20.23 19.58 -2.95
C VAL A 29 18.97 20.46 -2.92
N VAL A 30 19.09 21.76 -2.65
CA VAL A 30 17.88 22.62 -2.52
C VAL A 30 17.00 22.43 -3.77
N VAL A 31 17.53 22.70 -4.97
CA VAL A 31 16.69 22.65 -6.21
C VAL A 31 16.10 21.25 -6.39
N ILE A 32 16.91 20.19 -6.27
CA ILE A 32 16.42 18.81 -6.51
C ILE A 32 15.26 18.51 -5.54
N VAL A 33 15.42 18.81 -4.24
CA VAL A 33 14.35 18.43 -3.26
C VAL A 33 13.12 19.32 -3.51
N GLY A 34 13.32 20.55 -3.97
CA GLY A 34 12.18 21.43 -4.30
C GLY A 34 11.35 20.81 -5.42
N ALA A 35 12.00 20.10 -6.34
CA ALA A 35 11.30 19.47 -7.48
C ALA A 35 10.66 18.14 -7.05
N THR A 36 11.43 17.25 -6.42
CA THR A 36 10.86 15.90 -6.11
C THR A 36 9.67 16.05 -5.14
N ILE A 37 9.79 16.85 -4.08
CA ILE A 37 8.67 16.91 -3.09
C ILE A 37 7.47 17.60 -3.74
N GLY A 38 7.72 18.55 -4.66
CA GLY A 38 6.62 19.24 -5.37
C GLY A 38 5.88 18.30 -6.28
N ILE A 39 6.59 17.39 -6.96
CA ILE A 39 5.85 16.40 -7.80
C ILE A 39 5.18 15.36 -6.88
N LYS A 40 5.74 15.09 -5.70
CA LYS A 40 5.10 14.16 -4.73
C LYS A 40 3.84 14.83 -4.16
N LEU A 41 3.94 16.07 -3.69
CA LEU A 41 2.78 16.81 -3.17
C LEU A 41 1.73 16.98 -4.27
N PHE A 42 2.16 17.27 -5.50
CA PHE A 42 1.22 17.41 -6.64
C PHE A 42 0.41 16.12 -6.81
N LYS A 43 1.08 14.99 -7.00
CA LYS A 43 0.37 13.70 -7.23
C LYS A 43 -0.55 13.39 -6.05
N LYS A 44 -0.09 13.64 -4.82
CA LYS A 44 -0.90 13.35 -3.60
C LYS A 44 -2.16 14.21 -3.58
N PHE A 45 -2.03 15.53 -3.71
CA PHE A 45 -3.21 16.42 -3.58
C PHE A 45 -4.17 16.25 -4.75
N THR A 46 -3.68 16.02 -5.97
CA THR A 46 -4.63 15.75 -7.09
C THR A 46 -5.48 14.53 -6.75
N SER A 47 -4.85 13.43 -6.31
CA SER A 47 -5.60 12.18 -5.99
C SER A 47 -6.54 12.39 -4.80
N LYS A 48 -6.17 13.27 -3.86
CA LYS A 48 -7.04 13.58 -2.68
C LYS A 48 -8.27 14.34 -3.17
N ALA A 49 -8.09 15.32 -4.06
CA ALA A 49 -9.24 16.02 -4.66
C ALA A 49 -10.08 14.93 -5.32
N SER A 50 -9.43 13.96 -5.97
CA SER A 50 -10.13 12.74 -6.46
C SER A 50 -11.11 13.03 -7.58
N ASP B 5 4.41 28.08 -13.92
CA ASP B 5 4.41 26.87 -13.07
C ASP B 5 3.65 25.76 -13.78
N PRO B 6 4.29 24.59 -14.08
CA PRO B 6 3.58 23.47 -14.69
C PRO B 6 2.46 22.98 -13.77
N ALA B 7 2.67 23.06 -12.45
CA ALA B 7 1.65 22.62 -11.48
C ALA B 7 0.34 23.36 -11.69
N LYS B 8 0.37 24.69 -11.67
CA LYS B 8 -0.87 25.51 -11.81
C LYS B 8 -1.60 25.11 -13.11
N ALA B 9 -0.87 25.08 -14.23
CA ALA B 9 -1.51 24.78 -15.53
C ALA B 9 -2.20 23.41 -15.47
N ALA B 10 -1.52 22.40 -14.93
CA ALA B 10 -2.09 21.04 -14.84
C ALA B 10 -3.33 21.04 -13.94
N PHE B 11 -3.26 21.72 -12.79
CA PHE B 11 -4.40 21.75 -11.84
C PHE B 11 -5.62 22.38 -12.52
N ASN B 12 -5.42 23.47 -13.25
CA ASN B 12 -6.54 24.14 -13.96
C ASN B 12 -7.12 23.18 -15.01
N SER B 13 -6.26 22.45 -15.72
CA SER B 13 -6.72 21.50 -16.76
C SER B 13 -7.55 20.37 -16.14
N LEU B 14 -7.10 19.84 -14.99
CA LEU B 14 -7.82 18.74 -14.32
C LEU B 14 -9.19 19.23 -13.83
N GLN B 15 -9.27 20.49 -13.42
CA GLN B 15 -10.56 21.07 -12.94
C GLN B 15 -11.50 21.24 -14.13
N ALA B 16 -10.99 21.75 -15.26
CA ALA B 16 -11.81 21.92 -16.48
C ALA B 16 -12.28 20.55 -16.98
N SER B 17 -11.40 19.54 -16.94
CA SER B 17 -11.77 18.17 -17.37
C SER B 17 -12.88 17.62 -16.47
N ALA B 18 -12.80 17.88 -15.16
CA ALA B 18 -13.87 17.44 -14.22
C ALA B 18 -15.18 18.18 -14.57
N THR B 19 -15.10 19.49 -14.81
CA THR B 19 -16.31 20.30 -15.12
C THR B 19 -17.03 19.72 -16.34
N GLU B 20 -16.28 19.41 -17.42
CA GLU B 20 -16.93 18.91 -18.66
C GLU B 20 -17.54 17.53 -18.38
N TYR B 21 -16.88 16.70 -17.57
CA TYR B 21 -17.42 15.36 -17.22
C TYR B 21 -18.75 15.54 -16.48
N ILE B 22 -18.82 16.49 -15.55
CA ILE B 22 -20.07 16.76 -14.78
C ILE B 22 -21.19 17.11 -15.76
N GLY B 23 -20.89 17.94 -16.77
CA GLY B 23 -21.90 18.29 -17.79
C GLY B 23 -22.42 17.06 -18.50
N TYR B 24 -21.52 16.18 -18.95
CA TYR B 24 -21.94 14.93 -19.64
C TYR B 24 -22.76 14.07 -18.68
N ALA B 25 -22.30 13.94 -17.43
CA ALA B 25 -23.00 13.08 -16.44
C ALA B 25 -24.43 13.57 -16.23
N TRP B 26 -24.62 14.88 -16.03
CA TRP B 26 -25.98 15.42 -15.75
C TRP B 26 -26.92 15.13 -16.92
N ALA B 27 -26.42 15.25 -18.15
CA ALA B 27 -27.26 14.94 -19.33
C ALA B 27 -27.75 13.49 -19.26
N MET B 28 -26.85 12.56 -18.97
CA MET B 28 -27.22 11.12 -18.87
C MET B 28 -28.24 10.93 -17.73
N VAL B 29 -28.02 11.56 -16.58
CA VAL B 29 -28.94 11.42 -15.41
C VAL B 29 -30.34 11.84 -15.85
N VAL B 30 -30.47 13.00 -16.50
CA VAL B 30 -31.82 13.51 -16.90
C VAL B 30 -32.51 12.47 -17.78
N VAL B 31 -31.81 11.93 -18.78
CA VAL B 31 -32.42 10.94 -19.72
C VAL B 31 -32.92 9.73 -18.91
N ILE B 32 -32.06 9.13 -18.08
CA ILE B 32 -32.43 7.91 -17.31
C ILE B 32 -33.59 8.25 -16.35
N VAL B 33 -33.45 9.30 -15.56
CA VAL B 33 -34.49 9.66 -14.54
C VAL B 33 -35.81 9.96 -15.25
N GLY B 34 -35.77 10.68 -16.37
CA GLY B 34 -36.99 11.03 -17.12
C GLY B 34 -37.75 9.77 -17.51
N ALA B 35 -37.07 8.78 -18.09
CA ALA B 35 -37.73 7.51 -18.48
C ALA B 35 -38.27 6.80 -17.24
N THR B 36 -37.46 6.71 -16.17
CA THR B 36 -37.87 6.01 -14.94
C THR B 36 -39.16 6.63 -14.38
N ILE B 37 -39.15 7.94 -14.16
CA ILE B 37 -40.35 8.63 -13.58
C ILE B 37 -41.50 8.51 -14.56
N GLY B 38 -41.24 8.68 -15.86
CA GLY B 38 -42.30 8.62 -16.88
C GLY B 38 -43.01 7.27 -16.87
N ILE B 39 -42.25 6.18 -16.90
CA ILE B 39 -42.84 4.81 -16.89
C ILE B 39 -43.66 4.64 -15.62
N LYS B 40 -43.10 5.01 -14.46
CA LYS B 40 -43.80 4.81 -13.17
C LYS B 40 -45.12 5.58 -13.17
N LEU B 41 -45.09 6.87 -13.53
CA LEU B 41 -46.33 7.70 -13.54
C LEU B 41 -47.31 7.15 -14.57
N PHE B 42 -46.81 6.70 -15.73
CA PHE B 42 -47.69 6.14 -16.78
C PHE B 42 -48.50 4.97 -16.19
N LYS B 43 -47.82 3.99 -15.60
CA LYS B 43 -48.51 2.80 -15.04
C LYS B 43 -49.46 3.24 -13.92
N LYS B 44 -49.02 4.17 -13.06
CA LYS B 44 -49.83 4.63 -11.92
C LYS B 44 -51.09 5.35 -12.40
N PHE B 45 -50.94 6.38 -13.23
CA PHE B 45 -52.10 7.22 -13.66
C PHE B 45 -53.08 6.40 -14.51
N THR B 46 -52.58 5.50 -15.36
CA THR B 46 -53.47 4.64 -16.18
C THR B 46 -54.38 3.83 -15.24
N SER B 47 -53.79 3.19 -14.23
CA SER B 47 -54.58 2.39 -13.25
C SER B 47 -55.58 3.28 -12.50
N LYS B 48 -55.15 4.48 -12.08
CA LYS B 48 -56.02 5.39 -11.30
C LYS B 48 -57.21 5.82 -12.17
N ALA B 49 -56.96 6.24 -13.41
CA ALA B 49 -58.05 6.75 -14.27
C ALA B 49 -58.95 5.60 -14.73
N SER B 50 -58.37 4.56 -15.32
CA SER B 50 -59.17 3.42 -15.84
C SER B 50 -59.07 2.23 -14.87
N ASP C 5 21.23 31.22 4.12
CA ASP C 5 21.00 29.80 4.46
C ASP C 5 20.22 29.13 3.31
N PRO C 6 20.82 28.19 2.56
CA PRO C 6 20.10 27.46 1.50
C PRO C 6 18.95 26.62 2.06
N ALA C 7 19.08 26.13 3.29
CA ALA C 7 18.02 25.30 3.93
C ALA C 7 16.73 26.12 4.08
N LYS C 8 16.80 27.34 4.55
CA LYS C 8 15.59 28.19 4.71
C LYS C 8 14.92 28.38 3.34
N ALA C 9 15.74 28.67 2.30
CA ALA C 9 15.16 28.88 0.95
C ALA C 9 14.39 27.63 0.53
N ALA C 10 14.96 26.44 0.75
CA ALA C 10 14.30 25.18 0.35
C ALA C 10 12.97 25.04 1.09
N PHE C 11 12.97 25.27 2.40
CA PHE C 11 11.73 25.13 3.20
C PHE C 11 10.69 26.13 2.70
N ASN C 12 11.08 27.38 2.49
CA ASN C 12 10.11 28.44 2.07
C ASN C 12 9.48 28.05 0.73
N SER C 13 10.30 27.60 -0.23
CA SER C 13 9.77 27.23 -1.57
C SER C 13 8.77 26.09 -1.44
N LEU C 14 9.10 25.07 -0.63
CA LEU C 14 8.20 23.90 -0.45
C LEU C 14 6.93 24.32 0.29
N GLN C 15 7.04 25.22 1.26
CA GLN C 15 5.85 25.71 2.01
C GLN C 15 4.92 26.44 1.03
N ALA C 16 5.47 27.26 0.13
CA ALA C 16 4.67 27.97 -0.88
C ALA C 16 4.00 26.96 -1.82
N SER C 17 4.75 25.96 -2.29
CA SER C 17 4.20 24.92 -3.18
C SER C 17 3.01 24.23 -2.49
N ALA C 18 3.19 23.82 -1.23
CA ALA C 18 2.12 23.12 -0.50
C ALA C 18 0.87 24.01 -0.42
N THR C 19 1.05 25.29 -0.08
CA THR C 19 -0.10 26.22 0.08
C THR C 19 -0.89 26.30 -1.23
N GLU C 20 -0.19 26.46 -2.36
CA GLU C 20 -0.85 26.53 -3.68
C GLU C 20 -1.65 25.25 -3.93
N TYR C 21 -1.03 24.09 -3.72
CA TYR C 21 -1.71 22.79 -4.00
C TYR C 21 -2.97 22.66 -3.14
N ILE C 22 -2.89 23.02 -1.85
CA ILE C 22 -4.05 22.90 -0.93
C ILE C 22 -5.20 23.74 -1.47
N GLY C 23 -4.93 24.99 -1.87
CA GLY C 23 -5.98 25.87 -2.42
C GLY C 23 -6.61 25.27 -3.66
N TYR C 24 -5.80 24.84 -4.62
CA TYR C 24 -6.34 24.26 -5.88
C TYR C 24 -7.14 23.00 -5.56
N ALA C 25 -6.61 22.15 -4.67
CA ALA C 25 -7.28 20.87 -4.34
C ALA C 25 -8.67 21.15 -3.74
N TRP C 26 -8.74 22.06 -2.77
CA TRP C 26 -10.04 22.34 -2.10
C TRP C 26 -11.07 22.80 -3.14
N ALA C 27 -10.67 23.64 -4.09
CA ALA C 27 -11.59 24.12 -5.14
C ALA C 27 -12.15 22.92 -5.91
N MET C 28 -11.29 22.00 -6.36
CA MET C 28 -11.75 20.85 -7.17
C MET C 28 -12.64 19.94 -6.29
N VAL C 29 -12.28 19.75 -5.02
CA VAL C 29 -13.12 18.92 -4.10
C VAL C 29 -14.53 19.48 -4.11
N VAL C 30 -14.69 20.79 -3.92
CA VAL C 30 -16.05 21.42 -3.83
C VAL C 30 -16.83 21.09 -5.11
N VAL C 31 -16.24 21.31 -6.28
CA VAL C 31 -16.97 21.11 -7.57
C VAL C 31 -17.38 19.63 -7.69
N ILE C 32 -16.45 18.70 -7.50
CA ILE C 32 -16.73 17.25 -7.69
C ILE C 32 -17.76 16.80 -6.64
N VAL C 33 -17.60 17.20 -5.37
CA VAL C 33 -18.55 16.81 -4.29
C VAL C 33 -19.93 17.36 -4.63
N GLY C 34 -20.01 18.63 -5.06
CA GLY C 34 -21.30 19.24 -5.40
C GLY C 34 -22.04 18.43 -6.44
N ALA C 35 -21.34 18.01 -7.49
CA ALA C 35 -21.97 17.20 -8.56
C ALA C 35 -22.50 15.88 -7.99
N THR C 36 -21.67 15.15 -7.24
CA THR C 36 -22.08 13.84 -6.68
C THR C 36 -23.32 14.03 -5.80
N ILE C 37 -23.25 14.98 -4.86
CA ILE C 37 -24.39 15.21 -3.91
C ILE C 37 -25.62 15.67 -4.70
N GLY C 38 -25.43 16.57 -5.68
CA GLY C 38 -26.54 17.08 -6.49
C GLY C 38 -27.27 15.97 -7.21
N ILE C 39 -26.53 15.06 -7.86
CA ILE C 39 -27.15 13.92 -8.59
C ILE C 39 -27.92 13.06 -7.59
N LYS C 40 -27.32 12.73 -6.44
CA LYS C 40 -27.98 11.83 -5.46
C LYS C 40 -29.27 12.48 -4.95
N LEU C 41 -29.22 13.75 -4.53
CA LEU C 41 -30.42 14.44 -3.98
C LEU C 41 -31.50 14.52 -5.06
N PHE C 42 -31.11 14.82 -6.30
CA PHE C 42 -32.09 14.93 -7.41
C PHE C 42 -32.84 13.60 -7.56
N LYS C 43 -32.10 12.49 -7.65
CA LYS C 43 -32.74 11.16 -7.87
C LYS C 43 -33.65 10.81 -6.69
N LYS C 44 -33.25 11.18 -5.47
CA LYS C 44 -34.03 10.86 -4.24
C LYS C 44 -35.35 11.63 -4.25
N PHE C 45 -35.30 12.96 -4.42
CA PHE C 45 -36.52 13.78 -4.33
C PHE C 45 -37.45 13.51 -5.52
N THR C 46 -36.90 13.31 -6.72
CA THR C 46 -37.76 13.11 -7.92
C THR C 46 -38.62 11.86 -7.74
N SER C 47 -38.11 10.84 -7.02
CA SER C 47 -38.87 9.59 -6.78
C SER C 47 -39.90 9.82 -5.66
N LYS C 48 -39.55 10.59 -4.63
CA LYS C 48 -40.49 10.90 -3.53
C LYS C 48 -41.67 11.71 -4.07
N ALA C 49 -41.38 12.74 -4.87
CA ALA C 49 -42.45 13.62 -5.41
C ALA C 49 -43.33 12.84 -6.40
N SER C 50 -42.70 12.08 -7.30
CA SER C 50 -43.45 11.30 -8.32
C SER C 50 -44.34 10.25 -7.63
N MET D 1 51.01 10.75 17.23
CA MET D 1 49.54 10.80 17.37
C MET D 1 48.99 11.97 16.55
N SER D 2 49.85 12.89 16.11
CA SER D 2 49.38 14.09 15.39
C SER D 2 48.61 13.70 14.12
N VAL D 3 49.19 12.84 13.28
CA VAL D 3 48.51 12.50 11.99
C VAL D 3 47.20 11.75 12.28
N LEU D 4 47.17 10.92 13.33
CA LEU D 4 45.91 10.22 13.71
C LEU D 4 44.86 11.25 14.12
N VAL D 5 45.21 12.19 15.00
CA VAL D 5 44.24 13.20 15.50
C VAL D 5 43.68 14.00 14.31
N TYR D 6 44.55 14.48 13.43
CA TYR D 6 44.08 15.36 12.31
C TYR D 6 43.33 14.53 11.26
N SER D 7 43.76 13.30 11.00
CA SER D 7 43.02 12.42 10.04
C SER D 7 41.64 12.09 10.60
N PHE D 8 41.54 11.83 11.91
CA PHE D 8 40.23 11.55 12.54
C PHE D 8 39.35 12.80 12.49
N ALA D 9 39.94 13.97 12.75
CA ALA D 9 39.19 15.24 12.69
C ALA D 9 38.63 15.42 11.28
N SER D 10 39.40 15.04 10.26
CA SER D 10 38.92 15.13 8.85
C SER D 10 37.70 14.24 8.65
N PHE D 11 37.73 13.01 9.19
CA PHE D 11 36.59 12.07 9.06
C PHE D 11 35.35 12.66 9.73
N VAL D 12 35.50 13.18 10.96
CA VAL D 12 34.34 13.75 11.72
C VAL D 12 33.80 14.96 10.96
N LEU D 13 34.69 15.81 10.44
CA LEU D 13 34.24 16.99 9.65
C LEU D 13 33.40 16.52 8.47
N GLY D 14 33.88 15.53 7.72
CA GLY D 14 33.13 15.01 6.55
C GLY D 14 31.77 14.48 6.96
N TRP D 15 31.69 13.66 8.00
CA TRP D 15 30.38 13.16 8.51
C TRP D 15 29.47 14.34 8.85
N CYS D 16 29.97 15.33 9.59
CA CYS D 16 29.12 16.47 10.05
C CYS D 16 28.56 17.25 8.86
N LEU D 17 29.40 17.57 7.87
CA LEU D 17 28.95 18.36 6.69
C LEU D 17 27.87 17.60 5.93
N ARG D 18 28.10 16.32 5.60
CA ARG D 18 27.13 15.54 4.79
C ARG D 18 25.90 15.21 5.64
N SER D 19 26.06 14.93 6.94
CA SER D 19 24.89 14.52 7.73
C SER D 19 23.84 15.64 7.73
N GLY D 20 24.27 16.90 7.68
CA GLY D 20 23.32 18.02 7.58
C GLY D 20 22.42 17.91 6.37
N ILE D 21 22.97 17.50 5.23
CA ILE D 21 22.15 17.26 4.01
C ILE D 21 21.22 16.08 4.28
N THR D 22 21.75 14.94 4.71
CA THR D 22 20.93 13.71 4.91
C THR D 22 19.73 14.02 5.81
N TYR D 23 19.96 14.64 6.96
CA TYR D 23 18.86 14.90 7.93
C TYR D 23 17.82 15.82 7.28
N PHE D 24 18.26 16.90 6.63
CA PHE D 24 17.31 17.85 5.99
C PHE D 24 16.45 17.10 4.98
N THR D 25 17.07 16.35 4.08
CA THR D 25 16.32 15.61 3.02
C THR D 25 15.34 14.64 3.67
N ARG D 26 15.82 13.83 4.63
CA ARG D 26 14.94 12.79 5.25
C ARG D 26 13.76 13.47 5.95
N LEU D 27 14.02 14.46 6.81
CA LEU D 27 12.92 15.12 7.56
C LEU D 27 11.88 15.69 6.58
N MET D 28 12.32 16.47 5.59
CA MET D 28 11.38 17.09 4.63
C MET D 28 10.59 16.01 3.88
N GLU D 29 11.25 14.91 3.49
CA GLU D 29 10.58 13.84 2.72
C GLU D 29 9.44 13.23 3.56
N THR D 30 9.75 12.80 4.79
CA THR D 30 8.70 12.16 5.66
C THR D 30 7.71 13.23 6.14
N SER D 31 8.12 14.50 6.15
CA SER D 31 7.19 15.60 6.54
C SER D 31 6.01 15.65 5.57
N SER D 32 6.30 15.60 4.26
CA SER D 32 5.21 15.58 3.25
C SER D 32 4.59 14.17 3.19
N ASP E 5 39.33 19.07 20.38
CA ASP E 5 38.73 18.47 19.14
C ASP E 5 38.71 19.52 18.04
N PRO E 6 39.45 19.32 16.93
CA PRO E 6 39.47 20.28 15.80
C PRO E 6 38.13 20.35 15.06
N ALA E 7 37.30 19.30 15.16
CA ALA E 7 36.01 19.27 14.42
C ALA E 7 34.82 19.47 15.38
N LYS E 8 35.10 19.92 16.62
CA LYS E 8 34.00 20.20 17.58
C LYS E 8 33.12 21.32 17.01
N ALA E 9 33.74 22.32 16.36
CA ALA E 9 32.97 23.43 15.75
C ALA E 9 31.96 22.87 14.74
N ALA E 10 32.38 21.90 13.93
CA ALA E 10 31.47 21.29 12.91
C ALA E 10 30.29 20.62 13.60
N PHE E 11 30.53 19.85 14.68
CA PHE E 11 29.43 19.20 15.42
C PHE E 11 28.48 20.28 15.99
N ASN E 12 29.04 21.35 16.57
CA ASN E 12 28.21 22.42 17.17
C ASN E 12 27.33 23.03 16.08
N SER E 13 27.88 23.27 14.90
CA SER E 13 27.09 23.83 13.77
C SER E 13 25.97 22.86 13.40
N LEU E 14 26.29 21.56 13.29
CA LEU E 14 25.27 20.54 12.92
C LEU E 14 24.16 20.55 13.98
N GLN E 15 24.50 20.67 15.26
CA GLN E 15 23.50 20.61 16.34
C GLN E 15 22.54 21.80 16.22
N ALA E 16 23.07 23.01 15.97
CA ALA E 16 22.22 24.21 15.83
C ALA E 16 21.41 24.14 14.55
N SER E 17 21.93 23.45 13.52
CA SER E 17 21.20 23.28 12.24
C SER E 17 20.08 22.25 12.39
N ALA E 18 20.32 21.18 13.15
CA ALA E 18 19.32 20.09 13.30
C ALA E 18 18.05 20.62 13.97
N THR E 19 18.18 21.39 15.06
CA THR E 19 16.99 21.88 15.79
C THR E 19 16.16 22.77 14.87
N GLU E 20 16.81 23.49 13.95
CA GLU E 20 16.08 24.34 12.96
C GLU E 20 15.31 23.43 12.00
N TYR E 21 15.93 22.35 11.52
CA TYR E 21 15.27 21.44 10.54
C TYR E 21 14.05 20.78 11.16
N ILE E 22 14.14 20.40 12.44
CA ILE E 22 13.01 19.73 13.14
C ILE E 22 11.82 20.70 13.17
N GLY E 23 12.08 21.98 13.47
CA GLY E 23 11.00 22.99 13.45
C GLY E 23 10.38 23.10 12.07
N TYR E 24 11.21 23.11 11.02
CA TYR E 24 10.69 23.16 9.63
C TYR E 24 9.78 21.96 9.38
N ALA E 25 10.23 20.76 9.73
CA ALA E 25 9.44 19.53 9.47
C ALA E 25 8.07 19.64 10.14
N TRP E 26 8.03 19.91 11.45
CA TRP E 26 6.74 19.93 12.18
C TRP E 26 5.78 20.92 11.54
N ALA E 27 6.28 22.08 11.10
CA ALA E 27 5.41 23.11 10.48
C ALA E 27 4.76 22.55 9.21
N MET E 28 5.55 21.90 8.35
CA MET E 28 5.01 21.38 7.07
C MET E 28 4.07 20.18 7.33
N VAL E 29 4.42 19.32 8.30
CA VAL E 29 3.54 18.16 8.64
C VAL E 29 2.16 18.68 9.01
N VAL E 30 2.09 19.64 9.94
CA VAL E 30 0.78 20.15 10.44
C VAL E 30 -0.08 20.63 9.26
N VAL E 31 0.49 21.39 8.32
CA VAL E 31 -0.33 21.98 7.21
C VAL E 31 -0.81 20.86 6.27
N ILE E 32 0.05 19.90 5.92
CA ILE E 32 -0.32 18.82 4.97
C ILE E 32 -1.38 17.92 5.62
N VAL E 33 -1.15 17.48 6.87
CA VAL E 33 -2.11 16.59 7.58
C VAL E 33 -3.43 17.33 7.75
N GLY E 34 -3.38 18.62 8.10
CA GLY E 34 -4.61 19.41 8.30
C GLY E 34 -5.48 19.40 7.06
N ALA E 35 -4.89 19.69 5.90
CA ALA E 35 -5.65 19.71 4.63
C ALA E 35 -6.17 18.31 4.31
N THR E 36 -5.31 17.29 4.45
CA THR E 36 -5.70 15.90 4.11
C THR E 36 -6.92 15.48 4.95
N ILE E 37 -6.82 15.60 6.27
CA ILE E 37 -7.94 15.16 7.16
C ILE E 37 -9.17 16.02 6.86
N GLY E 38 -8.99 17.32 6.65
CA GLY E 38 -10.12 18.23 6.38
C GLY E 38 -10.90 17.80 5.15
N ILE E 39 -10.22 17.56 4.04
CA ILE E 39 -10.90 17.13 2.77
C ILE E 39 -11.60 15.80 3.03
N LYS E 40 -10.92 14.84 3.67
CA LYS E 40 -11.51 13.49 3.90
C LYS E 40 -12.76 13.62 4.76
N LEU E 41 -12.71 14.37 5.86
CA LEU E 41 -13.88 14.53 6.76
C LEU E 41 -15.02 15.21 6.00
N PHE E 42 -14.71 16.23 5.19
CA PHE E 42 -15.74 16.96 4.42
C PHE E 42 -16.52 15.98 3.55
N LYS E 43 -15.82 15.14 2.78
CA LYS E 43 -16.48 14.15 1.89
C LYS E 43 -17.31 13.17 2.74
N LYS E 44 -16.75 12.68 3.84
CA LYS E 44 -17.45 11.69 4.71
C LYS E 44 -18.74 12.30 5.25
N PHE E 45 -18.67 13.49 5.85
CA PHE E 45 -19.86 14.09 6.49
C PHE E 45 -20.93 14.43 5.46
N THR E 46 -20.55 14.93 4.28
CA THR E 46 -21.57 15.36 3.28
C THR E 46 -22.35 14.12 2.80
N SER E 47 -21.66 12.97 2.63
CA SER E 47 -22.34 11.72 2.23
C SER E 47 -23.27 11.23 3.35
N LYS E 48 -22.81 11.26 4.59
CA LYS E 48 -23.65 10.83 5.75
C LYS E 48 -24.83 11.80 5.88
N ALA E 49 -24.62 13.09 5.58
CA ALA E 49 -25.70 14.10 5.71
C ALA E 49 -26.67 14.02 4.54
N SER E 50 -26.43 13.10 3.60
CA SER E 50 -27.32 12.91 2.42
C SER E 50 -27.35 14.18 1.58
N ALA F 5 61.02 12.10 6.68
CA ALA F 5 62.28 12.43 7.40
C ALA F 5 63.09 11.16 7.61
N ASP F 6 62.67 10.30 8.54
CA ASP F 6 63.38 9.03 8.82
C ASP F 6 62.45 7.86 8.47
N PHE F 7 63.02 6.67 8.24
CA PHE F 7 62.18 5.47 7.98
C PHE F 7 61.19 5.26 9.12
N ASP F 8 61.68 5.30 10.37
CA ASP F 8 60.79 5.16 11.56
C ASP F 8 59.66 6.18 11.49
N THR F 9 59.96 7.43 11.09
CA THR F 9 58.92 8.47 10.96
C THR F 9 57.83 7.99 10.00
N ILE F 10 58.23 7.53 8.81
CA ILE F 10 57.25 7.05 7.80
C ILE F 10 56.49 5.86 8.37
N TYR F 11 57.19 4.92 9.00
CA TYR F 11 56.55 3.70 9.57
C TYR F 11 55.46 4.09 10.57
N GLN F 12 55.79 4.94 11.55
CA GLN F 12 54.81 5.32 12.59
C GLN F 12 53.61 6.03 11.96
N ALA F 13 53.88 6.97 11.04
CA ALA F 13 52.79 7.72 10.39
C ALA F 13 51.87 6.76 9.61
N MET F 14 52.46 5.84 8.86
CA MET F 14 51.66 4.88 8.04
C MET F 14 50.75 4.06 8.96
N ILE F 15 51.26 3.59 10.10
CA ILE F 15 50.45 2.77 11.04
C ILE F 15 49.26 3.58 11.54
N GLN F 16 49.49 4.85 11.94
CA GLN F 16 48.40 5.71 12.47
C GLN F 16 47.36 5.95 11.37
N ILE F 17 47.82 6.15 10.13
CA ILE F 17 46.88 6.35 8.98
C ILE F 17 46.06 5.07 8.79
N SER F 18 46.70 3.90 8.89
CA SER F 18 45.99 2.61 8.68
C SER F 18 44.85 2.45 9.69
N VAL F 19 45.11 2.65 10.98
CA VAL F 19 44.03 2.38 11.99
C VAL F 19 42.85 3.34 11.75
N VAL F 20 43.13 4.61 11.37
CA VAL F 20 42.04 5.61 11.20
C VAL F 20 41.25 5.30 9.92
N LEU F 21 41.88 4.68 8.92
CA LEU F 21 41.14 4.26 7.70
C LEU F 21 40.26 3.07 8.05
N CYS F 22 40.82 2.10 8.79
CA CYS F 22 40.07 0.87 9.16
C CYS F 22 38.84 1.24 9.99
N PHE F 23 38.97 2.24 10.87
CA PHE F 23 37.81 2.69 11.69
C PHE F 23 36.74 3.28 10.77
N ALA F 24 37.14 4.12 9.81
CA ALA F 24 36.18 4.75 8.88
C ALA F 24 35.47 3.67 8.06
N LEU F 25 36.22 2.70 7.52
CA LEU F 25 35.60 1.58 6.77
C LEU F 25 34.65 0.81 7.70
N GLY F 26 35.03 0.67 8.97
CA GLY F 26 34.16 -0.01 9.96
C GLY F 26 32.85 0.72 10.14
N ILE F 27 32.88 2.06 10.22
CA ILE F 27 31.63 2.86 10.35
C ILE F 27 30.77 2.64 9.10
N ILE F 28 31.37 2.71 7.91
CA ILE F 28 30.59 2.54 6.65
C ILE F 28 29.97 1.13 6.64
N ALA F 29 30.72 0.10 7.01
CA ALA F 29 30.20 -1.29 7.01
C ALA F 29 29.08 -1.44 8.05
N GLY F 30 29.25 -0.84 9.22
CA GLY F 30 28.24 -0.97 10.30
C GLY F 30 26.97 -0.19 9.99
N GLY F 31 27.05 0.86 9.18
CA GLY F 31 25.88 1.69 8.86
C GLY F 31 25.05 1.13 7.73
N GLN F 32 25.42 -0.05 7.21
CA GLN F 32 24.63 -0.71 6.14
C GLN F 32 23.48 -1.48 6.78
N ARG F 33 22.25 -0.97 6.65
CA ARG F 33 21.06 -1.64 7.25
C ARG F 33 20.67 -2.86 6.42
N ASP G 5 -12.16 29.86 5.28
CA ASP G 5 -12.78 28.53 5.49
C ASP G 5 -13.47 28.08 4.20
N PRO G 6 -12.80 27.31 3.31
CA PRO G 6 -13.44 26.81 2.09
C PRO G 6 -14.57 25.82 2.41
N ALA G 7 -14.38 24.98 3.43
CA ALA G 7 -15.40 23.97 3.80
C ALA G 7 -16.72 24.64 4.19
N LYS G 8 -16.67 25.72 4.96
CA LYS G 8 -17.90 26.41 5.42
C LYS G 8 -18.70 26.86 4.20
N ALA G 9 -18.05 27.53 3.24
CA ALA G 9 -18.75 28.01 2.03
C ALA G 9 -19.34 26.81 1.26
N ALA G 10 -18.57 25.73 1.13
CA ALA G 10 -19.04 24.54 0.38
C ALA G 10 -20.27 23.94 1.05
N PHE G 11 -20.23 23.77 2.38
CA PHE G 11 -21.38 23.19 3.12
C PHE G 11 -22.61 24.08 2.93
N ASN G 12 -22.43 25.40 3.03
CA ASN G 12 -23.58 26.35 2.89
C ASN G 12 -24.17 26.22 1.48
N SER G 13 -23.33 26.14 0.45
CA SER G 13 -23.81 26.03 -0.95
C SER G 13 -24.57 24.71 -1.13
N LEU G 14 -24.07 23.63 -0.54
CA LEU G 14 -24.74 22.30 -0.65
C LEU G 14 -26.12 22.37 0.02
N GLN G 15 -26.21 23.01 1.18
CA GLN G 15 -27.50 23.13 1.91
C GLN G 15 -28.45 24.03 1.11
N ALA G 16 -27.93 25.09 0.49
CA ALA G 16 -28.78 25.99 -0.34
C ALA G 16 -29.33 25.21 -1.54
N SER G 17 -28.49 24.40 -2.19
CA SER G 17 -28.96 23.56 -3.32
C SER G 17 -29.99 22.55 -2.83
N ALA G 18 -29.77 21.96 -1.65
CA ALA G 18 -30.72 20.98 -1.08
C ALA G 18 -32.08 21.66 -0.87
N THR G 19 -32.08 22.87 -0.31
CA THR G 19 -33.35 23.62 -0.07
C THR G 19 -34.03 23.89 -1.41
N GLU G 20 -33.25 24.19 -2.45
CA GLU G 20 -33.84 24.41 -3.80
C GLU G 20 -34.57 23.14 -4.24
N TYR G 21 -33.93 21.97 -4.11
CA TYR G 21 -34.54 20.69 -4.59
C TYR G 21 -35.85 20.44 -3.84
N ILE G 22 -35.88 20.71 -2.54
CA ILE G 22 -37.10 20.49 -1.73
C ILE G 22 -38.22 21.38 -2.28
N GLY G 23 -37.92 22.66 -2.53
CA GLY G 23 -38.91 23.58 -3.12
C GLY G 23 -39.56 22.97 -4.35
N TYR G 24 -38.75 22.33 -5.21
CA TYR G 24 -39.30 21.77 -6.48
C TYR G 24 -40.07 20.48 -6.17
N ALA G 25 -39.53 19.64 -5.27
CA ALA G 25 -40.19 18.36 -4.93
C ALA G 25 -41.58 18.62 -4.37
N TRP G 26 -41.71 19.60 -3.46
CA TRP G 26 -43.01 19.91 -2.83
C TRP G 26 -44.00 20.40 -3.90
N ALA G 27 -43.55 21.22 -4.85
CA ALA G 27 -44.44 21.69 -5.92
C ALA G 27 -44.97 20.50 -6.72
N MET G 28 -44.08 19.59 -7.13
CA MET G 28 -44.50 18.42 -7.95
C MET G 28 -45.42 17.52 -7.12
N VAL G 29 -45.08 17.24 -5.85
CA VAL G 29 -45.90 16.29 -5.05
C VAL G 29 -47.32 16.84 -4.87
N VAL G 30 -47.46 18.16 -4.72
CA VAL G 30 -48.81 18.77 -4.59
C VAL G 30 -49.62 18.45 -5.86
N VAL G 31 -49.01 18.63 -7.03
CA VAL G 31 -49.71 18.38 -8.32
C VAL G 31 -50.12 16.90 -8.39
N ILE G 32 -49.18 15.98 -8.14
CA ILE G 32 -49.48 14.52 -8.30
C ILE G 32 -50.58 14.12 -7.30
N VAL G 33 -50.43 14.52 -6.03
CA VAL G 33 -51.42 14.13 -4.98
C VAL G 33 -52.78 14.72 -5.36
N GLY G 34 -52.80 16.00 -5.75
CA GLY G 34 -54.07 16.65 -6.15
C GLY G 34 -54.75 15.85 -7.24
N ALA G 35 -54.00 15.42 -8.26
CA ALA G 35 -54.60 14.70 -9.41
C ALA G 35 -55.22 13.38 -8.92
N THR G 36 -54.44 12.54 -8.22
CA THR G 36 -54.97 11.19 -7.81
C THR G 36 -56.16 11.36 -6.87
N ILE G 37 -56.07 12.27 -5.89
CA ILE G 37 -57.17 12.48 -4.91
C ILE G 37 -58.40 12.96 -5.67
N GLY G 38 -58.22 13.88 -6.62
CA GLY G 38 -59.35 14.39 -7.42
C GLY G 38 -60.09 13.27 -8.13
N ILE G 39 -59.34 12.37 -8.79
CA ILE G 39 -59.97 11.23 -9.54
C ILE G 39 -60.75 10.37 -8.53
N LYS G 40 -60.13 10.04 -7.39
CA LYS G 40 -60.78 9.19 -6.37
C LYS G 40 -62.08 9.84 -5.90
N LEU G 41 -62.03 11.11 -5.51
CA LEU G 41 -63.24 11.81 -4.99
C LEU G 41 -64.31 11.87 -6.08
N PHE G 42 -63.92 12.21 -7.31
CA PHE G 42 -64.89 12.31 -8.42
C PHE G 42 -65.64 10.99 -8.57
N LYS G 43 -64.90 9.89 -8.69
CA LYS G 43 -65.53 8.55 -8.89
C LYS G 43 -66.43 8.24 -7.69
N LYS G 44 -65.93 8.48 -6.47
CA LYS G 44 -66.70 8.18 -5.24
C LYS G 44 -68.01 8.98 -5.24
N PHE G 45 -67.93 10.29 -5.45
CA PHE G 45 -69.14 11.15 -5.36
C PHE G 45 -70.17 10.75 -6.43
N THR G 46 -69.71 10.54 -7.67
CA THR G 46 -70.65 10.21 -8.78
C THR G 46 -71.33 8.88 -8.46
N SER G 47 -70.59 7.90 -7.95
CA SER G 47 -71.17 6.58 -7.59
C SER G 47 -72.24 6.75 -6.51
N LYS G 48 -71.94 7.54 -5.47
CA LYS G 48 -72.90 7.77 -4.35
C LYS G 48 -74.14 8.49 -4.89
N ALA G 49 -73.95 9.49 -5.75
CA ALA G 49 -75.08 10.27 -6.30
C ALA G 49 -76.00 9.35 -7.10
N SER G 50 -75.42 8.48 -7.95
CA SER G 50 -76.23 7.53 -8.75
C SER G 50 -76.32 6.17 -8.04
N ASP H 5 54.47 -1.32 21.46
CA ASP H 5 54.02 -1.50 20.05
C ASP H 5 53.50 -0.17 19.51
N PRO H 6 54.01 0.33 18.35
CA PRO H 6 53.47 1.55 17.75
C PRO H 6 51.99 1.38 17.39
N ALA H 7 51.61 0.20 16.88
CA ALA H 7 50.20 -0.07 16.52
C ALA H 7 49.32 -0.01 17.78
N LYS H 8 49.80 -0.54 18.90
CA LYS H 8 49.03 -0.51 20.17
C LYS H 8 48.74 0.95 20.55
N ALA H 9 49.76 1.81 20.50
CA ALA H 9 49.59 3.23 20.88
C ALA H 9 48.56 3.88 19.95
N ALA H 10 48.67 3.62 18.65
CA ALA H 10 47.72 4.20 17.66
C ALA H 10 46.29 3.74 18.00
N PHE H 11 46.11 2.45 18.29
CA PHE H 11 44.77 1.90 18.58
C PHE H 11 44.21 2.53 19.86
N ASN H 12 45.05 2.70 20.89
CA ASN H 12 44.60 3.28 22.18
C ASN H 12 44.16 4.73 21.94
N SER H 13 44.92 5.49 21.15
CA SER H 13 44.52 6.88 20.82
C SER H 13 43.19 6.87 20.06
N LEU H 14 43.03 5.91 19.14
CA LEU H 14 41.78 5.80 18.34
C LEU H 14 40.60 5.51 19.27
N GLN H 15 40.79 4.66 20.27
CA GLN H 15 39.69 4.31 21.21
C GLN H 15 39.15 5.59 21.85
N ALA H 16 40.04 6.47 22.34
CA ALA H 16 39.60 7.74 22.97
C ALA H 16 38.87 8.61 21.94
N SER H 17 39.43 8.72 20.73
CA SER H 17 38.79 9.53 19.66
C SER H 17 37.43 8.94 19.30
N ALA H 18 37.31 7.61 19.26
CA ALA H 18 36.05 6.93 18.89
C ALA H 18 34.93 7.30 19.87
N THR H 19 35.23 7.33 21.16
CA THR H 19 34.19 7.65 22.18
C THR H 19 33.67 9.07 21.93
N GLU H 20 34.54 10.01 21.54
CA GLU H 20 34.05 11.38 21.18
C GLU H 20 33.07 11.29 20.00
N TYR H 21 33.48 10.61 18.92
CA TYR H 21 32.64 10.51 17.70
C TYR H 21 31.30 9.84 18.01
N ILE H 22 31.33 8.72 18.74
CA ILE H 22 30.05 7.97 19.00
C ILE H 22 29.19 8.80 19.96
N GLY H 23 29.81 9.61 20.83
CA GLY H 23 29.03 10.52 21.70
C GLY H 23 28.34 11.58 20.87
N TYR H 24 29.05 12.14 19.88
CA TYR H 24 28.44 13.14 18.97
C TYR H 24 27.28 12.49 18.21
N ALA H 25 27.52 11.35 17.57
CA ALA H 25 26.49 10.66 16.76
C ALA H 25 25.25 10.39 17.62
N TRP H 26 25.45 9.89 18.84
CA TRP H 26 24.30 9.53 19.72
C TRP H 26 23.43 10.76 20.01
N ALA H 27 24.07 11.91 20.32
CA ALA H 27 23.34 13.14 20.66
C ALA H 27 22.52 13.64 19.46
N MET H 28 22.98 13.37 18.24
CA MET H 28 22.21 13.77 17.03
C MET H 28 21.14 12.72 16.77
N VAL H 29 21.54 11.45 16.75
CA VAL H 29 20.58 10.33 16.48
C VAL H 29 19.36 10.49 17.38
N VAL H 30 19.54 10.65 18.70
CA VAL H 30 18.38 10.71 19.63
C VAL H 30 17.40 11.77 19.10
N VAL H 31 17.82 13.03 18.97
CA VAL H 31 16.89 14.13 18.59
C VAL H 31 16.23 13.82 17.24
N ILE H 32 17.01 13.44 16.23
CA ILE H 32 16.45 13.19 14.87
C ILE H 32 15.37 12.10 14.95
N VAL H 33 15.65 10.98 15.62
CA VAL H 33 14.66 9.86 15.64
C VAL H 33 13.44 10.28 16.48
N GLY H 34 13.64 11.12 17.49
CA GLY H 34 12.51 11.63 18.28
C GLY H 34 11.57 12.44 17.41
N ALA H 35 12.12 13.14 16.40
CA ALA H 35 11.30 13.97 15.50
C ALA H 35 10.65 13.10 14.41
N THR H 36 11.44 12.28 13.70
CA THR H 36 10.85 11.52 12.56
C THR H 36 9.75 10.58 13.07
N ILE H 37 9.99 9.83 14.15
CA ILE H 37 8.97 8.82 14.59
C ILE H 37 7.74 9.58 15.11
N GLY H 38 7.94 10.75 15.71
CA GLY H 38 6.81 11.57 16.21
C GLY H 38 5.96 12.10 15.08
N ILE H 39 6.58 12.49 13.97
CA ILE H 39 5.74 12.92 12.80
C ILE H 39 5.11 11.69 12.14
N LYS H 40 5.76 10.53 12.23
CA LYS H 40 5.17 9.26 11.68
C LYS H 40 3.99 8.85 12.55
N LEU H 41 4.18 8.81 13.88
CA LEU H 41 3.08 8.45 14.82
C LEU H 41 1.95 9.48 14.68
N PHE H 42 2.29 10.76 14.57
CA PHE H 42 1.26 11.83 14.40
C PHE H 42 0.39 11.51 13.18
N LYS H 43 1.00 11.40 12.00
CA LYS H 43 0.23 11.16 10.75
C LYS H 43 -0.60 9.89 10.88
N LYS H 44 -0.03 8.83 11.47
CA LYS H 44 -0.73 7.53 11.61
C LYS H 44 -1.96 7.69 12.51
N PHE H 45 -1.80 8.24 13.72
CA PHE H 45 -2.92 8.31 14.68
C PHE H 45 -3.99 9.30 14.20
N THR H 46 -3.61 10.42 13.58
CA THR H 46 -4.66 11.33 13.03
C THR H 46 -5.52 10.56 12.03
N SER H 47 -4.90 9.85 11.08
CA SER H 47 -5.66 9.10 10.04
C SER H 47 -6.49 7.98 10.67
N LYS H 48 -6.01 7.39 11.77
CA LYS H 48 -6.76 6.31 12.48
C LYS H 48 -8.01 6.92 13.13
N ALA H 49 -7.86 8.08 13.77
CA ALA H 49 -9.04 8.79 14.31
C ALA H 49 -9.97 9.02 13.12
N SER H 50 -9.40 9.37 11.97
CA SER H 50 -10.19 9.41 10.70
C SER H 50 -11.25 10.50 10.70
N ASP I 5 4.20 22.28 22.09
CA ASP I 5 4.22 21.09 21.20
C ASP I 5 3.37 21.37 19.96
N PRO I 6 3.94 21.33 18.74
CA PRO I 6 3.15 21.51 17.52
C PRO I 6 2.09 20.41 17.41
N ALA I 7 2.41 19.21 17.88
CA ALA I 7 1.46 18.07 17.82
C ALA I 7 0.16 18.41 18.54
N LYS I 8 0.24 18.81 19.82
CA LYS I 8 -0.97 19.11 20.61
C LYS I 8 -1.82 20.16 19.89
N ALA I 9 -1.20 21.27 19.46
CA ALA I 9 -1.95 22.37 18.81
C ALA I 9 -2.68 21.82 17.58
N ALA I 10 -1.99 21.05 16.74
CA ALA I 10 -2.60 20.50 15.51
C ALA I 10 -3.76 19.56 15.86
N PHE I 11 -3.57 18.70 16.86
CA PHE I 11 -4.63 17.72 17.24
C PHE I 11 -5.88 18.47 17.70
N ASN I 12 -5.70 19.52 18.50
CA ASN I 12 -6.85 20.32 18.99
C ASN I 12 -7.55 20.98 17.79
N SER I 13 -6.78 21.48 16.82
CA SER I 13 -7.36 22.15 15.63
C SER I 13 -8.17 21.15 14.80
N LEU I 14 -7.64 19.92 14.62
CA LEU I 14 -8.34 18.89 13.81
C LEU I 14 -9.65 18.48 14.51
N GLN I 15 -9.65 18.47 15.85
CA GLN I 15 -10.87 18.12 16.63
C GLN I 15 -11.91 19.25 16.48
N ALA I 16 -11.48 20.50 16.58
CA ALA I 16 -12.39 21.65 16.41
C ALA I 16 -12.95 21.67 14.99
N SER I 17 -12.11 21.37 13.99
CA SER I 17 -12.56 21.32 12.58
C SER I 17 -13.61 20.22 12.40
N ALA I 18 -13.41 19.07 13.05
CA ALA I 18 -14.41 17.97 12.98
C ALA I 18 -15.71 18.44 13.65
N THR I 19 -15.61 19.09 14.82
CA THR I 19 -16.81 19.55 15.56
C THR I 19 -17.65 20.48 14.68
N GLU I 20 -17.01 21.44 14.01
CA GLU I 20 -17.78 22.42 13.19
C GLU I 20 -18.41 21.69 12.00
N TYR I 21 -17.72 20.70 11.42
CA TYR I 21 -18.27 19.91 10.30
C TYR I 21 -19.52 19.17 10.77
N ILE I 22 -19.48 18.59 11.97
CA ILE I 22 -20.65 17.85 12.53
C ILE I 22 -21.84 18.82 12.63
N GLY I 23 -21.60 20.05 13.08
CA GLY I 23 -22.67 21.05 13.16
C GLY I 23 -23.30 21.31 11.80
N TYR I 24 -22.47 21.53 10.78
CA TYR I 24 -22.99 21.76 9.41
C TYR I 24 -23.76 20.52 8.93
N ALA I 25 -23.20 19.33 9.17
CA ALA I 25 -23.84 18.08 8.70
C ALA I 25 -25.23 17.93 9.32
N TRP I 26 -25.35 18.14 10.63
CA TRP I 26 -26.66 17.94 11.31
C TRP I 26 -27.71 18.89 10.74
N ALA I 27 -27.31 20.13 10.43
CA ALA I 27 -28.26 21.10 9.83
C ALA I 27 -28.79 20.54 8.51
N MET I 28 -27.90 20.03 7.65
CA MET I 28 -28.31 19.46 6.35
C MET I 28 -29.24 18.26 6.58
N VAL I 29 -28.90 17.38 7.52
CA VAL I 29 -29.72 16.17 7.80
C VAL I 29 -31.14 16.62 8.15
N VAL I 30 -31.29 17.59 9.05
CA VAL I 30 -32.64 18.03 9.49
C VAL I 30 -33.44 18.49 8.28
N VAL I 31 -32.84 19.31 7.41
CA VAL I 31 -33.57 19.85 6.21
C VAL I 31 -34.04 18.67 5.36
N ILE I 32 -33.13 17.76 4.99
CA ILE I 32 -33.48 16.62 4.09
C ILE I 32 -34.54 15.74 4.77
N VAL I 33 -34.30 15.33 6.02
CA VAL I 33 -35.24 14.41 6.73
C VAL I 33 -36.61 15.08 6.87
N GLY I 34 -36.63 16.37 7.21
CA GLY I 34 -37.90 17.10 7.37
C GLY I 34 -38.74 17.02 6.10
N ALA I 35 -38.13 17.32 4.95
CA ALA I 35 -38.87 17.24 3.66
C ALA I 35 -39.33 15.81 3.41
N THR I 36 -38.43 14.83 3.60
CA THR I 36 -38.76 13.40 3.34
C THR I 36 -39.98 12.98 4.17
N ILE I 37 -39.91 13.18 5.49
CA ILE I 37 -41.03 12.76 6.40
C ILE I 37 -42.26 13.57 6.05
N GLY I 38 -42.11 14.88 5.79
CA GLY I 38 -43.25 15.75 5.47
C GLY I 38 -44.00 15.27 4.25
N ILE I 39 -43.28 15.02 3.15
CA ILE I 39 -43.92 14.54 1.89
C ILE I 39 -44.63 13.22 2.17
N LYS I 40 -43.96 12.28 2.85
CA LYS I 40 -44.56 10.94 3.10
C LYS I 40 -45.85 11.09 3.91
N LEU I 41 -45.80 11.84 5.02
CA LEU I 41 -47.01 12.03 5.88
C LEU I 41 -48.09 12.76 5.10
N PHE I 42 -47.71 13.75 4.29
CA PHE I 42 -48.70 14.50 3.47
C PHE I 42 -49.49 13.53 2.60
N LYS I 43 -48.80 12.71 1.80
CA LYS I 43 -49.48 11.75 0.89
C LYS I 43 -50.32 10.77 1.71
N LYS I 44 -49.77 10.28 2.83
CA LYS I 44 -50.47 9.28 3.69
C LYS I 44 -51.74 9.88 4.28
N PHE I 45 -51.62 10.99 5.00
CA PHE I 45 -52.79 11.58 5.73
C PHE I 45 -53.86 12.07 4.75
N THR I 46 -53.46 12.62 3.60
CA THR I 46 -54.45 13.07 2.58
C THR I 46 -55.30 11.86 2.16
N SER I 47 -54.66 10.74 1.83
CA SER I 47 -55.39 9.51 1.41
C SER I 47 -56.29 9.02 2.55
N LYS I 48 -55.78 9.02 3.79
CA LYS I 48 -56.55 8.51 4.96
C LYS I 48 -57.80 9.37 5.16
N ALA I 49 -57.64 10.70 5.17
CA ALA I 49 -58.77 11.61 5.45
C ALA I 49 -59.76 11.62 4.27
N SER I 50 -59.26 11.89 3.06
CA SER I 50 -60.14 11.97 1.86
C SER I 50 -60.00 10.69 1.03
N ASP J 5 22.57 7.35 29.65
CA ASP J 5 22.33 6.57 28.41
C ASP J 5 21.43 7.38 27.47
N PRO J 6 21.93 7.85 26.31
CA PRO J 6 21.10 8.57 25.34
C PRO J 6 19.97 7.70 24.79
N ALA J 7 20.19 6.39 24.68
CA ALA J 7 19.16 5.45 24.16
C ALA J 7 17.92 5.47 25.06
N LYS J 8 18.07 5.42 26.36
CA LYS J 8 16.91 5.44 27.29
C LYS J 8 16.13 6.75 27.08
N ALA J 9 16.86 7.89 26.99
CA ALA J 9 16.18 9.20 26.81
C ALA J 9 15.33 9.15 25.53
N ALA J 10 15.88 8.61 24.44
CA ALA J 10 15.15 8.55 23.16
C ALA J 10 13.88 7.70 23.34
N PHE J 11 13.99 6.53 23.96
CA PHE J 11 12.82 5.64 24.15
C PHE J 11 11.78 6.36 25.01
N ASN J 12 12.20 6.98 26.11
CA ASN J 12 11.24 7.64 27.04
C ASN J 12 10.48 8.75 26.29
N SER J 13 11.20 9.57 25.52
CA SER J 13 10.54 10.69 24.79
C SER J 13 9.52 10.13 23.80
N LEU J 14 9.89 9.08 23.07
CA LEU J 14 8.96 8.48 22.05
C LEU J 14 7.77 7.82 22.75
N GLN J 15 8.00 7.19 23.91
CA GLN J 15 6.89 6.56 24.68
C GLN J 15 5.90 7.65 25.13
N ALA J 16 6.41 8.79 25.59
CA ALA J 16 5.55 9.91 26.00
C ALA J 16 4.76 10.44 24.79
N SER J 17 5.44 10.61 23.66
CA SER J 17 4.78 11.11 22.42
C SER J 17 3.63 10.16 22.06
N ALA J 18 3.90 8.85 22.04
CA ALA J 18 2.87 7.85 21.66
C ALA J 18 1.67 7.98 22.61
N THR J 19 1.92 8.06 23.92
CA THR J 19 0.82 8.13 24.92
C THR J 19 -0.07 9.34 24.63
N GLU J 20 0.53 10.51 24.40
CA GLU J 20 -0.24 11.74 24.10
C GLU J 20 -1.10 11.50 22.85
N TYR J 21 -0.50 10.99 21.77
CA TYR J 21 -1.24 10.80 20.50
C TYR J 21 -2.43 9.87 20.72
N ILE J 22 -2.23 8.76 21.45
CA ILE J 22 -3.31 7.77 21.68
C ILE J 22 -4.48 8.47 22.39
N GLY J 23 -4.20 9.25 23.43
CA GLY J 23 -5.26 9.97 24.16
C GLY J 23 -6.02 10.92 23.26
N TYR J 24 -5.30 11.75 22.50
CA TYR J 24 -5.96 12.72 21.59
C TYR J 24 -6.78 11.97 20.53
N ALA J 25 -6.20 10.90 19.97
CA ALA J 25 -6.89 10.14 18.90
C ALA J 25 -8.21 9.57 19.44
N TRP J 26 -8.17 8.92 20.61
CA TRP J 26 -9.40 8.29 21.16
C TRP J 26 -10.49 9.34 21.33
N ALA J 27 -10.14 10.53 21.80
CA ALA J 27 -11.13 11.62 21.99
C ALA J 27 -11.80 11.94 20.66
N MET J 28 -11.02 12.13 19.60
CA MET J 28 -11.58 12.50 18.28
C MET J 28 -12.43 11.33 17.74
N VAL J 29 -11.96 10.09 17.93
CA VAL J 29 -12.75 8.90 17.47
C VAL J 29 -14.14 8.98 18.08
N VAL J 30 -14.23 9.20 19.40
CA VAL J 30 -15.56 9.22 20.10
C VAL J 30 -16.46 10.27 19.44
N VAL J 31 -15.96 11.50 19.25
CA VAL J 31 -16.80 12.60 18.70
C VAL J 31 -17.27 12.23 17.29
N ILE J 32 -16.36 11.82 16.41
CA ILE J 32 -16.71 11.51 14.99
C ILE J 32 -17.66 10.32 14.95
N VAL J 33 -17.38 9.25 15.71
CA VAL J 33 -18.25 8.04 15.74
C VAL J 33 -19.63 8.44 16.23
N GLY J 34 -19.70 9.24 17.30
CA GLY J 34 -21.00 9.66 17.86
C GLY J 34 -21.85 10.34 16.81
N ALA J 35 -21.26 11.26 16.04
CA ALA J 35 -22.00 11.98 14.98
C ALA J 35 -22.53 10.98 13.95
N THR J 36 -21.66 10.11 13.43
CA THR J 36 -22.07 9.13 12.38
C THR J 36 -23.22 8.26 12.91
N ILE J 37 -23.05 7.67 14.10
CA ILE J 37 -24.09 6.77 14.68
C ILE J 37 -25.36 7.59 14.94
N GLY J 38 -25.22 8.80 15.48
CA GLY J 38 -26.39 9.66 15.79
C GLY J 38 -27.21 9.93 14.55
N ILE J 39 -26.55 10.32 13.44
CA ILE J 39 -27.28 10.61 12.17
C ILE J 39 -27.99 9.34 11.70
N LYS J 40 -27.30 8.19 11.70
CA LYS J 40 -27.91 6.93 11.21
C LYS J 40 -29.13 6.57 12.06
N LEU J 41 -29.00 6.58 13.39
CA LEU J 41 -30.13 6.19 14.28
C LEU J 41 -31.29 7.16 14.09
N PHE J 42 -31.00 8.45 13.97
CA PHE J 42 -32.06 9.47 13.79
C PHE J 42 -32.87 9.14 12.54
N LYS J 43 -32.18 8.93 11.40
CA LYS J 43 -32.88 8.68 10.11
C LYS J 43 -33.69 7.37 10.20
N LYS J 44 -33.18 6.37 10.91
CA LYS J 44 -33.86 5.06 11.02
C LYS J 44 -35.15 5.21 11.83
N PHE J 45 -35.07 5.79 13.03
CA PHE J 45 -36.26 5.89 13.92
C PHE J 45 -37.29 6.87 13.35
N THR J 46 -36.85 7.97 12.74
CA THR J 46 -37.82 8.99 12.24
C THR J 46 -38.70 8.36 11.15
N SER J 47 -38.16 7.41 10.38
CA SER J 47 -38.95 6.72 9.33
C SER J 47 -39.87 5.68 9.94
N LYS J 48 -39.40 4.96 10.97
CA LYS J 48 -40.24 3.94 11.67
C LYS J 48 -41.43 4.64 12.34
N ALA J 49 -41.17 5.73 13.06
CA ALA J 49 -42.26 6.45 13.78
C ALA J 49 -43.24 7.07 12.79
N SER J 50 -42.72 7.74 11.75
CA SER J 50 -43.58 8.40 10.74
C SER J 50 -44.44 7.36 10.01
N MET K 1 52.63 -9.41 12.50
CA MET K 1 51.17 -9.64 12.68
C MET K 1 50.60 -8.53 13.57
N SER K 2 51.45 -7.76 14.25
CA SER K 2 50.97 -6.74 15.21
C SER K 2 50.07 -5.71 14.49
N VAL K 3 50.55 -5.14 13.37
CA VAL K 3 49.76 -4.07 12.69
C VAL K 3 48.45 -4.68 12.14
N LEU K 4 48.47 -5.93 11.69
CA LEU K 4 47.23 -6.60 11.21
C LEU K 4 46.26 -6.73 12.38
N VAL K 5 46.72 -7.25 13.52
CA VAL K 5 45.82 -7.48 14.70
C VAL K 5 45.20 -6.15 15.13
N TYR K 6 46.00 -5.09 15.25
CA TYR K 6 45.47 -3.79 15.76
C TYR K 6 44.60 -3.11 14.70
N SER K 7 44.97 -3.22 13.42
CA SER K 7 44.12 -2.64 12.35
C SER K 7 42.78 -3.36 12.28
N PHE K 8 42.78 -4.69 12.45
CA PHE K 8 41.53 -5.48 12.45
C PHE K 8 40.69 -5.09 13.67
N ALA K 9 41.34 -4.93 14.83
CA ALA K 9 40.62 -4.53 16.06
C ALA K 9 39.95 -3.18 15.83
N SER K 10 40.62 -2.27 15.11
CA SER K 10 40.03 -0.94 14.79
C SER K 10 38.77 -1.12 13.96
N PHE K 11 38.81 -2.01 12.96
CA PHE K 11 37.63 -2.26 12.09
C PHE K 11 36.47 -2.81 12.93
N VAL K 12 36.74 -3.79 13.79
CA VAL K 12 35.67 -4.41 14.62
C VAL K 12 35.11 -3.35 15.59
N LEU K 13 35.98 -2.53 16.17
CA LEU K 13 35.51 -1.44 17.08
C LEU K 13 34.55 -0.52 16.32
N GLY K 14 34.93 -0.09 15.11
CA GLY K 14 34.06 0.79 14.31
C GLY K 14 32.72 0.14 14.01
N TRP K 15 32.71 -1.10 13.56
CA TRP K 15 31.43 -1.83 13.32
C TRP K 15 30.60 -1.85 14.59
N CYS K 16 31.19 -2.21 15.74
CA CYS K 16 30.42 -2.34 17.01
C CYS K 16 29.79 -1.00 17.42
N LEU K 17 30.55 0.09 17.37
CA LEU K 17 30.03 1.42 17.78
C LEU K 17 28.86 1.83 16.88
N ARG K 18 29.02 1.75 15.56
CA ARG K 18 27.96 2.20 14.63
C ARG K 18 26.79 1.22 14.65
N SER K 19 27.06 -0.08 14.77
CA SER K 19 25.94 -1.06 14.70
C SER K 19 24.94 -0.76 15.82
N GLY K 20 25.40 -0.29 16.98
CA GLY K 20 24.49 0.08 18.07
C GLY K 20 23.49 1.13 17.63
N ILE K 21 23.93 2.12 16.85
CA ILE K 21 23.00 3.15 16.31
C ILE K 21 22.05 2.45 15.32
N THR K 22 22.58 1.73 14.34
CA THR K 22 21.73 1.09 13.29
C THR K 22 20.63 0.26 13.94
N TYR K 23 20.97 -0.62 14.87
CA TYR K 23 19.97 -1.53 15.47
C TYR K 23 18.91 -0.71 16.21
N PHE K 24 19.33 0.28 17.01
CA PHE K 24 18.37 1.12 17.77
C PHE K 24 17.39 1.78 16.79
N THR K 25 17.91 2.44 15.76
CA THR K 25 17.06 3.16 14.79
C THR K 25 16.10 2.17 14.12
N ARG K 26 16.63 1.04 13.62
CA ARG K 26 15.77 0.07 12.89
C ARG K 26 14.67 -0.46 13.81
N LEU K 27 15.03 -0.94 15.00
CA LEU K 27 14.03 -1.52 15.93
C LEU K 27 12.93 -0.50 16.22
N MET K 28 13.32 0.71 16.63
CA MET K 28 12.32 1.76 16.98
C MET K 28 11.43 2.07 15.77
N GLU K 29 12.02 2.15 14.58
CA GLU K 29 11.24 2.48 13.34
C GLU K 29 10.17 1.42 13.11
N THR K 30 10.55 0.15 13.06
CA THR K 30 9.57 -0.95 12.78
C THR K 30 8.66 -1.14 14.00
N SER K 31 9.11 -0.72 15.18
CA SER K 31 8.26 -0.81 16.40
C SER K 31 7.00 0.05 16.22
N SER K 32 7.18 1.29 15.75
CA SER K 32 6.00 2.16 15.49
C SER K 32 5.34 1.73 14.17
N ASP L 5 41.55 -10.59 22.06
CA ASP L 5 40.83 -9.67 21.16
C ASP L 5 40.76 -8.29 21.81
N PRO L 6 41.39 -7.24 21.23
CA PRO L 6 41.35 -5.88 21.79
C PRO L 6 39.95 -5.24 21.70
N ALA L 7 39.09 -5.73 20.80
CA ALA L 7 37.75 -5.13 20.62
C ALA L 7 36.66 -6.06 21.17
N LYS L 8 37.05 -7.07 21.96
CA LYS L 8 36.04 -7.97 22.59
C LYS L 8 35.16 -7.14 23.53
N ALA L 9 35.76 -6.17 24.24
CA ALA L 9 34.98 -5.30 25.15
C ALA L 9 33.87 -4.58 24.38
N ALA L 10 34.18 -4.09 23.17
CA ALA L 10 33.17 -3.38 22.34
C ALA L 10 32.03 -4.32 21.98
N PHE L 11 32.34 -5.56 21.58
CA PHE L 11 31.27 -6.55 21.26
C PHE L 11 30.42 -6.82 22.50
N ASN L 12 31.06 -6.99 23.66
CA ASN L 12 30.32 -7.29 24.92
C ASN L 12 29.38 -6.13 25.22
N SER L 13 29.84 -4.88 25.03
CA SER L 13 28.97 -3.70 25.26
C SER L 13 27.79 -3.73 24.29
N LEU L 14 28.05 -4.01 23.01
CA LEU L 14 26.97 -4.05 21.99
C LEU L 14 25.95 -5.13 22.39
N GLN L 15 26.41 -6.28 22.87
CA GLN L 15 25.50 -7.40 23.23
C GLN L 15 24.57 -6.97 24.38
N ALA L 16 25.12 -6.32 25.40
CA ALA L 16 24.31 -5.87 26.56
C ALA L 16 23.38 -4.73 26.13
N SER L 17 23.79 -3.95 25.14
CA SER L 17 22.96 -2.83 24.62
C SER L 17 21.82 -3.38 23.76
N ALA L 18 22.08 -4.41 22.96
CA ALA L 18 21.06 -4.96 22.04
C ALA L 18 19.87 -5.52 22.82
N THR L 19 20.12 -6.30 23.88
CA THR L 19 19.02 -6.93 24.64
C THR L 19 18.14 -5.83 25.25
N GLU L 20 18.74 -4.69 25.62
CA GLU L 20 17.96 -3.55 26.15
C GLU L 20 17.07 -2.96 25.05
N TYR L 21 17.61 -2.81 23.84
CA TYR L 21 16.85 -2.20 22.70
C TYR L 21 15.66 -3.09 22.34
N ILE L 22 15.85 -4.41 22.37
CA ILE L 22 14.75 -5.36 22.03
C ILE L 22 13.61 -5.18 23.03
N GLY L 23 13.93 -5.03 24.31
CA GLY L 23 12.89 -4.77 25.34
C GLY L 23 12.16 -3.48 25.03
N TYR L 24 12.90 -2.43 24.67
CA TYR L 24 12.26 -1.12 24.33
C TYR L 24 11.29 -1.33 23.17
N ALA L 25 11.73 -2.01 22.10
CA ALA L 25 10.88 -2.20 20.91
C ALA L 25 9.57 -2.90 21.30
N TRP L 26 9.66 -4.06 21.97
CA TRP L 26 8.44 -4.84 22.28
C TRP L 26 7.45 -3.98 23.09
N ALA L 27 7.96 -3.17 24.02
CA ALA L 27 7.08 -2.32 24.86
C ALA L 27 6.31 -1.33 23.97
N MET L 28 6.99 -0.66 23.05
CA MET L 28 6.33 0.35 22.18
C MET L 28 5.38 -0.34 21.19
N VAL L 29 5.78 -1.50 20.65
CA VAL L 29 4.89 -2.24 19.69
C VAL L 29 3.56 -2.55 20.39
N VAL L 30 3.61 -3.12 21.60
CA VAL L 30 2.36 -3.53 22.31
C VAL L 30 1.42 -2.31 22.46
N VAL L 31 1.94 -1.15 22.85
CA VAL L 31 1.04 0.02 23.11
C VAL L 31 0.45 0.54 21.79
N ILE L 32 1.24 0.62 20.72
CA ILE L 32 0.75 1.17 19.42
C ILE L 32 -0.28 0.19 18.83
N VAL L 33 0.04 -1.11 18.79
CA VAL L 33 -0.88 -2.13 18.22
C VAL L 33 -2.16 -2.15 19.06
N GLY L 34 -2.04 -2.08 20.39
CA GLY L 34 -3.22 -2.11 21.27
C GLY L 34 -4.19 -0.99 20.92
N ALA L 35 -3.69 0.25 20.81
CA ALA L 35 -4.55 1.40 20.48
C ALA L 35 -5.14 1.22 19.08
N THR L 36 -4.31 0.83 18.11
CA THR L 36 -4.78 0.69 16.70
C THR L 36 -5.94 -0.32 16.64
N ILE L 37 -5.72 -1.52 17.15
CA ILE L 37 -6.77 -2.59 17.08
C ILE L 37 -8.00 -2.12 17.87
N GLY L 38 -7.79 -1.50 19.04
CA GLY L 38 -8.91 -1.04 19.88
C GLY L 38 -9.80 -0.07 19.14
N ILE L 39 -9.23 0.96 18.52
CA ILE L 39 -10.02 1.98 17.76
C ILE L 39 -10.75 1.27 16.62
N LYS L 40 -10.05 0.42 15.87
CA LYS L 40 -10.66 -0.27 14.70
C LYS L 40 -11.83 -1.13 15.16
N LEU L 41 -11.66 -1.94 16.21
CA LEU L 41 -12.75 -2.81 16.71
C LEU L 41 -13.93 -1.96 17.20
N PHE L 42 -13.64 -0.84 17.88
CA PHE L 42 -14.71 0.04 18.40
C PHE L 42 -15.60 0.49 17.24
N LYS L 43 -14.99 1.01 16.17
CA LYS L 43 -15.76 1.50 15.00
C LYS L 43 -16.55 0.33 14.38
N LYS L 44 -15.91 -0.83 14.22
CA LYS L 44 -16.57 -2.01 13.60
C LYS L 44 -17.79 -2.42 14.42
N PHE L 45 -17.63 -2.61 15.73
CA PHE L 45 -18.74 -3.12 16.56
C PHE L 45 -19.88 -2.10 16.64
N THR L 46 -19.58 -0.80 16.72
CA THR L 46 -20.66 0.21 16.87
C THR L 46 -21.52 0.21 15.60
N SER L 47 -20.90 0.06 14.43
CA SER L 47 -21.65 0.01 13.14
C SER L 47 -22.50 -1.26 13.09
N LYS L 48 -21.94 -2.42 13.46
CA LYS L 48 -22.69 -3.69 13.48
C LYS L 48 -23.82 -3.60 14.50
N ALA L 49 -23.60 -2.90 15.61
CA ALA L 49 -24.62 -2.78 16.68
C ALA L 49 -25.69 -1.76 16.30
N SER L 50 -25.56 -1.14 15.12
CA SER L 50 -26.55 -0.15 14.63
C SER L 50 -26.61 1.05 15.59
N ALA M 5 61.75 1.69 9.92
CA ALA M 5 63.07 1.21 10.39
C ALA M 5 63.86 0.67 9.19
N ASP M 6 63.48 -0.52 8.70
CA ASP M 6 64.17 -1.12 7.53
C ASP M 6 63.18 -1.22 6.37
N PHE M 7 63.68 -1.35 5.14
CA PHE M 7 62.78 -1.53 3.97
C PHE M 7 61.89 -2.75 4.19
N ASP M 8 62.48 -3.88 4.59
CA ASP M 8 61.70 -5.11 4.86
C ASP M 8 60.59 -4.80 5.88
N THR M 9 60.90 -4.02 6.91
CA THR M 9 59.89 -3.64 7.94
C THR M 9 58.71 -2.95 7.25
N ILE M 10 58.99 -1.94 6.42
CA ILE M 10 57.91 -1.19 5.71
C ILE M 10 57.16 -2.17 4.79
N TYR M 11 57.88 -3.02 4.05
CA TYR M 11 57.25 -3.98 3.11
C TYR M 11 56.26 -4.88 3.85
N GLN M 12 56.70 -5.51 4.94
CA GLN M 12 55.83 -6.46 5.68
C GLN M 12 54.61 -5.71 6.23
N ALA M 13 54.83 -4.53 6.83
CA ALA M 13 53.71 -3.75 7.41
C ALA M 13 52.70 -3.39 6.32
N MET M 14 53.19 -2.92 5.16
CA MET M 14 52.29 -2.50 4.06
C MET M 14 51.43 -3.69 3.61
N ILE M 15 52.02 -4.88 3.49
CA ILE M 15 51.27 -6.09 3.04
C ILE M 15 50.15 -6.39 4.06
N GLN M 16 50.46 -6.36 5.35
CA GLN M 16 49.45 -6.66 6.39
C GLN M 16 48.33 -5.61 6.36
N ILE M 17 48.69 -4.34 6.14
CA ILE M 17 47.66 -3.27 6.02
C ILE M 17 46.78 -3.54 4.80
N SER M 18 47.39 -3.96 3.68
CA SER M 18 46.62 -4.21 2.43
C SER M 18 45.56 -5.30 2.66
N VAL M 19 45.94 -6.44 3.23
CA VAL M 19 44.94 -7.55 3.36
C VAL M 19 43.78 -7.11 4.26
N VAL M 20 44.07 -6.33 5.32
CA VAL M 20 43.01 -5.94 6.29
C VAL M 20 42.09 -4.88 5.64
N LEU M 21 42.62 -4.07 4.71
CA LEU M 21 41.77 -3.09 3.99
C LEU M 21 40.88 -3.87 3.01
N CYS M 22 41.46 -4.83 2.30
CA CYS M 22 40.71 -5.61 1.28
C CYS M 22 39.57 -6.38 1.96
N PHE M 23 39.80 -6.88 3.18
CA PHE M 23 38.73 -7.60 3.92
C PHE M 23 37.61 -6.62 4.26
N ALA M 24 37.96 -5.43 4.74
CA ALA M 24 36.94 -4.41 5.11
C ALA M 24 36.13 -4.02 3.88
N LEU M 25 36.80 -3.77 2.74
CA LEU M 25 36.07 -3.43 1.48
C LEU M 25 35.19 -4.63 1.09
N GLY M 26 35.67 -5.86 1.33
CA GLY M 26 34.86 -7.06 1.04
C GLY M 26 33.60 -7.09 1.87
N ILE M 27 33.68 -6.75 3.16
CA ILE M 27 32.47 -6.71 4.04
C ILE M 27 31.50 -5.66 3.50
N ILE M 28 32.00 -4.47 3.15
CA ILE M 28 31.11 -3.37 2.64
C ILE M 28 30.44 -3.85 1.36
N ALA M 29 31.19 -4.48 0.44
CA ALA M 29 30.62 -4.94 -0.85
C ALA M 29 29.59 -6.04 -0.61
N GLY M 30 29.87 -6.97 0.33
CA GLY M 30 28.96 -8.09 0.60
C GLY M 30 27.69 -7.65 1.30
N GLY M 31 27.74 -6.55 2.04
CA GLY M 31 26.58 -6.06 2.81
C GLY M 31 25.64 -5.22 1.97
N GLN M 32 25.92 -5.08 0.68
CA GLN M 32 25.02 -4.32 -0.23
C GLN M 32 23.90 -5.26 -0.70
N ARG M 33 22.69 -5.05 -0.19
CA ARG M 33 21.52 -5.91 -0.56
C ARG M 33 21.03 -5.53 -1.95
N ASP N 5 -10.62 3.51 30.70
CA ASP N 5 -11.27 2.85 29.53
C ASP N 5 -12.08 3.88 28.76
N PRO N 6 -11.52 4.52 27.71
CA PRO N 6 -12.27 5.48 26.90
C PRO N 6 -13.41 4.79 26.13
N ALA N 7 -13.17 3.58 25.63
CA ALA N 7 -14.18 2.84 24.84
C ALA N 7 -15.44 2.59 25.68
N LYS N 8 -15.28 2.20 26.94
CA LYS N 8 -16.45 1.89 27.81
C LYS N 8 -17.34 3.13 27.90
N ALA N 9 -16.75 4.30 28.21
CA ALA N 9 -17.53 5.54 28.33
C ALA N 9 -18.22 5.85 26.99
N ALA N 10 -17.50 5.70 25.88
CA ALA N 10 -18.07 6.00 24.55
C ALA N 10 -19.26 5.09 24.26
N PHE N 11 -19.12 3.78 24.50
CA PHE N 11 -20.22 2.83 24.25
C PHE N 11 -21.43 3.19 25.11
N ASN N 12 -21.20 3.52 26.38
CA ASN N 12 -22.32 3.87 27.30
C ASN N 12 -23.03 5.13 26.79
N SER N 13 -22.28 6.14 26.34
CA SER N 13 -22.89 7.40 25.83
C SER N 13 -23.71 7.11 24.57
N LEU N 14 -23.19 6.24 23.69
CA LEU N 14 -23.91 5.89 22.44
C LEU N 14 -25.23 5.18 22.79
N GLN N 15 -25.20 4.27 23.76
CA GLN N 15 -26.42 3.53 24.18
C GLN N 15 -27.40 4.50 24.84
N ALA N 16 -26.90 5.46 25.63
CA ALA N 16 -27.78 6.46 26.27
C ALA N 16 -28.46 7.32 25.20
N SER N 17 -27.71 7.74 24.18
CA SER N 17 -28.30 8.51 23.06
C SER N 17 -29.32 7.66 22.32
N ALA N 18 -29.02 6.37 22.10
CA ALA N 18 -29.95 5.46 21.41
C ALA N 18 -31.26 5.38 22.20
N THR N 19 -31.18 5.23 23.52
CA THR N 19 -32.39 5.14 24.38
C THR N 19 -33.18 6.46 24.26
N GLU N 20 -32.48 7.59 24.18
CA GLU N 20 -33.17 8.89 24.00
C GLU N 20 -33.97 8.86 22.70
N TYR N 21 -33.37 8.42 21.59
CA TYR N 21 -34.06 8.43 20.28
C TYR N 21 -35.32 7.56 20.35
N ILE N 22 -35.22 6.40 21.01
CA ILE N 22 -36.38 5.47 21.14
C ILE N 22 -37.51 6.20 21.87
N GLY N 23 -37.19 6.87 22.97
CA GLY N 23 -38.19 7.63 23.73
C GLY N 23 -38.96 8.57 22.81
N TYR N 24 -38.25 9.24 21.89
CA TYR N 24 -38.92 10.22 21.00
C TYR N 24 -39.71 9.47 19.91
N ALA N 25 -39.13 8.41 19.36
CA ALA N 25 -39.80 7.64 18.29
C ALA N 25 -41.13 7.08 18.80
N TRP N 26 -41.14 6.52 20.02
CA TRP N 26 -42.38 5.93 20.59
C TRP N 26 -43.44 7.02 20.78
N ALA N 27 -43.04 8.21 21.23
CA ALA N 27 -44.00 9.32 21.41
C ALA N 27 -44.64 9.66 20.05
N MET N 28 -43.82 9.83 19.01
CA MET N 28 -44.35 10.20 17.67
C MET N 28 -45.22 9.08 17.12
N VAL N 29 -44.79 7.82 17.23
CA VAL N 29 -45.57 6.70 16.63
C VAL N 29 -46.95 6.60 17.30
N VAL N 30 -47.03 6.86 18.60
CA VAL N 30 -48.34 6.84 19.31
C VAL N 30 -49.26 7.88 18.66
N VAL N 31 -48.75 9.10 18.43
CA VAL N 31 -49.56 10.19 17.82
C VAL N 31 -50.03 9.76 16.43
N ILE N 32 -49.10 9.31 15.57
CA ILE N 32 -49.46 8.97 14.16
C ILE N 32 -50.49 7.83 14.17
N VAL N 33 -50.22 6.75 14.92
CA VAL N 33 -51.14 5.58 14.93
C VAL N 33 -52.49 6.02 15.46
N GLY N 34 -52.51 6.79 16.56
CA GLY N 34 -53.78 7.28 17.11
C GLY N 34 -54.58 8.02 16.06
N ALA N 35 -53.93 8.91 15.30
CA ALA N 35 -54.65 9.72 14.28
C ALA N 35 -55.27 8.81 13.22
N THR N 36 -54.47 7.93 12.60
CA THR N 36 -55.01 7.10 11.49
C THR N 36 -56.11 6.16 12.00
N ILE N 37 -55.91 5.54 13.17
CA ILE N 37 -56.91 4.58 13.73
C ILE N 37 -58.19 5.38 14.02
N GLY N 38 -58.06 6.59 14.59
CA GLY N 38 -59.23 7.42 14.89
C GLY N 38 -60.06 7.68 13.65
N ILE N 39 -59.41 8.09 12.55
CA ILE N 39 -60.13 8.38 11.28
C ILE N 39 -60.86 7.11 10.83
N LYS N 40 -60.15 5.97 10.82
CA LYS N 40 -60.75 4.69 10.36
C LYS N 40 -61.98 4.37 11.20
N LEU N 41 -61.85 4.41 12.54
CA LEU N 41 -62.99 4.04 13.43
C LEU N 41 -64.14 5.01 13.22
N PHE N 42 -63.85 6.31 13.13
CA PHE N 42 -64.91 7.33 12.94
C PHE N 42 -65.71 7.01 11.68
N LYS N 43 -65.01 6.83 10.55
CA LYS N 43 -65.71 6.55 9.27
C LYS N 43 -66.52 5.26 9.40
N LYS N 44 -65.91 4.21 9.96
CA LYS N 44 -66.58 2.90 10.12
C LYS N 44 -67.85 3.05 10.95
N PHE N 45 -67.75 3.67 12.13
CA PHE N 45 -68.92 3.77 13.05
C PHE N 45 -70.04 4.59 12.38
N THR N 46 -69.70 5.73 11.78
CA THR N 46 -70.74 6.61 11.17
C THR N 46 -71.44 5.84 10.06
N SER N 47 -70.69 5.10 9.23
CA SER N 47 -71.29 4.32 8.13
C SER N 47 -72.25 3.27 8.70
N LYS N 48 -71.84 2.55 9.75
CA LYS N 48 -72.69 1.50 10.36
C LYS N 48 -73.94 2.15 10.96
N ALA N 49 -73.79 3.29 11.63
CA ALA N 49 -74.94 3.98 12.26
C ALA N 49 -75.95 4.38 11.20
N SER N 50 -75.49 4.95 10.08
CA SER N 50 -76.39 5.36 8.98
C SER N 50 -76.47 4.26 7.92
N ASP O 5 56.01 -16.96 2.14
CA ASP O 5 55.44 -15.71 1.56
C ASP O 5 54.92 -14.82 2.69
N PRO O 6 55.34 -13.54 2.77
CA PRO O 6 54.80 -12.62 3.77
C PRO O 6 53.29 -12.43 3.60
N ALA O 7 52.82 -12.35 2.35
CA ALA O 7 51.38 -12.19 2.06
C ALA O 7 50.61 -13.42 2.55
N LYS O 8 51.17 -14.62 2.37
CA LYS O 8 50.51 -15.87 2.84
C LYS O 8 50.31 -15.79 4.35
N ALA O 9 51.35 -15.40 5.09
CA ALA O 9 51.26 -15.33 6.57
C ALA O 9 50.18 -14.32 6.97
N ALA O 10 50.16 -13.16 6.30
CA ALA O 10 49.16 -12.11 6.61
C ALA O 10 47.75 -12.67 6.36
N PHE O 11 47.55 -13.36 5.23
CA PHE O 11 46.21 -13.90 4.88
C PHE O 11 45.79 -14.96 5.92
N ASN O 12 46.72 -15.81 6.33
CA ASN O 12 46.41 -16.89 7.32
C ASN O 12 45.99 -16.24 8.64
N SER O 13 46.71 -15.20 9.08
CA SER O 13 46.33 -14.48 10.32
C SER O 13 44.94 -13.86 10.15
N LEU O 14 44.67 -13.30 8.97
CA LEU O 14 43.35 -12.66 8.69
C LEU O 14 42.25 -13.70 8.77
N GLN O 15 42.50 -14.92 8.26
CA GLN O 15 41.47 -15.99 8.29
C GLN O 15 41.03 -16.23 9.74
N ALA O 16 41.98 -16.37 10.66
CA ALA O 16 41.64 -16.59 12.09
C ALA O 16 40.86 -15.40 12.64
N SER O 17 41.32 -14.17 12.35
CA SER O 17 40.62 -12.95 12.82
C SER O 17 39.21 -12.89 12.21
N ALA O 18 39.05 -13.29 10.95
CA ALA O 18 37.74 -13.22 10.27
C ALA O 18 36.72 -14.11 11.00
N THR O 19 37.13 -15.32 11.40
CA THR O 19 36.19 -16.24 12.09
C THR O 19 35.70 -15.60 13.39
N GLU O 20 36.56 -14.87 14.10
CA GLU O 20 36.09 -14.14 15.32
C GLU O 20 35.02 -13.12 14.92
N TYR O 21 35.30 -12.28 13.92
CA TYR O 21 34.37 -11.21 13.51
C TYR O 21 33.04 -11.81 13.05
N ILE O 22 33.08 -12.86 12.21
CA ILE O 22 31.81 -13.42 11.66
C ILE O 22 31.06 -14.13 12.78
N GLY O 23 31.78 -14.66 13.78
CA GLY O 23 31.11 -15.26 14.96
C GLY O 23 30.39 -14.18 15.75
N TYR O 24 31.03 -13.03 15.94
CA TYR O 24 30.38 -11.89 16.63
C TYR O 24 29.14 -11.45 15.85
N ALA O 25 29.28 -11.18 14.56
CA ALA O 25 28.17 -10.70 13.72
C ALA O 25 27.00 -11.69 13.81
N TRP O 26 27.28 -12.99 13.69
CA TRP O 26 26.19 -14.01 13.69
C TRP O 26 25.40 -13.97 15.01
N ALA O 27 26.10 -13.85 16.14
CA ALA O 27 25.45 -13.84 17.47
C ALA O 27 24.55 -12.61 17.62
N MET O 28 24.89 -11.50 16.96
CA MET O 28 24.03 -10.29 17.02
C MET O 28 22.91 -10.44 16.00
N VAL O 29 23.26 -10.79 14.75
CA VAL O 29 22.25 -10.95 13.68
C VAL O 29 21.11 -11.84 14.18
N VAL O 30 21.41 -13.02 14.72
CA VAL O 30 20.33 -13.97 15.13
C VAL O 30 19.35 -13.21 16.04
N VAL O 31 19.81 -12.66 17.17
CA VAL O 31 18.88 -12.01 18.15
C VAL O 31 18.10 -10.88 17.48
N ILE O 32 18.78 -9.98 16.76
CA ILE O 32 18.10 -8.81 16.13
C ILE O 32 16.99 -9.32 15.19
N VAL O 33 17.29 -10.28 14.32
CA VAL O 33 16.26 -10.71 13.31
C VAL O 33 15.14 -11.46 14.05
N GLY O 34 15.45 -12.15 15.14
CA GLY O 34 14.40 -12.81 15.94
C GLY O 34 13.42 -11.80 16.50
N ALA O 35 13.91 -10.59 16.81
CA ALA O 35 13.05 -9.52 17.37
C ALA O 35 12.28 -8.81 16.25
N THR O 36 12.98 -8.35 15.20
CA THR O 36 12.27 -7.55 14.16
C THR O 36 11.19 -8.40 13.48
N ILE O 37 11.49 -9.65 13.10
CA ILE O 37 10.47 -10.43 12.35
C ILE O 37 9.31 -10.78 13.29
N GLY O 38 9.60 -10.96 14.58
CA GLY O 38 8.56 -11.27 15.58
C GLY O 38 7.63 -10.09 15.78
N ILE O 39 8.17 -8.86 15.78
CA ILE O 39 7.25 -7.69 15.88
C ILE O 39 6.52 -7.49 14.53
N LYS O 40 7.14 -7.89 13.42
CA LYS O 40 6.46 -7.81 12.10
C LYS O 40 5.34 -8.84 12.04
N LEU O 41 5.64 -10.10 12.40
CA LEU O 41 4.61 -11.18 12.42
C LEU O 41 3.52 -10.81 13.41
N PHE O 42 3.88 -10.27 14.59
CA PHE O 42 2.88 -9.85 15.60
C PHE O 42 1.90 -8.86 14.98
N LYS O 43 2.41 -7.73 14.46
CA LYS O 43 1.53 -6.67 13.90
C LYS O 43 0.67 -7.26 12.77
N LYS O 44 1.25 -8.10 11.92
CA LYS O 44 0.51 -8.69 10.78
C LYS O 44 -0.63 -9.58 11.28
N PHE O 45 -0.34 -10.54 12.15
CA PHE O 45 -1.38 -11.51 12.59
C PHE O 45 -2.45 -10.82 13.44
N THR O 46 -2.09 -9.86 14.29
CA THR O 46 -3.14 -9.13 15.05
C THR O 46 -4.12 -8.48 14.06
N SER O 47 -3.60 -7.76 13.06
CA SER O 47 -4.47 -7.06 12.07
C SER O 47 -5.28 -8.06 11.25
N LYS O 48 -4.73 -9.27 11.00
CA LYS O 48 -5.46 -10.32 10.24
C LYS O 48 -6.62 -10.83 11.09
N ALA O 49 -6.39 -11.07 12.39
CA ALA O 49 -7.49 -11.44 13.30
C ALA O 49 -8.50 -10.31 13.20
N SER O 50 -8.03 -9.06 13.15
CA SER O 50 -8.91 -7.90 12.83
C SER O 50 -9.94 -7.63 13.93
N ASP P 5 6.82 -13.66 27.73
CA ASP P 5 6.73 -13.19 26.32
C ASP P 5 5.79 -11.99 26.25
N PRO P 6 6.25 -10.80 25.80
CA PRO P 6 5.36 -9.65 25.64
C PRO P 6 4.26 -9.97 24.62
N ALA P 7 4.58 -10.76 23.60
CA ALA P 7 3.59 -11.13 22.57
C ALA P 7 2.37 -11.79 23.19
N LYS P 8 2.57 -12.86 23.95
CA LYS P 8 1.44 -13.61 24.56
C LYS P 8 0.57 -12.65 25.39
N ALA P 9 1.19 -11.87 26.27
CA ALA P 9 0.43 -10.95 27.15
C ALA P 9 -0.42 -10.00 26.30
N ALA P 10 0.16 -9.41 25.27
CA ALA P 10 -0.56 -8.46 24.40
C ALA P 10 -1.72 -9.17 23.69
N PHE P 11 -1.48 -10.37 23.16
CA PHE P 11 -2.53 -11.11 22.43
C PHE P 11 -3.71 -11.40 23.35
N ASN P 12 -3.43 -11.81 24.59
CA ASN P 12 -4.51 -12.10 25.56
C ASN P 12 -5.29 -10.81 25.86
N SER P 13 -4.58 -9.68 25.98
CA SER P 13 -5.24 -8.38 26.29
C SER P 13 -6.15 -7.97 25.12
N LEU P 14 -5.68 -8.15 23.88
CA LEU P 14 -6.48 -7.75 22.69
C LEU P 14 -7.74 -8.64 22.60
N GLN P 15 -7.63 -9.91 23.01
CA GLN P 15 -8.79 -10.84 22.98
C GLN P 15 -9.80 -10.42 24.06
N ALA P 16 -9.31 -10.09 25.26
CA ALA P 16 -10.20 -9.64 26.36
C ALA P 16 -10.88 -8.31 25.96
N SER P 17 -10.13 -7.41 25.32
CA SER P 17 -10.70 -6.11 24.87
C SER P 17 -11.80 -6.37 23.83
N ALA P 18 -11.59 -7.33 22.92
CA ALA P 18 -12.63 -7.67 21.93
C ALA P 18 -13.85 -8.25 22.65
N THR P 19 -13.63 -9.14 23.62
CA THR P 19 -14.75 -9.79 24.36
C THR P 19 -15.62 -8.72 25.02
N GLU P 20 -15.01 -7.74 25.68
CA GLU P 20 -15.81 -6.72 26.41
C GLU P 20 -16.57 -5.86 25.38
N TYR P 21 -15.96 -5.57 24.22
CA TYR P 21 -16.63 -4.79 23.16
C TYR P 21 -17.86 -5.56 22.68
N ILE P 22 -17.74 -6.87 22.50
CA ILE P 22 -18.88 -7.71 22.04
C ILE P 22 -20.02 -7.59 23.05
N GLY P 23 -19.70 -7.62 24.35
CA GLY P 23 -20.73 -7.46 25.40
C GLY P 23 -21.46 -6.13 25.25
N TYR P 24 -20.72 -5.03 25.10
CA TYR P 24 -21.34 -3.70 24.92
C TYR P 24 -22.19 -3.69 23.65
N ALA P 25 -21.65 -4.25 22.55
CA ALA P 25 -22.37 -4.24 21.25
C ALA P 25 -23.71 -4.97 21.40
N TRP P 26 -23.72 -6.15 22.00
CA TRP P 26 -24.97 -6.96 22.10
C TRP P 26 -26.03 -6.18 22.89
N ALA P 27 -25.62 -5.48 23.95
CA ALA P 27 -26.58 -4.67 24.75
C ALA P 27 -27.24 -3.63 23.83
N MET P 28 -26.44 -2.92 23.03
CA MET P 28 -26.98 -1.89 22.11
C MET P 28 -27.92 -2.55 21.10
N VAL P 29 -27.54 -3.69 20.53
CA VAL P 29 -28.38 -4.39 19.51
C VAL P 29 -29.74 -4.68 20.14
N VAL P 30 -29.78 -5.24 21.35
CA VAL P 30 -31.08 -5.62 21.99
C VAL P 30 -31.96 -4.37 22.09
N VAL P 31 -31.41 -3.25 22.57
CA VAL P 31 -32.21 -2.01 22.74
C VAL P 31 -32.80 -1.59 21.39
N ILE P 32 -31.96 -1.46 20.36
CA ILE P 32 -32.42 -1.00 19.03
C ILE P 32 -33.44 -1.99 18.46
N VAL P 33 -33.12 -3.28 18.44
CA VAL P 33 -34.02 -4.31 17.84
C VAL P 33 -35.35 -4.33 18.61
N GLY P 34 -35.30 -4.25 19.94
CA GLY P 34 -36.52 -4.26 20.76
C GLY P 34 -37.46 -3.15 20.34
N ALA P 35 -36.95 -1.92 20.23
CA ALA P 35 -37.79 -0.77 19.80
C ALA P 35 -38.32 -1.02 18.38
N THR P 36 -37.45 -1.44 17.46
CA THR P 36 -37.85 -1.65 16.05
C THR P 36 -39.01 -2.67 15.98
N ILE P 37 -38.82 -3.85 16.57
CA ILE P 37 -39.87 -4.91 16.52
C ILE P 37 -41.10 -4.42 17.26
N GLY P 38 -40.92 -3.75 18.41
CA GLY P 38 -42.06 -3.26 19.20
C GLY P 38 -42.93 -2.30 18.42
N ILE P 39 -42.31 -1.30 17.79
CA ILE P 39 -43.07 -0.28 16.99
C ILE P 39 -43.80 -1.02 15.86
N LYS P 40 -43.11 -1.91 15.14
CA LYS P 40 -43.73 -2.61 13.98
C LYS P 40 -44.94 -3.42 14.45
N LEU P 41 -44.78 -4.23 15.49
CA LEU P 41 -45.90 -5.07 16.02
C LEU P 41 -47.02 -4.18 16.53
N PHE P 42 -46.67 -3.06 17.20
CA PHE P 42 -47.69 -2.13 17.73
C PHE P 42 -48.59 -1.67 16.57
N LYS P 43 -48.00 -1.12 15.51
CA LYS P 43 -48.79 -0.61 14.36
C LYS P 43 -49.59 -1.74 13.73
N LYS P 44 -48.96 -2.92 13.58
CA LYS P 44 -49.63 -4.09 12.94
C LYS P 44 -50.82 -4.56 13.78
N PHE P 45 -50.60 -4.88 15.04
CA PHE P 45 -51.68 -5.47 15.89
C PHE P 45 -52.81 -4.46 16.11
N THR P 46 -52.49 -3.18 16.27
CA THR P 46 -53.55 -2.14 16.43
C THR P 46 -54.48 -2.18 15.20
N SER P 47 -53.90 -2.18 14.00
CA SER P 47 -54.71 -2.21 12.75
C SER P 47 -55.52 -3.51 12.69
N LYS P 48 -54.91 -4.64 13.04
CA LYS P 48 -55.60 -5.96 12.96
C LYS P 48 -56.79 -5.98 13.92
N ALA P 49 -56.59 -5.55 15.18
CA ALA P 49 -57.66 -5.61 16.19
C ALA P 49 -58.74 -4.56 15.89
N SER P 50 -58.34 -3.30 15.75
CA SER P 50 -59.31 -2.20 15.50
C SER P 50 -59.29 -1.79 14.02
N ASP Q 5 25.24 -24.21 14.79
CA ASP Q 5 24.86 -23.31 13.68
C ASP Q 5 23.92 -22.23 14.23
N PRO Q 6 24.33 -20.95 14.28
CA PRO Q 6 23.45 -19.85 14.71
C PRO Q 6 22.25 -19.68 13.78
N ALA Q 7 22.41 -19.99 12.49
CA ALA Q 7 21.31 -19.86 11.51
C ALA Q 7 20.15 -20.79 11.87
N LYS Q 8 20.41 -22.02 12.22
CA LYS Q 8 19.33 -22.97 12.59
C LYS Q 8 18.58 -22.42 13.82
N ALA Q 9 19.35 -21.93 14.83
CA ALA Q 9 18.69 -21.39 16.05
C ALA Q 9 17.74 -20.27 15.66
N ALA Q 10 18.18 -19.36 14.78
CA ALA Q 10 17.34 -18.21 14.37
C ALA Q 10 16.06 -18.73 13.71
N PHE Q 11 16.19 -19.68 12.76
CA PHE Q 11 15.01 -20.23 12.06
C PHE Q 11 14.07 -20.88 13.07
N ASN Q 12 14.59 -21.71 13.97
CA ASN Q 12 13.74 -22.44 14.95
C ASN Q 12 12.97 -21.44 15.81
N SER Q 13 13.64 -20.40 16.31
CA SER Q 13 12.97 -19.40 17.18
C SER Q 13 11.84 -18.71 16.41
N LEU Q 14 12.11 -18.32 15.15
CA LEU Q 14 11.08 -17.62 14.32
C LEU Q 14 9.93 -18.57 13.99
N GLN Q 15 10.23 -19.85 13.74
CA GLN Q 15 9.17 -20.85 13.44
C GLN Q 15 8.27 -21.00 14.67
N ALA Q 16 8.85 -21.04 15.87
CA ALA Q 16 8.06 -21.15 17.12
C ALA Q 16 7.20 -19.89 17.29
N SER Q 17 7.79 -18.71 17.06
CA SER Q 17 7.04 -17.44 17.19
C SER Q 17 5.84 -17.47 16.24
N ALA Q 18 6.06 -17.83 14.98
CA ALA Q 18 4.96 -17.86 13.98
C ALA Q 18 3.85 -18.81 14.46
N THR Q 19 4.22 -20.01 14.93
CA THR Q 19 3.20 -21.01 15.36
C THR Q 19 2.33 -20.42 16.48
N GLU Q 20 2.96 -19.79 17.48
CA GLU Q 20 2.21 -19.16 18.60
C GLU Q 20 1.24 -18.13 18.04
N TYR Q 21 1.73 -17.22 17.19
CA TYR Q 21 0.87 -16.12 16.66
C TYR Q 21 -0.32 -16.71 15.91
N ILE Q 22 -0.10 -17.73 15.08
CA ILE Q 22 -1.19 -18.34 14.27
C ILE Q 22 -2.27 -18.87 15.21
N GLY Q 23 -1.88 -19.59 16.27
CA GLY Q 23 -2.85 -20.13 17.24
C GLY Q 23 -3.65 -19.03 17.91
N TYR Q 24 -2.97 -18.01 18.42
CA TYR Q 24 -3.67 -16.88 19.10
C TYR Q 24 -4.60 -16.18 18.11
N ALA Q 25 -4.11 -15.94 16.88
CA ALA Q 25 -4.91 -15.21 15.87
C ALA Q 25 -6.20 -15.99 15.57
N TRP Q 26 -6.09 -17.30 15.32
CA TRP Q 26 -7.28 -18.11 14.96
C TRP Q 26 -8.32 -18.01 16.08
N ALA Q 27 -7.89 -18.07 17.34
CA ALA Q 27 -8.82 -17.98 18.48
C ALA Q 27 -9.59 -16.65 18.41
N MET Q 28 -8.89 -15.54 18.22
CA MET Q 28 -9.55 -14.20 18.19
C MET Q 28 -10.48 -14.11 16.97
N VAL Q 29 -10.05 -14.65 15.82
CA VAL Q 29 -10.91 -14.65 14.60
C VAL Q 29 -12.24 -15.31 14.95
N VAL Q 30 -12.21 -16.49 15.58
CA VAL Q 30 -13.47 -17.23 15.88
C VAL Q 30 -14.39 -16.35 16.74
N VAL Q 31 -13.86 -15.75 17.81
CA VAL Q 31 -14.71 -14.94 18.73
C VAL Q 31 -15.31 -13.75 17.97
N ILE Q 32 -14.49 -12.99 17.26
CA ILE Q 32 -14.98 -11.76 16.56
C ILE Q 32 -15.97 -12.17 15.45
N VAL Q 33 -15.65 -13.20 14.66
CA VAL Q 33 -16.56 -13.66 13.57
C VAL Q 33 -17.88 -14.10 14.19
N GLY Q 34 -17.84 -14.88 15.28
CA GLY Q 34 -19.06 -15.36 15.93
C GLY Q 34 -19.98 -14.22 16.31
N ALA Q 35 -19.42 -13.15 16.90
CA ALA Q 35 -20.23 -11.97 17.30
C ALA Q 35 -20.88 -11.34 16.07
N THR Q 36 -20.09 -11.07 15.02
CA THR Q 36 -20.61 -10.41 13.80
C THR Q 36 -21.74 -11.26 13.20
N ILE Q 37 -21.49 -12.56 13.01
CA ILE Q 37 -22.51 -13.46 12.40
C ILE Q 37 -23.73 -13.54 13.32
N GLY Q 38 -23.50 -13.66 14.63
CA GLY Q 38 -24.61 -13.76 15.61
C GLY Q 38 -25.52 -12.56 15.54
N ILE Q 39 -24.95 -11.35 15.52
CA ILE Q 39 -25.76 -10.10 15.45
C ILE Q 39 -26.56 -10.11 14.14
N LYS Q 40 -25.92 -10.42 13.01
CA LYS Q 40 -26.61 -10.39 11.69
C LYS Q 40 -27.76 -11.39 11.68
N LEU Q 41 -27.52 -12.64 12.09
CA LEU Q 41 -28.58 -13.68 12.06
C LEU Q 41 -29.72 -13.28 13.00
N PHE Q 42 -29.39 -12.74 14.18
CA PHE Q 42 -30.43 -12.32 15.15
C PHE Q 42 -31.35 -11.29 14.49
N LYS Q 43 -30.77 -10.24 13.91
CA LYS Q 43 -31.58 -9.15 13.31
C LYS Q 43 -32.44 -9.69 12.16
N LYS Q 44 -31.90 -10.64 11.38
CA LYS Q 44 -32.62 -11.20 10.21
C LYS Q 44 -33.83 -12.01 10.69
N PHE Q 45 -33.62 -12.97 11.60
CA PHE Q 45 -34.72 -13.86 12.04
C PHE Q 45 -35.77 -13.08 12.85
N THR Q 46 -35.34 -12.13 13.70
CA THR Q 46 -36.31 -11.41 14.56
C THR Q 46 -37.31 -10.64 13.68
N SER Q 47 -36.87 -10.16 12.50
CA SER Q 47 -37.76 -9.44 11.57
C SER Q 47 -38.67 -10.41 10.83
N LYS Q 48 -38.14 -11.58 10.43
CA LYS Q 48 -38.95 -12.61 9.74
C LYS Q 48 -40.05 -13.12 10.67
N ALA Q 49 -39.70 -13.43 11.92
CA ALA Q 49 -40.69 -13.97 12.89
C ALA Q 49 -41.73 -12.90 13.23
N SER Q 50 -41.28 -11.67 13.51
CA SER Q 50 -42.20 -10.57 13.88
C SER Q 50 -43.15 -10.26 12.72
N MET R 1 53.13 -11.14 -8.20
CA MET R 1 51.70 -11.47 -8.27
C MET R 1 51.24 -12.02 -6.90
N SER R 2 52.17 -12.36 -6.03
CA SER R 2 51.81 -12.98 -4.72
C SER R 2 50.89 -12.04 -3.93
N VAL R 3 51.29 -10.77 -3.75
CA VAL R 3 50.48 -9.85 -2.91
C VAL R 3 49.11 -9.62 -3.57
N LEU R 4 49.05 -9.56 -4.91
CA LEU R 4 47.75 -9.41 -5.62
C LEU R 4 46.87 -10.63 -5.31
N VAL R 5 47.41 -11.84 -5.48
CA VAL R 5 46.61 -13.08 -5.29
C VAL R 5 46.07 -13.11 -3.85
N TYR R 6 46.92 -12.85 -2.85
CA TYR R 6 46.48 -12.97 -1.43
C TYR R 6 45.55 -11.81 -1.06
N SER R 7 45.80 -10.61 -1.58
CA SER R 7 44.89 -9.46 -1.31
C SER R 7 43.52 -9.72 -1.94
N PHE R 8 43.49 -10.29 -3.15
CA PHE R 8 42.21 -10.63 -3.82
C PHE R 8 41.50 -11.73 -3.03
N ALA R 9 42.25 -12.73 -2.56
CA ALA R 9 41.65 -13.81 -1.76
C ALA R 9 41.01 -13.22 -0.50
N SER R 10 41.65 -12.22 0.10
CA SER R 10 41.09 -11.54 1.30
C SER R 10 39.75 -10.88 0.95
N PHE R 11 39.67 -10.21 -0.21
CA PHE R 11 38.41 -9.55 -0.65
C PHE R 11 37.31 -10.60 -0.83
N VAL R 12 37.62 -11.70 -1.52
CA VAL R 12 36.60 -12.77 -1.78
C VAL R 12 36.16 -13.38 -0.45
N LEU R 13 37.11 -13.63 0.46
CA LEU R 13 36.75 -14.18 1.80
C LEU R 13 35.76 -13.23 2.49
N GLY R 14 36.06 -11.93 2.50
CA GLY R 14 35.16 -10.95 3.14
C GLY R 14 33.78 -10.96 2.52
N TRP R 15 33.68 -10.92 1.20
CA TRP R 15 32.36 -11.00 0.51
C TRP R 15 31.64 -12.28 0.93
N CYS R 16 32.31 -13.44 0.92
CA CYS R 16 31.65 -14.74 1.23
C CYS R 16 31.10 -14.74 2.65
N LEU R 17 31.89 -14.31 3.63
CA LEU R 17 31.46 -14.32 5.05
C LEU R 17 30.23 -13.42 5.24
N ARG R 18 30.28 -12.18 4.75
CA ARG R 18 29.16 -11.23 4.94
C ARG R 18 27.96 -11.65 4.09
N SER R 19 28.19 -12.14 2.87
CA SER R 19 27.04 -12.46 2.00
C SER R 19 26.14 -13.50 2.68
N GLY R 20 26.72 -14.42 3.46
CA GLY R 20 25.92 -15.39 4.20
C GLY R 20 24.92 -14.72 5.12
N ILE R 21 25.32 -13.65 5.79
CA ILE R 21 24.39 -12.87 6.65
C ILE R 21 23.34 -12.22 5.75
N THR R 22 23.76 -11.48 4.73
CA THR R 22 22.80 -10.74 3.85
C THR R 22 21.73 -11.69 3.32
N TYR R 23 22.12 -12.83 2.75
CA TYR R 23 21.14 -13.76 2.13
C TYR R 23 20.17 -14.27 3.21
N PHE R 24 20.70 -14.68 4.36
CA PHE R 24 19.83 -15.22 5.45
C PHE R 24 18.80 -14.15 5.84
N THR R 25 19.26 -12.93 6.12
CA THR R 25 18.34 -11.84 6.55
C THR R 25 17.30 -11.59 5.46
N ARG R 26 17.74 -11.43 4.21
CA ARG R 26 16.79 -11.09 3.11
C ARG R 26 15.76 -12.21 2.96
N LEU R 27 16.21 -13.47 2.84
CA LEU R 27 15.26 -14.60 2.63
C LEU R 27 14.23 -14.63 3.76
N MET R 28 14.69 -14.61 5.03
CA MET R 28 13.76 -14.68 6.18
C MET R 28 12.79 -13.50 6.16
N GLU R 29 13.28 -12.30 5.82
CA GLU R 29 12.41 -11.09 5.81
C GLU R 29 11.28 -11.26 4.80
N THR R 30 11.62 -11.60 3.54
CA THR R 30 10.58 -11.75 2.48
C THR R 30 9.77 -13.02 2.73
N SER R 31 10.33 -13.98 3.46
CA SER R 31 9.58 -15.22 3.81
C SER R 31 8.35 -14.87 4.64
N SER R 32 8.52 -14.03 5.66
CA SER R 32 7.36 -13.58 6.48
C SER R 32 6.57 -12.51 5.70
N ASP S 5 42.87 -21.34 -5.71
CA ASP S 5 42.11 -20.24 -5.07
C ASP S 5 42.14 -20.43 -3.55
N PRO S 6 42.76 -19.51 -2.78
CA PRO S 6 42.81 -19.62 -1.31
C PRO S 6 41.44 -19.43 -0.64
N ALA S 7 40.49 -18.79 -1.33
CA ALA S 7 39.15 -18.52 -0.74
C ALA S 7 38.08 -19.41 -1.39
N LYS S 8 38.50 -20.44 -2.12
CA LYS S 8 37.52 -21.40 -2.73
C LYS S 8 36.75 -22.09 -1.60
N ALA S 9 37.44 -22.41 -0.49
CA ALA S 9 36.77 -23.06 0.67
C ALA S 9 35.63 -22.17 1.17
N ALA S 10 35.85 -20.86 1.24
CA ALA S 10 34.80 -19.92 1.73
C ALA S 10 33.60 -19.95 0.78
N PHE S 11 33.83 -19.94 -0.53
CA PHE S 11 32.71 -20.02 -1.51
C PHE S 11 31.96 -21.34 -1.33
N ASN S 12 32.69 -22.45 -1.18
CA ASN S 12 32.05 -23.78 -1.03
C ASN S 12 31.17 -23.77 0.23
N SER S 13 31.66 -23.18 1.32
CA SER S 13 30.85 -23.09 2.57
C SER S 13 29.59 -22.25 2.32
N LEU S 14 29.74 -21.11 1.64
CA LEU S 14 28.57 -20.23 1.35
C LEU S 14 27.56 -21.01 0.51
N GLN S 15 28.01 -21.81 -0.47
CA GLN S 15 27.09 -22.56 -1.36
C GLN S 15 26.28 -23.57 -0.54
N ALA S 16 26.94 -24.31 0.36
CA ALA S 16 26.24 -25.31 1.19
C ALA S 16 25.33 -24.61 2.20
N SER S 17 25.68 -23.40 2.62
CA SER S 17 24.84 -22.62 3.56
C SER S 17 23.62 -22.05 2.83
N ALA S 18 23.78 -21.60 1.59
CA ALA S 18 22.66 -20.97 0.84
C ALA S 18 21.53 -21.97 0.63
N THR S 19 21.84 -23.20 0.20
CA THR S 19 20.78 -24.19 -0.09
C THR S 19 19.99 -24.49 1.19
N GLU S 20 20.66 -24.43 2.35
CA GLU S 20 19.97 -24.64 3.65
C GLU S 20 19.01 -23.47 3.92
N TYR S 21 19.46 -22.24 3.66
CA TYR S 21 18.62 -21.03 3.93
C TYR S 21 17.37 -21.05 3.04
N ILE S 22 17.52 -21.47 1.78
CA ILE S 22 16.36 -21.52 0.83
C ILE S 22 15.31 -22.49 1.39
N GLY S 23 15.75 -23.64 1.91
CA GLY S 23 14.81 -24.60 2.53
C GLY S 23 14.10 -23.96 3.71
N TYR S 24 14.84 -23.25 4.56
CA TYR S 24 14.23 -22.55 5.71
C TYR S 24 13.16 -21.58 5.23
N ALA S 25 13.48 -20.76 4.22
CA ALA S 25 12.52 -19.74 3.73
C ALA S 25 11.23 -20.42 3.26
N TRP S 26 11.33 -21.41 2.37
CA TRP S 26 10.12 -22.04 1.79
C TRP S 26 9.24 -22.60 2.92
N ALA S 27 9.84 -23.20 3.95
CA ALA S 27 9.07 -23.78 5.07
C ALA S 27 8.26 -22.69 5.77
N MET S 28 8.89 -21.55 6.08
CA MET S 28 8.19 -20.46 6.81
C MET S 28 7.13 -19.80 5.90
N VAL S 29 7.44 -19.62 4.61
CA VAL S 29 6.45 -19.02 3.66
C VAL S 29 5.18 -19.87 3.67
N VAL S 30 5.31 -21.19 3.50
CA VAL S 30 4.11 -22.08 3.40
C VAL S 30 3.23 -21.90 4.66
N VAL S 31 3.82 -21.87 5.85
CA VAL S 31 2.99 -21.82 7.10
C VAL S 31 2.30 -20.45 7.21
N ILE S 32 3.01 -19.35 6.91
CA ILE S 32 2.43 -17.98 7.06
C ILE S 32 1.32 -17.81 6.02
N VAL S 33 1.59 -18.14 4.75
CA VAL S 33 0.59 -17.99 3.66
C VAL S 33 -0.62 -18.88 3.98
N GLY S 34 -0.38 -20.11 4.45
CA GLY S 34 -1.48 -21.03 4.77
C GLY S 34 -2.44 -20.43 5.76
N ALA S 35 -1.90 -19.89 6.88
CA ALA S 35 -2.75 -19.28 7.92
C ALA S 35 -3.47 -18.06 7.36
N THR S 36 -2.74 -17.19 6.64
CA THR S 36 -3.32 -15.94 6.09
C THR S 36 -4.52 -16.27 5.19
N ILE S 37 -4.30 -17.13 4.19
CA ILE S 37 -5.39 -17.47 3.22
C ILE S 37 -6.53 -18.15 3.99
N GLY S 38 -6.20 -19.04 4.92
CA GLY S 38 -7.23 -19.78 5.68
C GLY S 38 -8.15 -18.83 6.43
N ILE S 39 -7.59 -17.89 7.18
CA ILE S 39 -8.41 -16.90 7.96
C ILE S 39 -9.26 -16.09 6.97
N LYS S 40 -8.65 -15.60 5.90
CA LYS S 40 -9.38 -14.75 4.92
C LYS S 40 -10.54 -15.53 4.31
N LEU S 41 -10.31 -16.77 3.86
CA LEU S 41 -11.38 -17.59 3.24
C LEU S 41 -12.48 -17.87 4.28
N PHE S 42 -12.10 -18.15 5.52
CA PHE S 42 -13.09 -18.45 6.59
C PHE S 42 -14.06 -17.26 6.72
N LYS S 43 -13.53 -16.04 6.85
CA LYS S 43 -14.38 -14.83 6.99
C LYS S 43 -15.25 -14.66 5.74
N LYS S 44 -14.67 -14.84 4.54
CA LYS S 44 -15.43 -14.66 3.28
C LYS S 44 -16.58 -15.65 3.21
N PHE S 45 -16.32 -16.94 3.42
CA PHE S 45 -17.37 -17.98 3.27
C PHE S 45 -18.47 -17.80 4.33
N THR S 46 -18.11 -17.45 5.57
CA THR S 46 -19.14 -17.35 6.63
C THR S 46 -20.11 -16.20 6.30
N SER S 47 -19.59 -15.09 5.75
CA SER S 47 -20.45 -13.96 5.35
C SER S 47 -21.34 -14.35 4.18
N LYS S 48 -20.79 -15.04 3.17
CA LYS S 48 -21.59 -15.50 2.00
C LYS S 48 -22.62 -16.52 2.48
N ALA S 49 -22.28 -17.34 3.47
CA ALA S 49 -23.20 -18.39 3.98
C ALA S 49 -24.27 -17.77 4.89
N SER S 50 -24.21 -16.45 5.11
CA SER S 50 -25.21 -15.75 5.96
C SER S 50 -25.15 -16.29 7.39
N ALA T 5 62.39 -4.60 1.00
CA ALA T 5 63.73 -5.09 0.60
C ALA T 5 64.39 -4.08 -0.33
N ASP T 6 63.94 -4.00 -1.58
CA ASP T 6 64.50 -3.03 -2.56
C ASP T 6 63.41 -2.04 -2.95
N PHE T 7 63.80 -0.87 -3.48
CA PHE T 7 62.80 0.12 -3.95
C PHE T 7 61.89 -0.54 -5.00
N ASP T 8 62.47 -1.22 -5.99
CA ASP T 8 61.67 -1.92 -7.03
C ASP T 8 60.67 -2.87 -6.35
N THR T 9 61.09 -3.59 -5.30
CA THR T 9 60.19 -4.50 -4.57
C THR T 9 58.98 -3.72 -4.06
N ILE T 10 59.22 -2.60 -3.37
CA ILE T 10 58.11 -1.77 -2.83
C ILE T 10 57.25 -1.26 -3.99
N TYR T 11 57.88 -0.77 -5.06
CA TYR T 11 57.13 -0.22 -6.22
C TYR T 11 56.18 -1.27 -6.79
N GLN T 12 56.69 -2.48 -7.08
CA GLN T 12 55.85 -3.53 -7.70
C GLN T 12 54.71 -3.91 -6.75
N ALA T 13 55.02 -4.09 -5.46
CA ALA T 13 53.98 -4.47 -4.47
C ALA T 13 52.90 -3.39 -4.41
N MET T 14 53.30 -2.11 -4.34
CA MET T 14 52.33 -0.99 -4.24
C MET T 14 51.39 -1.01 -5.45
N ILE T 15 51.93 -1.22 -6.65
CA ILE T 15 51.10 -1.24 -7.89
C ILE T 15 50.06 -2.36 -7.80
N GLN T 16 50.48 -3.56 -7.38
CA GLN T 16 49.55 -4.72 -7.29
C GLN T 16 48.47 -4.43 -6.24
N ILE T 17 48.85 -3.80 -5.12
CA ILE T 17 47.86 -3.42 -4.07
C ILE T 17 46.87 -2.41 -4.67
N SER T 18 47.36 -1.45 -5.44
CA SER T 18 46.48 -0.40 -6.02
C SER T 18 45.41 -1.02 -6.92
N VAL T 19 45.80 -1.89 -7.85
CA VAL T 19 44.77 -2.43 -8.81
C VAL T 19 43.71 -3.24 -8.03
N VAL T 20 44.11 -3.97 -6.99
CA VAL T 20 43.15 -4.83 -6.25
C VAL T 20 42.23 -3.96 -5.39
N LEU T 21 42.70 -2.78 -4.94
CA LEU T 21 41.82 -1.84 -4.19
C LEU T 21 40.83 -1.23 -5.18
N CYS T 22 41.31 -0.82 -6.35
CA CYS T 22 40.45 -0.14 -7.36
C CYS T 22 39.35 -1.12 -7.81
N PHE T 23 39.67 -2.40 -7.92
CA PHE T 23 38.64 -3.41 -8.31
C PHE T 23 37.58 -3.50 -7.20
N ALA T 24 38.01 -3.55 -5.94
CA ALA T 24 37.07 -3.67 -4.80
C ALA T 24 36.17 -2.42 -4.77
N LEU T 25 36.74 -1.23 -4.92
CA LEU T 25 35.93 0.01 -4.95
C LEU T 25 34.97 -0.05 -6.15
N GLY T 26 35.43 -0.63 -7.28
CA GLY T 26 34.56 -0.79 -8.45
C GLY T 26 33.37 -1.66 -8.16
N ILE T 27 33.57 -2.78 -7.44
CA ILE T 27 32.45 -3.68 -7.06
C ILE T 27 31.47 -2.90 -6.17
N ILE T 28 31.98 -2.17 -5.17
CA ILE T 28 31.09 -1.40 -4.24
C ILE T 28 30.29 -0.37 -5.05
N ALA T 29 30.94 0.35 -5.97
CA ALA T 29 30.25 1.37 -6.79
C ALA T 29 29.20 0.73 -7.70
N GLY T 30 29.53 -0.42 -8.29
CA GLY T 30 28.61 -1.10 -9.22
C GLY T 30 27.42 -1.71 -8.51
N GLY T 31 27.57 -2.07 -7.23
CA GLY T 31 26.50 -2.72 -6.48
C GLY T 31 25.52 -1.73 -5.88
N GLN T 32 25.69 -0.44 -6.16
CA GLN T 32 24.74 0.60 -5.67
C GLN T 32 23.56 0.68 -6.63
N ARG T 33 22.40 0.17 -6.21
CA ARG T 33 21.18 0.17 -7.07
C ARG T 33 20.58 1.58 -7.11
N ASP U 5 -7.86 -28.73 13.46
CA ASP U 5 -8.62 -27.87 12.50
C ASP U 5 -9.47 -26.87 13.29
N PRO U 6 -8.97 -25.64 13.54
CA PRO U 6 -9.76 -24.61 14.24
C PRO U 6 -10.98 -24.18 13.42
N ALA U 7 -10.82 -24.08 12.09
CA ALA U 7 -11.92 -23.62 11.21
C ALA U 7 -13.11 -24.59 11.31
N LYS U 8 -12.87 -25.89 11.33
CA LYS U 8 -13.96 -26.90 11.37
C LYS U 8 -14.80 -26.66 12.62
N ALA U 9 -14.14 -26.55 13.79
CA ALA U 9 -14.87 -26.31 15.06
C ALA U 9 -15.66 -25.00 14.98
N ALA U 10 -15.05 -23.95 14.44
CA ALA U 10 -15.72 -22.63 14.36
C ALA U 10 -16.96 -22.73 13.47
N PHE U 11 -16.84 -23.35 12.30
CA PHE U 11 -17.99 -23.49 11.37
C PHE U 11 -19.11 -24.27 12.07
N ASN U 12 -18.76 -25.35 12.77
CA ASN U 12 -19.78 -26.20 13.44
C ASN U 12 -20.50 -25.37 14.51
N SER U 13 -19.75 -24.58 15.29
CA SER U 13 -20.35 -23.75 16.36
C SER U 13 -21.28 -22.70 15.75
N LEU U 14 -20.88 -22.10 14.62
CA LEU U 14 -21.71 -21.07 13.94
C LEU U 14 -23.02 -21.73 13.45
N GLN U 15 -22.94 -22.93 12.88
CA GLN U 15 -24.14 -23.64 12.38
C GLN U 15 -25.03 -24.03 13.57
N ALA U 16 -24.43 -24.44 14.69
CA ALA U 16 -25.22 -24.80 15.91
C ALA U 16 -25.95 -23.55 16.42
N SER U 17 -25.28 -22.40 16.46
CA SER U 17 -25.94 -21.14 16.88
C SER U 17 -27.05 -20.77 15.91
N ALA U 18 -26.81 -20.95 14.60
CA ALA U 18 -27.83 -20.65 13.57
C ALA U 18 -29.07 -21.52 13.83
N THR U 19 -28.88 -22.81 14.08
CA THR U 19 -30.01 -23.74 14.34
C THR U 19 -30.77 -23.27 15.60
N GLU U 20 -30.04 -22.78 16.60
CA GLU U 20 -30.69 -22.26 17.83
C GLU U 20 -31.61 -21.10 17.44
N TYR U 21 -31.11 -20.15 16.65
CA TYR U 21 -31.91 -18.94 16.29
C TYR U 21 -33.19 -19.36 15.55
N ILE U 22 -33.08 -20.34 14.65
CA ILE U 22 -34.25 -20.82 13.89
C ILE U 22 -35.29 -21.38 14.87
N GLY U 23 -34.85 -22.19 15.82
CA GLY U 23 -35.76 -22.73 16.84
C GLY U 23 -36.57 -21.63 17.50
N TYR U 24 -35.92 -20.50 17.81
CA TYR U 24 -36.63 -19.39 18.51
C TYR U 24 -37.53 -18.66 17.51
N ALA U 25 -37.03 -18.43 16.28
CA ALA U 25 -37.82 -17.70 15.26
C ALA U 25 -39.12 -18.46 14.98
N TRP U 26 -39.05 -19.77 14.82
CA TRP U 26 -40.26 -20.58 14.51
C TRP U 26 -41.26 -20.50 15.67
N ALA U 27 -40.78 -20.53 16.91
CA ALA U 27 -41.68 -20.41 18.07
C ALA U 27 -42.42 -19.07 18.01
N MET U 28 -41.69 -17.98 17.80
CA MET U 28 -42.31 -16.62 17.78
C MET U 28 -43.27 -16.52 16.59
N VAL U 29 -42.87 -16.99 15.40
CA VAL U 29 -43.74 -16.82 14.19
C VAL U 29 -45.06 -17.58 14.40
N VAL U 30 -45.02 -18.74 15.05
CA VAL U 30 -46.27 -19.50 15.33
C VAL U 30 -47.21 -18.62 16.17
N VAL U 31 -46.67 -17.99 17.23
CA VAL U 31 -47.50 -17.13 18.12
C VAL U 31 -48.09 -15.97 17.31
N ILE U 32 -47.26 -15.24 16.57
CA ILE U 32 -47.75 -14.04 15.82
C ILE U 32 -48.81 -14.47 14.80
N VAL U 33 -48.52 -15.50 14.00
CA VAL U 33 -49.47 -15.94 12.93
C VAL U 33 -50.76 -16.41 13.61
N GLY U 34 -50.66 -17.20 14.67
CA GLY U 34 -51.86 -17.66 15.40
C GLY U 34 -52.72 -16.49 15.82
N ALA U 35 -52.11 -15.45 16.39
CA ALA U 35 -52.88 -14.29 16.88
C ALA U 35 -53.62 -13.60 15.73
N THR U 36 -52.90 -13.24 14.65
CA THR U 36 -53.56 -12.48 13.54
C THR U 36 -54.65 -13.34 12.89
N ILE U 37 -54.37 -14.63 12.64
CA ILE U 37 -55.35 -15.52 11.98
C ILE U 37 -56.57 -15.64 12.89
N GLY U 38 -56.35 -15.79 14.20
CA GLY U 38 -57.47 -15.90 15.16
C GLY U 38 -58.39 -14.70 15.07
N ILE U 39 -57.82 -13.49 15.08
CA ILE U 39 -58.63 -12.24 15.01
C ILE U 39 -59.44 -12.26 13.70
N LYS U 40 -58.78 -12.57 12.59
CA LYS U 40 -59.45 -12.56 11.26
C LYS U 40 -60.62 -13.55 11.29
N LEU U 41 -60.38 -14.79 11.73
CA LEU U 41 -61.45 -15.83 11.71
C LEU U 41 -62.58 -15.40 12.65
N PHE U 42 -62.25 -14.90 13.84
CA PHE U 42 -63.29 -14.47 14.81
C PHE U 42 -64.20 -13.44 14.16
N LYS U 43 -63.61 -12.37 13.60
CA LYS U 43 -64.43 -11.30 12.98
C LYS U 43 -65.26 -11.88 11.84
N LYS U 44 -64.64 -12.70 10.98
CA LYS U 44 -65.35 -13.30 9.82
C LYS U 44 -66.54 -14.13 10.31
N PHE U 45 -66.32 -15.04 11.26
CA PHE U 45 -67.40 -15.96 11.70
C PHE U 45 -68.54 -15.16 12.34
N THR U 46 -68.21 -14.21 13.22
CA THR U 46 -69.27 -13.43 13.92
C THR U 46 -70.09 -12.65 12.89
N SER U 47 -69.43 -12.05 11.89
CA SER U 47 -70.15 -11.30 10.84
C SER U 47 -71.10 -12.23 10.08
N LYS U 48 -70.62 -13.41 9.70
CA LYS U 48 -71.46 -14.39 8.94
C LYS U 48 -72.63 -14.84 9.82
N ALA U 49 -72.39 -15.11 11.10
CA ALA U 49 -73.45 -15.57 12.02
C ALA U 49 -74.54 -14.50 12.12
N SER U 50 -74.15 -13.24 12.30
CA SER U 50 -75.12 -12.12 12.40
C SER U 50 -75.33 -11.47 11.03
N ASP V 5 55.36 -3.45 -18.77
CA ASP V 5 54.79 -2.54 -17.73
C ASP V 5 54.40 -3.37 -16.50
N PRO V 6 54.87 -3.01 -15.28
CA PRO V 6 54.45 -3.72 -14.06
C PRO V 6 52.94 -3.60 -13.86
N ALA V 7 52.37 -2.41 -14.13
CA ALA V 7 50.92 -2.19 -13.99
C ALA V 7 50.15 -3.10 -14.96
N LYS V 8 50.65 -3.27 -16.18
CA LYS V 8 49.99 -4.14 -17.19
C LYS V 8 49.92 -5.57 -16.63
N ALA V 9 51.03 -6.07 -16.10
CA ALA V 9 51.06 -7.47 -15.57
C ALA V 9 50.06 -7.59 -14.42
N ALA V 10 50.03 -6.61 -13.52
CA ALA V 10 49.09 -6.64 -12.38
C ALA V 10 47.64 -6.67 -12.89
N PHE V 11 47.33 -5.84 -13.89
CA PHE V 11 45.95 -5.77 -14.43
C PHE V 11 45.58 -7.10 -15.08
N ASN V 12 46.51 -7.71 -15.83
CA ASN V 12 46.24 -8.99 -16.52
C ASN V 12 45.96 -10.07 -15.47
N SER V 13 46.75 -10.12 -14.39
CA SER V 13 46.50 -11.09 -13.30
C SER V 13 45.13 -10.83 -12.68
N LEU V 14 44.78 -9.55 -12.50
CA LEU V 14 43.46 -9.18 -11.90
C LEU V 14 42.33 -9.67 -12.81
N GLN V 15 42.50 -9.54 -14.13
CA GLN V 15 41.44 -9.97 -15.09
C GLN V 15 41.11 -11.45 -14.83
N ALA V 16 42.14 -12.30 -14.73
CA ALA V 16 41.91 -13.74 -14.48
C ALA V 16 41.22 -13.95 -13.14
N SER V 17 41.70 -13.25 -12.09
CA SER V 17 41.08 -13.37 -10.74
C SER V 17 39.63 -12.89 -10.79
N ALA V 18 39.34 -11.82 -11.55
CA ALA V 18 37.99 -11.25 -11.61
C ALA V 18 37.00 -12.28 -12.17
N THR V 19 37.40 -13.02 -13.22
CA THR V 19 36.49 -14.03 -13.83
C THR V 19 36.13 -15.08 -12.79
N GLU V 20 37.08 -15.47 -11.93
CA GLU V 20 36.74 -16.43 -10.83
C GLU V 20 35.68 -15.81 -9.92
N TYR V 21 35.90 -14.58 -9.45
CA TYR V 21 34.97 -13.92 -8.50
C TYR V 21 33.59 -13.75 -9.14
N ILE V 22 33.53 -13.29 -10.39
CA ILE V 22 32.19 -13.03 -11.02
C ILE V 22 31.52 -14.37 -11.31
N GLY V 23 32.30 -15.44 -11.54
CA GLY V 23 31.71 -16.78 -11.71
C GLY V 23 31.10 -17.24 -10.40
N TYR V 24 31.79 -17.02 -9.27
CA TYR V 24 31.24 -17.36 -7.94
C TYR V 24 29.96 -16.58 -7.69
N ALA V 25 30.00 -15.26 -7.84
CA ALA V 25 28.84 -14.39 -7.59
C ALA V 25 27.64 -14.86 -8.43
N TRP V 26 27.87 -15.14 -9.71
CA TRP V 26 26.75 -15.53 -10.62
C TRP V 26 26.08 -16.82 -10.12
N ALA V 27 26.88 -17.80 -9.71
CA ALA V 27 26.33 -19.11 -9.25
C ALA V 27 25.49 -18.92 -7.98
N MET V 28 25.82 -17.94 -7.15
CA MET V 28 25.01 -17.67 -5.93
C MET V 28 23.80 -16.82 -6.32
N VAL V 29 24.03 -15.74 -7.06
CA VAL V 29 22.93 -14.83 -7.48
C VAL V 29 21.81 -15.67 -8.11
N VAL V 30 22.11 -16.52 -9.09
CA VAL V 30 21.04 -17.30 -9.78
C VAL V 30 20.16 -17.98 -8.73
N VAL V 31 20.73 -18.85 -7.89
CA VAL V 31 19.91 -19.64 -6.91
C VAL V 31 19.12 -18.70 -5.99
N ILE V 32 19.77 -17.70 -5.41
CA ILE V 32 19.08 -16.78 -4.46
C ILE V 32 17.88 -16.12 -5.16
N VAL V 33 18.07 -15.57 -6.36
CA VAL V 33 16.94 -14.83 -7.02
C VAL V 33 15.86 -15.83 -7.43
N GLY V 34 16.24 -17.08 -7.76
CA GLY V 34 15.24 -18.11 -8.08
C GLY V 34 14.35 -18.39 -6.89
N ALA V 35 14.90 -18.27 -5.68
CA ALA V 35 14.13 -18.53 -4.44
C ALA V 35 13.29 -17.30 -4.08
N THR V 36 13.91 -16.11 -3.99
CA THR V 36 13.15 -14.92 -3.51
C THR V 36 11.99 -14.63 -4.47
N ILE V 37 12.21 -14.63 -5.78
CA ILE V 37 11.10 -14.23 -6.71
C ILE V 37 10.02 -15.32 -6.68
N GLY V 38 10.41 -16.58 -6.47
CA GLY V 38 9.44 -17.69 -6.39
C GLY V 38 8.58 -17.57 -5.15
N ILE V 39 9.16 -17.14 -4.02
CA ILE V 39 8.29 -16.94 -2.82
C ILE V 39 7.46 -15.65 -3.00
N LYS V 40 7.96 -14.68 -3.77
CA LYS V 40 7.18 -13.45 -4.06
C LYS V 40 6.02 -13.80 -4.99
N LEU V 41 6.31 -14.50 -6.09
CA LEU V 41 5.26 -14.94 -7.05
C LEU V 41 4.26 -15.85 -6.32
N PHE V 42 4.74 -16.76 -5.47
CA PHE V 42 3.84 -17.66 -4.70
C PHE V 42 2.85 -16.83 -3.88
N LYS V 43 3.35 -15.95 -3.01
CA LYS V 43 2.46 -15.15 -2.12
C LYS V 43 1.49 -14.32 -2.98
N LYS V 44 1.97 -13.74 -4.08
CA LYS V 44 1.12 -12.89 -4.95
C LYS V 44 -0.01 -13.72 -5.56
N PHE V 45 0.32 -14.84 -6.22
CA PHE V 45 -0.71 -15.62 -6.95
C PHE V 45 -1.68 -16.29 -5.97
N THR V 46 -1.22 -16.77 -4.81
CA THR V 46 -2.17 -17.33 -3.82
C THR V 46 -3.21 -16.26 -3.45
N SER V 47 -2.75 -15.04 -3.11
CA SER V 47 -3.68 -13.94 -2.70
C SER V 47 -4.59 -13.54 -3.86
N LYS V 48 -4.11 -13.65 -5.10
CA LYS V 48 -4.93 -13.31 -6.31
C LYS V 48 -6.03 -14.35 -6.46
N ALA V 49 -5.70 -15.64 -6.29
CA ALA V 49 -6.73 -16.69 -6.30
C ALA V 49 -7.71 -16.31 -5.20
N SER V 50 -7.20 -15.85 -4.05
CA SER V 50 -8.07 -15.24 -3.00
C SER V 50 -8.98 -16.27 -2.34
N ASP W 5 8.66 -30.07 -4.80
CA ASP W 5 8.47 -28.59 -4.79
C ASP W 5 7.56 -28.21 -3.61
N PRO W 6 8.03 -27.39 -2.64
CA PRO W 6 7.17 -26.94 -1.54
C PRO W 6 5.97 -26.14 -2.10
N ALA W 7 6.18 -25.41 -3.19
CA ALA W 7 5.10 -24.60 -3.79
C ALA W 7 3.91 -25.49 -4.16
N LYS W 8 4.13 -26.54 -4.95
CA LYS W 8 3.03 -27.43 -5.41
C LYS W 8 2.27 -27.96 -4.19
N ALA W 9 3.00 -28.51 -3.21
CA ALA W 9 2.34 -29.12 -2.02
C ALA W 9 1.45 -28.08 -1.34
N ALA W 10 1.97 -26.86 -1.13
CA ALA W 10 1.20 -25.80 -0.45
C ALA W 10 -0.03 -25.43 -1.27
N PHE W 11 0.12 -25.29 -2.59
CA PHE W 11 -1.02 -24.89 -3.46
C PHE W 11 -2.12 -25.94 -3.38
N ASN W 12 -1.75 -27.22 -3.41
CA ASN W 12 -2.76 -28.31 -3.32
C ASN W 12 -3.46 -28.24 -1.96
N SER W 13 -2.71 -27.96 -0.88
CA SER W 13 -3.29 -27.88 0.48
C SER W 13 -4.28 -26.72 0.57
N LEU W 14 -3.93 -25.56 -0.01
CA LEU W 14 -4.81 -24.37 0.04
C LEU W 14 -6.10 -24.64 -0.75
N GLN W 15 -6.00 -25.42 -1.84
CA GLN W 15 -7.19 -25.77 -2.66
C GLN W 15 -8.09 -26.73 -1.86
N ALA W 16 -7.49 -27.73 -1.21
CA ALA W 16 -8.27 -28.69 -0.39
C ALA W 16 -8.93 -27.95 0.79
N SER W 17 -8.21 -27.00 1.40
CA SER W 17 -8.77 -26.21 2.52
C SER W 17 -9.96 -25.38 2.03
N ALA W 18 -9.86 -24.81 0.82
CA ALA W 18 -10.99 -24.04 0.24
C ALA W 18 -12.16 -25.00 -0.01
N THR W 19 -11.89 -26.18 -0.57
CA THR W 19 -12.97 -27.16 -0.89
C THR W 19 -13.75 -27.51 0.38
N GLU W 20 -13.04 -27.79 1.48
CA GLU W 20 -13.75 -28.21 2.73
C GLU W 20 -14.56 -27.03 3.27
N TYR W 21 -14.04 -25.80 3.14
CA TYR W 21 -14.77 -24.59 3.61
C TYR W 21 -16.07 -24.46 2.80
N ILE W 22 -16.01 -24.69 1.48
CA ILE W 22 -17.21 -24.60 0.62
C ILE W 22 -18.26 -25.60 1.11
N GLY W 23 -17.83 -26.82 1.47
CA GLY W 23 -18.76 -27.82 2.01
C GLY W 23 -19.45 -27.33 3.26
N TYR W 24 -18.69 -26.79 4.22
CA TYR W 24 -19.27 -26.24 5.47
C TYR W 24 -20.23 -25.09 5.13
N ALA W 25 -19.81 -24.19 4.23
CA ALA W 25 -20.63 -23.01 3.88
C ALA W 25 -21.98 -23.46 3.31
N TRP W 26 -21.97 -24.41 2.37
CA TRP W 26 -23.24 -24.85 1.72
C TRP W 26 -24.20 -25.43 2.76
N ALA W 27 -23.68 -26.18 3.73
CA ALA W 27 -24.54 -26.74 4.79
C ALA W 27 -25.24 -25.60 5.54
N MET W 28 -24.48 -24.56 5.92
CA MET W 28 -25.07 -23.40 6.66
C MET W 28 -26.11 -22.71 5.77
N VAL W 29 -25.82 -22.51 4.48
CA VAL W 29 -26.76 -21.82 3.55
C VAL W 29 -28.08 -22.59 3.56
N VAL W 30 -28.04 -23.92 3.40
CA VAL W 30 -29.29 -24.74 3.31
C VAL W 30 -30.11 -24.51 4.58
N VAL W 31 -29.48 -24.58 5.75
CA VAL W 31 -30.22 -24.40 7.05
C VAL W 31 -30.91 -23.04 7.06
N ILE W 32 -30.15 -21.96 6.81
CA ILE W 32 -30.71 -20.58 6.86
C ILE W 32 -31.82 -20.42 5.81
N VAL W 33 -31.53 -20.79 4.55
CA VAL W 33 -32.52 -20.61 3.45
C VAL W 33 -33.78 -21.43 3.75
N GLY W 34 -33.61 -22.66 4.23
CA GLY W 34 -34.77 -23.52 4.54
C GLY W 34 -35.70 -22.85 5.53
N ALA W 35 -35.16 -22.32 6.63
CA ALA W 35 -35.99 -21.62 7.63
C ALA W 35 -36.64 -20.39 7.00
N THR W 36 -35.87 -19.58 6.26
CA THR W 36 -36.39 -18.35 5.64
C THR W 36 -37.59 -18.68 4.73
N ILE W 37 -37.39 -19.59 3.78
CA ILE W 37 -38.48 -19.96 2.81
C ILE W 37 -39.63 -20.58 3.59
N GLY W 38 -39.33 -21.44 4.56
CA GLY W 38 -40.37 -22.14 5.34
C GLY W 38 -41.28 -21.14 6.07
N ILE W 39 -40.68 -20.20 6.79
CA ILE W 39 -41.46 -19.17 7.54
C ILE W 39 -42.32 -18.38 6.54
N LYS W 40 -41.72 -17.93 5.44
CA LYS W 40 -42.46 -17.10 4.45
C LYS W 40 -43.65 -17.87 3.89
N LEU W 41 -43.43 -19.11 3.44
CA LEU W 41 -44.53 -19.94 2.87
C LEU W 41 -45.57 -20.22 3.94
N PHE W 42 -45.13 -20.49 5.18
CA PHE W 42 -46.07 -20.77 6.29
C PHE W 42 -47.05 -19.60 6.43
N LYS W 43 -46.53 -18.37 6.59
CA LYS W 43 -47.40 -17.18 6.77
C LYS W 43 -48.28 -16.99 5.53
N LYS W 44 -47.71 -17.17 4.33
CA LYS W 44 -48.47 -16.98 3.07
C LYS W 44 -49.60 -18.00 2.96
N PHE W 45 -49.28 -19.28 3.03
CA PHE W 45 -50.31 -20.34 2.79
C PHE W 45 -51.39 -20.32 3.89
N THR W 46 -51.01 -20.05 5.13
CA THR W 46 -52.01 -19.94 6.23
C THR W 46 -53.04 -18.87 5.88
N SER W 47 -52.57 -17.68 5.47
CA SER W 47 -53.48 -16.56 5.10
C SER W 47 -54.34 -16.96 3.90
N LYS W 48 -53.74 -17.61 2.89
CA LYS W 48 -54.48 -18.00 1.66
C LYS W 48 -55.59 -19.00 2.02
N ALA W 49 -55.26 -20.03 2.79
CA ALA W 49 -56.25 -21.09 3.11
C ALA W 49 -57.31 -20.55 4.07
N SER W 50 -56.88 -20.00 5.21
CA SER W 50 -57.83 -19.49 6.23
C SER W 50 -57.92 -17.96 6.16
N ASP X 5 25.54 -19.84 -19.91
CA ASP X 5 25.10 -18.53 -19.37
C ASP X 5 24.24 -18.77 -18.12
N PRO X 6 24.70 -18.39 -16.91
CA PRO X 6 23.90 -18.52 -15.69
C PRO X 6 22.63 -17.66 -15.74
N ALA X 7 22.68 -16.52 -16.45
CA ALA X 7 21.50 -15.63 -16.55
C ALA X 7 20.34 -16.35 -17.26
N LYS X 8 20.59 -17.04 -18.34
CA LYS X 8 19.51 -17.77 -19.06
C LYS X 8 18.89 -18.81 -18.11
N ALA X 9 19.76 -19.57 -17.38
CA ALA X 9 19.23 -20.60 -16.45
C ALA X 9 18.29 -19.94 -15.44
N ALA X 10 18.68 -18.79 -14.88
CA ALA X 10 17.85 -18.10 -13.88
C ALA X 10 16.50 -17.73 -14.51
N PHE X 11 16.51 -17.13 -15.70
CA PHE X 11 15.26 -16.71 -16.36
C PHE X 11 14.38 -17.93 -16.61
N ASN X 12 14.96 -19.01 -17.15
CA ASN X 12 14.16 -20.21 -17.50
C ASN X 12 13.50 -20.78 -16.24
N SER X 13 14.25 -20.88 -15.13
CA SER X 13 13.69 -21.44 -13.88
C SER X 13 12.53 -20.57 -13.39
N LEU X 14 12.70 -19.24 -13.42
CA LEU X 14 11.63 -18.31 -12.95
C LEU X 14 10.42 -18.37 -13.89
N GLN X 15 10.66 -18.51 -15.20
CA GLN X 15 9.54 -18.62 -16.18
C GLN X 15 8.74 -19.89 -15.89
N ALA X 16 9.42 -21.00 -15.60
CA ALA X 16 8.74 -22.27 -15.26
C ALA X 16 7.94 -22.10 -13.96
N SER X 17 8.55 -21.48 -12.94
CA SER X 17 7.85 -21.24 -11.65
C SER X 17 6.57 -20.45 -11.90
N ALA X 18 6.67 -19.34 -12.66
CA ALA X 18 5.50 -18.49 -12.94
C ALA X 18 4.40 -19.31 -13.61
N THR X 19 4.76 -20.11 -14.62
CA THR X 19 3.75 -20.90 -15.38
C THR X 19 3.00 -21.83 -14.42
N GLU X 20 3.73 -22.55 -13.56
CA GLU X 20 3.10 -23.46 -12.57
C GLU X 20 2.13 -22.68 -11.69
N TYR X 21 2.57 -21.55 -11.13
CA TYR X 21 1.71 -20.76 -10.21
C TYR X 21 0.44 -20.32 -10.92
N ILE X 22 0.55 -19.84 -12.16
CA ILE X 22 -0.62 -19.34 -12.93
C ILE X 22 -1.64 -20.48 -13.07
N GLY X 23 -1.18 -21.67 -13.46
CA GLY X 23 -2.08 -22.83 -13.61
C GLY X 23 -2.78 -23.16 -12.31
N TYR X 24 -2.03 -23.29 -11.21
CA TYR X 24 -2.63 -23.63 -9.89
C TYR X 24 -3.61 -22.53 -9.48
N ALA X 25 -3.22 -21.27 -9.66
CA ALA X 25 -4.08 -20.13 -9.24
C ALA X 25 -5.42 -20.18 -9.99
N TRP X 26 -5.37 -20.35 -11.32
CA TRP X 26 -6.62 -20.34 -12.13
C TRP X 26 -7.56 -21.44 -11.62
N ALA X 27 -7.02 -22.62 -11.32
CA ALA X 27 -7.85 -23.74 -10.82
C ALA X 27 -8.58 -23.31 -9.54
N MET X 28 -7.86 -22.74 -8.58
CA MET X 28 -8.47 -22.34 -7.29
C MET X 28 -9.50 -21.22 -7.53
N VAL X 29 -9.18 -20.27 -8.42
CA VAL X 29 -10.14 -19.17 -8.74
C VAL X 29 -11.46 -19.80 -9.18
N VAL X 30 -11.42 -20.76 -10.11
CA VAL X 30 -12.68 -21.37 -10.64
C VAL X 30 -13.49 -21.97 -9.48
N VAL X 31 -12.85 -22.75 -8.61
CA VAL X 31 -13.59 -23.43 -7.51
C VAL X 31 -14.21 -22.39 -6.59
N ILE X 32 -13.43 -21.42 -6.13
CA ILE X 32 -13.92 -20.39 -5.16
C ILE X 32 -15.02 -19.55 -5.82
N VAL X 33 -14.81 -19.10 -7.05
CA VAL X 33 -15.82 -18.27 -7.78
C VAL X 33 -17.10 -19.10 -7.93
N GLY X 34 -16.99 -20.37 -8.33
CA GLY X 34 -18.17 -21.22 -8.52
C GLY X 34 -19.01 -21.28 -7.26
N ALA X 35 -18.37 -21.47 -6.10
CA ALA X 35 -19.10 -21.53 -4.81
C ALA X 35 -19.83 -20.22 -4.55
N THR X 36 -19.12 -19.08 -4.67
CA THR X 36 -19.73 -17.76 -4.39
C THR X 36 -20.93 -17.54 -5.31
N ILE X 37 -20.74 -17.74 -6.62
CA ILE X 37 -21.84 -17.51 -7.61
C ILE X 37 -22.98 -18.50 -7.32
N GLY X 38 -22.64 -19.77 -7.04
CA GLY X 38 -23.66 -20.79 -6.78
C GLY X 38 -24.54 -20.42 -5.60
N ILE X 39 -23.93 -19.99 -4.49
CA ILE X 39 -24.70 -19.58 -3.28
C ILE X 39 -25.61 -18.40 -3.64
N LYS X 40 -25.07 -17.39 -4.33
CA LYS X 40 -25.87 -16.18 -4.66
C LYS X 40 -27.06 -16.56 -5.55
N LEU X 41 -26.82 -17.32 -6.62
CA LEU X 41 -27.92 -17.69 -7.56
C LEU X 41 -28.96 -18.53 -6.82
N PHE X 42 -28.52 -19.46 -5.96
CA PHE X 42 -29.46 -20.32 -5.20
C PHE X 42 -30.39 -19.44 -4.37
N LYS X 43 -29.82 -18.52 -3.59
CA LYS X 43 -30.65 -17.66 -2.69
C LYS X 43 -31.61 -16.79 -3.51
N LYS X 44 -31.17 -16.32 -4.69
CA LYS X 44 -32.01 -15.44 -5.54
C LYS X 44 -33.20 -16.23 -6.09
N PHE X 45 -32.95 -17.38 -6.72
CA PHE X 45 -34.04 -18.15 -7.37
C PHE X 45 -34.99 -18.75 -6.32
N THR X 46 -34.46 -19.22 -5.19
CA THR X 46 -35.33 -19.88 -4.17
C THR X 46 -36.37 -18.87 -3.65
N SER X 47 -36.01 -17.58 -3.59
CA SER X 47 -36.95 -16.53 -3.13
C SER X 47 -37.95 -16.19 -4.24
N LYS X 48 -37.50 -16.15 -5.50
CA LYS X 48 -38.40 -15.87 -6.65
C LYS X 48 -39.44 -16.98 -6.77
N ALA X 49 -39.00 -18.24 -6.70
CA ALA X 49 -39.92 -19.40 -6.85
C ALA X 49 -40.89 -19.47 -5.67
N SER X 50 -40.37 -19.31 -4.45
CA SER X 50 -41.22 -19.38 -3.24
C SER X 50 -42.26 -18.24 -3.25
N MET Y 1 51.83 7.97 -16.27
CA MET Y 1 50.38 7.83 -16.52
C MET Y 1 50.02 6.34 -16.59
N SER Y 2 51.02 5.47 -16.70
CA SER Y 2 50.74 4.01 -16.86
C SER Y 2 49.92 3.49 -15.67
N VAL Y 3 50.38 3.75 -14.43
CA VAL Y 3 49.68 3.17 -13.24
C VAL Y 3 48.27 3.78 -13.15
N LEU Y 4 48.10 5.06 -13.50
CA LEU Y 4 46.75 5.69 -13.50
C LEU Y 4 45.86 4.96 -14.51
N VAL Y 5 46.34 4.78 -15.75
CA VAL Y 5 45.51 4.14 -16.82
C VAL Y 5 45.10 2.74 -16.38
N TYR Y 6 46.03 1.94 -15.87
CA TYR Y 6 45.71 0.53 -15.51
C TYR Y 6 44.86 0.47 -14.25
N SER Y 7 45.11 1.36 -13.28
CA SER Y 7 44.26 1.40 -12.05
C SER Y 7 42.84 1.82 -12.41
N PHE Y 8 42.68 2.78 -13.33
CA PHE Y 8 41.34 3.23 -13.78
C PHE Y 8 40.66 2.08 -14.54
N ALA Y 9 41.41 1.38 -15.38
CA ALA Y 9 40.85 0.23 -16.13
C ALA Y 9 40.34 -0.81 -15.14
N SER Y 10 41.06 -1.02 -14.03
CA SER Y 10 40.62 -1.99 -12.99
C SER Y 10 39.28 -1.53 -12.40
N PHE Y 11 39.13 -0.24 -12.11
CA PHE Y 11 37.86 0.30 -11.54
C PHE Y 11 36.72 0.07 -12.54
N VAL Y 12 36.92 0.39 -13.82
CA VAL Y 12 35.85 0.24 -14.84
C VAL Y 12 35.51 -1.24 -14.99
N LEU Y 13 36.52 -2.13 -15.00
CA LEU Y 13 36.26 -3.59 -15.08
C LEU Y 13 35.36 -4.01 -13.91
N GLY Y 14 35.70 -3.60 -12.68
CA GLY Y 14 34.90 -3.96 -11.51
C GLY Y 14 33.47 -3.47 -11.63
N TRP Y 15 33.26 -2.21 -11.99
CA TRP Y 15 31.89 -1.68 -12.21
C TRP Y 15 31.16 -2.53 -13.25
N CYS Y 16 31.78 -2.82 -14.39
CA CYS Y 16 31.11 -3.57 -15.49
C CYS Y 16 30.68 -4.97 -15.02
N LEU Y 17 31.57 -5.70 -14.35
CA LEU Y 17 31.25 -7.08 -13.90
C LEU Y 17 30.08 -7.07 -12.92
N ARG Y 18 30.13 -6.20 -11.90
CA ARG Y 18 29.06 -6.17 -10.85
C ARG Y 18 27.78 -5.57 -11.44
N SER Y 19 27.89 -4.57 -12.31
CA SER Y 19 26.66 -3.91 -12.81
C SER Y 19 25.79 -4.94 -13.54
N GLY Y 20 26.40 -5.93 -14.20
CA GLY Y 20 25.63 -6.99 -14.86
C GLY Y 20 24.73 -7.72 -13.87
N ILE Y 21 25.23 -8.00 -12.66
CA ILE Y 21 24.40 -8.64 -11.62
C ILE Y 21 23.30 -7.65 -11.21
N THR Y 22 23.66 -6.42 -10.85
CA THR Y 22 22.66 -5.43 -10.35
C THR Y 22 21.51 -5.29 -11.36
N TYR Y 23 21.81 -5.08 -12.64
CA TYR Y 23 20.75 -4.86 -13.65
C TYR Y 23 19.86 -6.10 -13.74
N PHE Y 24 20.47 -7.30 -13.82
CA PHE Y 24 19.68 -8.55 -13.93
C PHE Y 24 18.72 -8.66 -12.74
N THR Y 25 19.24 -8.50 -11.52
CA THR Y 25 18.41 -8.64 -10.31
C THR Y 25 17.29 -7.59 -10.33
N ARG Y 26 17.63 -6.33 -10.60
CA ARG Y 26 16.60 -5.24 -10.56
C ARG Y 26 15.52 -5.52 -11.61
N LEU Y 27 15.91 -5.78 -12.85
CA LEU Y 27 14.91 -6.00 -13.95
C LEU Y 27 13.98 -7.16 -13.57
N MET Y 28 14.54 -8.31 -13.18
CA MET Y 28 13.71 -9.50 -12.84
C MET Y 28 12.79 -9.17 -11.67
N GLU Y 29 13.28 -8.44 -10.66
CA GLU Y 29 12.46 -8.12 -9.46
C GLU Y 29 11.25 -7.29 -9.88
N THR Y 30 11.47 -6.17 -10.60
CA THR Y 30 10.33 -5.28 -11.00
C THR Y 30 9.50 -5.98 -12.10
N SER Y 31 10.09 -6.94 -12.81
CA SER Y 31 9.33 -7.70 -13.84
C SER Y 31 8.19 -8.46 -13.17
N SER Y 32 8.48 -9.16 -12.07
CA SER Y 32 7.41 -9.87 -11.32
C SER Y 32 6.59 -8.86 -10.51
N ASP Z 5 41.46 1.71 -24.57
CA ASP Z 5 40.80 1.39 -23.28
C ASP Z 5 40.95 -0.10 -22.99
N PRO Z 6 41.66 -0.51 -21.91
CA PRO Z 6 41.84 -1.92 -21.56
C PRO Z 6 40.53 -2.59 -21.11
N ALA Z 7 39.55 -1.80 -20.64
CA ALA Z 7 38.28 -2.37 -20.13
C ALA Z 7 37.13 -2.12 -21.12
N LYS Z 8 37.45 -1.71 -22.35
CA LYS Z 8 36.39 -1.51 -23.38
C LYS Z 8 35.69 -2.85 -23.65
N ALA Z 9 36.46 -3.96 -23.65
CA ALA Z 9 35.87 -5.30 -23.86
C ALA Z 9 34.80 -5.57 -22.80
N ALA Z 10 35.08 -5.21 -21.54
CA ALA Z 10 34.11 -5.45 -20.44
C ALA Z 10 32.83 -4.65 -20.69
N PHE Z 11 32.95 -3.38 -21.09
CA PHE Z 11 31.75 -2.56 -21.42
C PHE Z 11 30.97 -3.20 -22.56
N ASN Z 12 31.67 -3.63 -23.61
CA ASN Z 12 31.00 -4.25 -24.79
C ASN Z 12 30.23 -5.49 -24.34
N SER Z 13 30.83 -6.31 -23.47
CA SER Z 13 30.14 -7.51 -22.95
C SER Z 13 28.89 -7.10 -22.17
N LEU Z 14 29.02 -6.09 -21.30
CA LEU Z 14 27.86 -5.62 -20.49
C LEU Z 14 26.75 -5.15 -21.44
N GLN Z 15 27.10 -4.44 -22.50
CA GLN Z 15 26.08 -3.88 -23.44
C GLN Z 15 25.31 -5.03 -24.09
N ALA Z 16 26.02 -6.07 -24.56
CA ALA Z 16 25.35 -7.23 -25.22
C ALA Z 16 24.55 -8.02 -24.19
N SER Z 17 24.98 -8.01 -22.92
CA SER Z 17 24.25 -8.72 -21.84
C SER Z 17 22.99 -7.95 -21.46
N ALA Z 18 23.06 -6.61 -21.42
CA ALA Z 18 21.91 -5.78 -20.99
C ALA Z 18 20.72 -5.98 -21.94
N THR Z 19 20.96 -5.94 -23.26
CA THR Z 19 19.84 -6.03 -24.22
C THR Z 19 19.16 -7.41 -24.07
N GLU Z 20 19.92 -8.44 -23.69
CA GLU Z 20 19.34 -9.79 -23.44
C GLU Z 20 18.45 -9.73 -22.20
N TYR Z 21 18.91 -9.07 -21.13
CA TYR Z 21 18.14 -9.00 -19.85
C TYR Z 21 16.82 -8.25 -20.07
N ILE Z 22 16.85 -7.19 -20.88
CA ILE Z 22 15.62 -6.39 -21.14
C ILE Z 22 14.58 -7.29 -21.83
N GLY Z 23 15.02 -8.11 -22.79
CA GLY Z 23 14.11 -9.06 -23.45
C GLY Z 23 13.52 -10.03 -22.44
N TYR Z 24 14.35 -10.56 -21.54
CA TYR Z 24 13.86 -11.48 -20.48
C TYR Z 24 12.79 -10.79 -19.65
N ALA Z 25 13.05 -9.56 -19.20
CA ALA Z 25 12.10 -8.84 -18.33
C ALA Z 25 10.75 -8.69 -19.05
N TRP Z 26 10.74 -8.15 -20.26
CA TRP Z 26 9.46 -7.89 -20.97
C TRP Z 26 8.66 -9.20 -21.10
N ALA Z 27 9.33 -10.31 -21.38
CA ALA Z 27 8.63 -11.61 -21.54
C ALA Z 27 7.92 -11.98 -20.24
N MET Z 28 8.61 -11.88 -19.10
CA MET Z 28 8.02 -12.28 -17.80
C MET Z 28 6.91 -11.29 -17.40
N VAL Z 29 7.12 -9.99 -17.65
CA VAL Z 29 6.07 -8.97 -17.30
C VAL Z 29 4.78 -9.34 -18.03
N VAL Z 30 4.84 -9.57 -19.34
CA VAL Z 30 3.61 -9.85 -20.14
C VAL Z 30 2.85 -11.04 -19.53
N VAL Z 31 3.54 -12.13 -19.17
CA VAL Z 31 2.82 -13.34 -18.69
C VAL Z 31 2.19 -13.07 -17.31
N ILE Z 32 2.91 -12.39 -16.41
CA ILE Z 32 2.39 -12.14 -15.03
C ILE Z 32 1.21 -11.18 -15.12
N VAL Z 33 1.35 -10.06 -15.85
CA VAL Z 33 0.27 -9.05 -15.98
C VAL Z 33 -0.93 -9.72 -16.65
N GLY Z 34 -0.70 -10.53 -17.69
CA GLY Z 34 -1.80 -11.19 -18.40
C GLY Z 34 -2.65 -12.02 -17.45
N ALA Z 35 -2.01 -12.87 -16.64
CA ALA Z 35 -2.74 -13.72 -15.69
C ALA Z 35 -3.46 -12.86 -14.65
N THR Z 36 -2.76 -11.86 -14.10
CA THR Z 36 -3.35 -10.99 -13.04
C THR Z 36 -4.63 -10.31 -13.57
N ILE Z 37 -4.53 -9.62 -14.71
CA ILE Z 37 -5.71 -8.89 -15.26
C ILE Z 37 -6.80 -9.91 -15.61
N GLY Z 38 -6.42 -11.05 -16.19
CA GLY Z 38 -7.41 -12.07 -16.59
C GLY Z 38 -8.22 -12.55 -15.41
N ILE Z 39 -7.57 -12.93 -14.30
CA ILE Z 39 -8.29 -13.41 -13.09
C ILE Z 39 -9.19 -12.28 -12.57
N LYS Z 40 -8.66 -11.05 -12.48
CA LYS Z 40 -9.44 -9.92 -11.93
C LYS Z 40 -10.68 -9.67 -12.78
N LEU Z 41 -10.53 -9.62 -14.11
CA LEU Z 41 -11.67 -9.37 -15.03
C LEU Z 41 -12.69 -10.51 -14.90
N PHE Z 42 -12.22 -11.75 -14.80
CA PHE Z 42 -13.12 -12.93 -14.69
C PHE Z 42 -14.03 -12.74 -13.47
N LYS Z 43 -13.45 -12.44 -12.31
CA LYS Z 43 -14.24 -12.26 -11.06
C LYS Z 43 -15.21 -11.08 -11.24
N LYS Z 44 -14.75 -9.96 -11.80
CA LYS Z 44 -15.60 -8.76 -11.98
C LYS Z 44 -16.79 -9.09 -12.87
N PHE Z 45 -16.55 -9.67 -14.04
CA PHE Z 45 -17.65 -9.93 -15.01
C PHE Z 45 -18.64 -10.95 -14.46
N THR Z 46 -18.18 -11.99 -13.76
CA THR Z 46 -19.11 -13.05 -13.28
C THR Z 46 -20.06 -12.43 -12.24
N SER Z 47 -19.55 -11.52 -11.39
CA SER Z 47 -20.40 -10.85 -10.38
C SER Z 47 -21.40 -9.93 -11.06
N LYS Z 48 -20.96 -9.15 -12.05
CA LYS Z 48 -21.87 -8.24 -12.81
C LYS Z 48 -22.89 -9.08 -13.56
N ALA Z 49 -22.50 -10.26 -14.06
CA ALA Z 49 -23.41 -11.14 -14.84
C ALA Z 49 -24.37 -11.88 -13.92
N SER Z 50 -24.25 -11.67 -12.60
CA SER Z 50 -25.15 -12.32 -11.61
C SER Z 50 -24.99 -13.84 -11.67
N ALA AA 5 62.05 1.95 -7.75
CA ALA AA 5 63.34 2.26 -8.43
C ALA AA 5 63.95 3.51 -7.79
N ASP AA 6 63.40 4.68 -8.09
CA ASP AA 6 63.91 5.96 -7.50
C ASP AA 6 62.82 6.57 -6.61
N PHE AA 7 63.21 7.45 -5.70
CA PHE AA 7 62.21 8.15 -4.84
C PHE AA 7 61.19 8.87 -5.73
N ASP AA 8 61.66 9.63 -6.72
CA ASP AA 8 60.75 10.33 -7.67
C ASP AA 8 59.78 9.32 -8.29
N THR AA 9 60.27 8.15 -8.67
CA THR AA 9 59.39 7.09 -9.27
C THR AA 9 58.26 6.78 -8.29
N ILE AA 10 58.60 6.49 -7.02
CA ILE AA 10 57.57 6.16 -6.00
C ILE AA 10 56.63 7.35 -5.83
N TYR AA 11 57.18 8.57 -5.74
CA TYR AA 11 56.36 9.79 -5.52
C TYR AA 11 55.33 9.93 -6.64
N GLN AA 12 55.77 9.87 -7.91
CA GLN AA 12 54.84 10.07 -9.06
C GLN AA 12 53.77 8.97 -9.05
N ALA AA 13 54.18 7.71 -8.83
CA ALA AA 13 53.22 6.58 -8.84
C ALA AA 13 52.19 6.78 -7.72
N MET AA 14 52.64 7.15 -6.51
CA MET AA 14 51.72 7.33 -5.36
C MET AA 14 50.68 8.41 -5.70
N ILE AA 15 51.11 9.52 -6.30
CA ILE AA 15 50.18 10.64 -6.65
C ILE AA 15 49.11 10.12 -7.62
N GLN AA 16 49.52 9.38 -8.66
CA GLN AA 16 48.56 8.88 -9.67
C GLN AA 16 47.58 7.89 -9.01
N ILE AA 17 48.08 7.05 -8.10
CA ILE AA 17 47.20 6.12 -7.35
C ILE AA 17 46.20 6.92 -6.51
N SER AA 18 46.65 8.00 -5.86
CA SER AA 18 45.76 8.81 -5.00
C SER AA 18 44.60 9.39 -5.80
N VAL AA 19 44.88 10.02 -6.94
CA VAL AA 19 43.75 10.70 -7.69
C VAL AA 19 42.74 9.64 -8.15
N VAL AA 20 43.20 8.44 -8.55
CA VAL AA 20 42.27 7.40 -9.09
C VAL AA 20 41.46 6.80 -7.92
N LEU AA 21 42.01 6.78 -6.71
CA LEU AA 21 41.23 6.30 -5.54
C LEU AA 21 40.18 7.36 -5.19
N CYS AA 22 40.58 8.63 -5.19
CA CYS AA 22 39.65 9.73 -4.82
C CYS AA 22 38.48 9.78 -5.80
N PHE AA 23 38.75 9.50 -7.09
CA PHE AA 23 37.65 9.49 -8.10
C PHE AA 23 36.69 8.34 -7.79
N ALA AA 24 37.23 7.16 -7.48
CA ALA AA 24 36.38 5.98 -7.17
C ALA AA 24 35.53 6.27 -5.92
N LEU AA 25 36.13 6.83 -4.87
CA LEU AA 25 35.36 7.20 -3.65
C LEU AA 25 34.30 8.25 -4.03
N GLY AA 26 34.64 9.15 -4.95
CA GLY AA 26 33.67 10.16 -5.42
C GLY AA 26 32.48 9.52 -6.09
N ILE AA 27 32.70 8.51 -6.93
CA ILE AA 27 31.59 7.78 -7.59
C ILE AA 27 30.71 7.12 -6.54
N ILE AA 28 31.33 6.44 -5.56
CA ILE AA 28 30.55 5.74 -4.49
C ILE AA 28 29.73 6.77 -3.72
N ALA AA 29 30.32 7.91 -3.36
CA ALA AA 29 29.60 8.96 -2.59
C ALA AA 29 28.46 9.55 -3.42
N GLY AA 30 28.69 9.77 -4.72
CA GLY AA 30 27.67 10.38 -5.58
C GLY AA 30 26.52 9.43 -5.88
N GLY AA 31 26.77 8.13 -5.84
CA GLY AA 31 25.74 7.12 -6.16
C GLY AA 31 24.85 6.79 -4.97
N GLN AA 32 25.05 7.48 -3.84
CA GLN AA 32 24.18 7.28 -2.65
C GLN AA 32 22.93 8.14 -2.81
N ARG AA 33 21.79 7.49 -3.09
CA ARG AA 33 20.50 8.23 -3.28
C ARG AA 33 19.95 8.66 -1.92
N ASP BA 5 -7.70 -22.27 -22.64
CA ASP BA 5 -8.50 -21.16 -22.07
C ASP BA 5 -9.24 -21.65 -20.82
N PRO BA 6 -8.68 -21.47 -19.62
CA PRO BA 6 -9.37 -21.86 -18.38
C PRO BA 6 -10.64 -21.04 -18.15
N ALA BA 7 -10.59 -19.74 -18.47
CA ALA BA 7 -11.75 -18.83 -18.25
C ALA BA 7 -12.96 -19.32 -19.05
N LYS BA 8 -12.76 -19.72 -20.31
CA LYS BA 8 -13.88 -20.16 -21.18
C LYS BA 8 -14.60 -21.33 -20.52
N ALA BA 9 -13.85 -22.35 -20.09
CA ALA BA 9 -14.45 -23.53 -19.43
C ALA BA 9 -15.20 -23.09 -18.17
N ALA BA 10 -14.60 -22.21 -17.37
CA ALA BA 10 -15.23 -21.77 -16.10
C ALA BA 10 -16.54 -21.04 -16.40
N PHE BA 11 -16.54 -20.12 -17.36
CA PHE BA 11 -17.78 -19.37 -17.70
C PHE BA 11 -18.86 -20.35 -18.18
N ASN BA 12 -18.49 -21.32 -19.00
CA ASN BA 12 -19.48 -22.30 -19.53
C ASN BA 12 -20.07 -23.10 -18.37
N SER BA 13 -19.23 -23.55 -17.43
CA SER BA 13 -19.71 -24.34 -16.27
C SER BA 13 -20.65 -23.50 -15.41
N LEU BA 14 -20.32 -22.21 -15.21
CA LEU BA 14 -21.18 -21.31 -14.40
C LEU BA 14 -22.54 -21.14 -15.09
N GLN BA 15 -22.55 -20.97 -16.42
CA GLN BA 15 -23.81 -20.81 -17.17
C GLN BA 15 -24.62 -22.12 -17.13
N ALA BA 16 -23.94 -23.26 -17.20
CA ALA BA 16 -24.63 -24.57 -17.12
C ALA BA 16 -25.28 -24.72 -15.74
N SER BA 17 -24.56 -24.35 -14.67
CA SER BA 17 -25.14 -24.41 -13.30
C SER BA 17 -26.32 -23.44 -13.20
N ALA BA 18 -26.19 -22.25 -13.78
CA ALA BA 18 -27.28 -21.25 -13.75
C ALA BA 18 -28.53 -21.84 -14.42
N THR BA 19 -28.36 -22.48 -15.58
CA THR BA 19 -29.51 -23.09 -16.31
C THR BA 19 -30.13 -24.18 -15.44
N GLU BA 20 -29.30 -24.94 -14.71
CA GLU BA 20 -29.83 -25.98 -13.79
C GLU BA 20 -30.74 -25.31 -12.74
N TYR BA 21 -30.28 -24.23 -12.12
CA TYR BA 21 -31.06 -23.56 -11.04
C TYR BA 21 -32.41 -23.10 -11.59
N ILE BA 22 -32.41 -22.54 -12.81
CA ILE BA 22 -33.66 -22.05 -13.44
C ILE BA 22 -34.63 -23.22 -13.59
N GLY BA 23 -34.14 -24.35 -14.11
CA GLY BA 23 -34.98 -25.55 -14.24
C GLY BA 23 -35.69 -25.88 -12.95
N TYR BA 24 -34.98 -25.77 -11.82
CA TYR BA 24 -35.59 -26.13 -10.51
C TYR BA 24 -36.54 -25.02 -10.06
N ALA BA 25 -36.14 -23.76 -10.25
CA ALA BA 25 -36.99 -22.61 -9.83
C ALA BA 25 -38.34 -22.67 -10.56
N TRP BA 26 -38.32 -22.94 -11.87
CA TRP BA 26 -39.58 -22.98 -12.66
C TRP BA 26 -40.48 -24.11 -12.16
N ALA BA 27 -39.89 -25.27 -11.84
CA ALA BA 27 -40.69 -26.39 -11.31
C ALA BA 27 -41.39 -25.97 -10.02
N MET BA 28 -40.64 -25.38 -9.07
CA MET BA 28 -41.21 -24.98 -7.77
C MET BA 28 -42.27 -23.88 -7.98
N VAL BA 29 -41.98 -22.89 -8.82
CA VAL BA 29 -42.94 -21.75 -8.98
C VAL BA 29 -44.27 -22.26 -9.55
N VAL BA 30 -44.21 -23.24 -10.46
CA VAL BA 30 -45.46 -23.83 -11.02
C VAL BA 30 -46.29 -24.42 -9.87
N VAL BA 31 -45.65 -25.18 -8.98
CA VAL BA 31 -46.36 -25.82 -7.84
C VAL BA 31 -46.98 -24.74 -6.95
N ILE BA 32 -46.19 -23.74 -6.54
CA ILE BA 32 -46.70 -22.69 -5.60
C ILE BA 32 -47.86 -21.94 -6.26
N VAL BA 33 -47.67 -21.48 -7.50
CA VAL BA 33 -48.72 -20.67 -8.20
C VAL BA 33 -49.97 -21.54 -8.35
N GLY BA 34 -49.81 -22.80 -8.78
CA GLY BA 34 -50.96 -23.71 -8.92
C GLY BA 34 -51.74 -23.81 -7.63
N ALA BA 35 -51.04 -23.97 -6.50
CA ALA BA 35 -51.73 -24.13 -5.20
C ALA BA 35 -52.54 -22.87 -4.86
N THR BA 36 -51.91 -21.69 -4.90
CA THR BA 36 -52.63 -20.45 -4.47
C THR BA 36 -53.80 -20.17 -5.42
N ILE BA 37 -53.58 -20.32 -6.74
CA ILE BA 37 -54.65 -20.04 -7.74
C ILE BA 37 -55.79 -21.03 -7.50
N GLY BA 38 -55.47 -22.30 -7.25
CA GLY BA 38 -56.50 -23.32 -6.98
C GLY BA 38 -57.38 -22.93 -5.81
N ILE BA 39 -56.77 -22.51 -4.69
CA ILE BA 39 -57.55 -22.12 -3.49
C ILE BA 39 -58.46 -20.94 -3.86
N LYS BA 40 -57.90 -19.93 -4.54
CA LYS BA 40 -58.69 -18.72 -4.91
C LYS BA 40 -59.89 -19.13 -5.77
N LEU BA 41 -59.65 -19.92 -6.83
CA LEU BA 41 -60.76 -20.31 -7.75
C LEU BA 41 -61.79 -21.14 -6.99
N PHE BA 42 -61.34 -22.08 -6.15
CA PHE BA 42 -62.27 -22.95 -5.40
C PHE BA 42 -63.21 -22.07 -4.56
N LYS BA 43 -62.63 -21.16 -3.76
CA LYS BA 43 -63.45 -20.30 -2.88
C LYS BA 43 -64.40 -19.46 -3.73
N LYS BA 44 -63.89 -18.86 -4.82
CA LYS BA 44 -64.71 -18.00 -5.69
C LYS BA 44 -65.88 -18.80 -6.26
N PHE BA 45 -65.61 -19.96 -6.86
CA PHE BA 45 -66.68 -20.76 -7.53
C PHE BA 45 -67.74 -21.19 -6.50
N THR BA 46 -67.30 -21.70 -5.34
CA THR BA 46 -68.27 -22.19 -4.32
C THR BA 46 -69.15 -21.04 -3.86
N SER BA 47 -68.56 -19.85 -3.63
CA SER BA 47 -69.34 -18.67 -3.21
C SER BA 47 -70.38 -18.30 -4.26
N LYS BA 48 -69.98 -18.28 -5.54
CA LYS BA 48 -70.91 -17.93 -6.65
C LYS BA 48 -72.02 -18.97 -6.74
N ALA BA 49 -71.67 -20.27 -6.61
CA ALA BA 49 -72.67 -21.35 -6.70
C ALA BA 49 -73.71 -21.19 -5.59
N SER BA 50 -73.26 -20.93 -4.36
CA SER BA 50 -74.19 -20.75 -3.21
C SER BA 50 -74.48 -19.26 -3.01
N ASP CA 5 53.42 20.53 -12.36
CA ASP CA 5 52.98 19.79 -11.15
C ASP CA 5 52.66 18.34 -11.53
N PRO CA 6 53.25 17.33 -10.84
CA PRO CA 6 52.91 15.92 -11.11
C PRO CA 6 51.42 15.67 -10.84
N ALA CA 7 50.87 16.26 -9.77
CA ALA CA 7 49.45 16.08 -9.43
C ALA CA 7 48.57 16.67 -10.55
N LYS CA 8 48.95 17.81 -11.11
CA LYS CA 8 48.18 18.44 -12.21
C LYS CA 8 48.11 17.46 -13.39
N ALA CA 9 49.24 16.88 -13.78
CA ALA CA 9 49.28 15.95 -14.92
C ALA CA 9 48.37 14.74 -14.63
N ALA CA 10 48.45 14.20 -13.42
CA ALA CA 10 47.61 13.04 -13.04
C ALA CA 10 46.12 13.42 -13.14
N PHE CA 11 45.76 14.60 -12.64
CA PHE CA 11 44.34 15.05 -12.67
C PHE CA 11 43.87 15.22 -14.12
N ASN CA 12 44.71 15.80 -14.97
CA ASN CA 12 44.34 16.03 -16.39
C ASN CA 12 44.11 14.69 -17.08
N SER CA 13 44.99 13.70 -16.83
CA SER CA 13 44.80 12.35 -17.40
C SER CA 13 43.49 11.75 -16.88
N LEU CA 14 43.20 11.95 -15.59
CA LEU CA 14 41.96 11.41 -14.97
C LEU CA 14 40.74 12.04 -15.65
N GLN CA 15 40.80 13.33 -15.95
CA GLN CA 15 39.64 14.03 -16.59
C GLN CA 15 39.29 13.31 -17.89
N ALA CA 16 40.29 13.01 -18.73
CA ALA CA 16 40.03 12.32 -20.02
C ALA CA 16 39.45 10.93 -19.75
N SER CA 17 40.04 10.19 -18.80
CA SER CA 17 39.54 8.84 -18.45
C SER CA 17 38.11 8.93 -17.92
N ALA CA 18 37.79 9.96 -17.12
CA ALA CA 18 36.46 10.11 -16.52
C ALA CA 18 35.39 10.24 -17.62
N THR CA 19 35.67 11.03 -18.66
CA THR CA 19 34.68 11.24 -19.75
C THR CA 19 34.38 9.89 -20.41
N GLU CA 20 35.38 9.02 -20.58
CA GLU CA 20 35.10 7.66 -21.12
C GLU CA 20 34.14 6.91 -20.19
N TYR CA 21 34.45 6.87 -18.89
CA TYR CA 21 33.63 6.12 -17.91
C TYR CA 21 32.20 6.67 -17.87
N ILE CA 22 32.05 8.00 -17.82
CA ILE CA 22 30.68 8.58 -17.68
C ILE CA 22 29.93 8.39 -19.01
N GLY CA 23 30.65 8.33 -20.14
CA GLY CA 23 30.00 8.02 -21.43
C GLY CA 23 29.49 6.60 -21.43
N TYR CA 24 30.29 5.65 -20.91
CA TYR CA 24 29.84 4.24 -20.79
C TYR CA 24 28.60 4.17 -19.90
N ALA CA 25 28.68 4.73 -18.69
CA ALA CA 25 27.57 4.68 -17.72
C ALA CA 25 26.30 5.24 -18.35
N TRP CA 26 26.40 6.39 -19.02
CA TRP CA 26 25.20 7.04 -19.61
C TRP CA 26 24.53 6.13 -20.64
N ALA CA 27 25.32 5.48 -21.50
CA ALA CA 27 24.78 4.60 -22.56
C ALA CA 27 24.06 3.39 -21.94
N MET CA 28 24.48 2.94 -20.76
CA MET CA 28 23.79 1.81 -20.09
C MET CA 28 22.58 2.37 -19.33
N VAL CA 29 22.79 3.42 -18.55
CA VAL CA 29 21.68 4.03 -17.76
C VAL CA 29 20.49 4.28 -18.66
N VAL CA 30 20.68 4.95 -19.81
CA VAL CA 30 19.53 5.30 -20.69
C VAL CA 30 18.71 4.03 -20.96
N VAL CA 31 19.32 3.00 -21.56
CA VAL CA 31 18.56 1.77 -21.96
C VAL CA 31 17.89 1.15 -20.74
N ILE CA 32 18.61 0.95 -19.64
CA ILE CA 32 18.04 0.28 -18.43
C ILE CA 32 16.81 1.06 -17.95
N VAL CA 33 16.91 2.40 -17.81
CA VAL CA 33 15.76 3.17 -17.25
C VAL CA 33 14.62 3.17 -18.27
N GLY CA 34 14.92 3.13 -19.56
CA GLY CA 34 13.87 3.04 -20.59
C GLY CA 34 13.07 1.76 -20.43
N ALA CA 35 13.72 0.69 -19.98
CA ALA CA 35 13.05 -0.62 -19.79
C ALA CA 35 12.29 -0.64 -18.46
N THR CA 36 12.96 -0.31 -17.35
CA THR CA 36 12.28 -0.44 -16.03
C THR CA 36 11.05 0.48 -15.96
N ILE CA 37 11.16 1.74 -16.40
CA ILE CA 37 10.00 2.66 -16.23
C ILE CA 37 8.88 2.21 -17.20
N GLY CA 38 9.25 1.66 -18.35
CA GLY CA 38 8.25 1.15 -19.32
C GLY CA 38 7.50 -0.04 -18.77
N ILE CA 39 8.18 -0.94 -18.05
CA ILE CA 39 7.43 -2.06 -17.44
C ILE CA 39 6.63 -1.55 -16.22
N LYS CA 40 7.10 -0.48 -15.57
CA LYS CA 40 6.34 0.12 -14.44
C LYS CA 40 5.10 0.82 -14.99
N LEU CA 41 5.26 1.65 -16.03
CA LEU CA 41 4.12 2.35 -16.67
C LEU CA 41 3.15 1.32 -17.25
N PHE CA 42 3.68 0.25 -17.87
CA PHE CA 42 2.82 -0.82 -18.43
C PHE CA 42 1.93 -1.39 -17.33
N LYS CA 43 2.53 -1.91 -16.26
CA LYS CA 43 1.75 -2.56 -15.18
C LYS CA 43 0.74 -1.57 -14.60
N LYS CA 44 1.14 -0.31 -14.41
CA LYS CA 44 0.25 0.73 -13.83
C LYS CA 44 -0.96 0.96 -14.75
N PHE CA 45 -0.73 1.26 -16.03
CA PHE CA 45 -1.84 1.63 -16.93
C PHE CA 45 -2.75 0.43 -17.20
N THR CA 46 -2.20 -0.78 -17.33
CA THR CA 46 -3.09 -1.97 -17.49
C THR CA 46 -4.05 -2.05 -16.31
N SER CA 47 -3.53 -1.96 -15.08
CA SER CA 47 -4.37 -2.07 -13.85
C SER CA 47 -5.37 -0.91 -13.77
N LYS CA 48 -4.99 0.27 -14.28
CA LYS CA 48 -5.91 1.46 -14.28
C LYS CA 48 -7.05 1.20 -15.26
N ALA CA 49 -6.75 0.67 -16.45
CA ALA CA 49 -7.82 0.27 -17.39
C ALA CA 49 -8.69 -0.73 -16.63
N SER CA 50 -8.06 -1.62 -15.86
CA SER CA 50 -8.82 -2.49 -14.91
C SER CA 50 -9.71 -3.51 -15.63
N ASP DA 5 7.17 -4.27 -30.53
CA ASP DA 5 7.03 -3.84 -29.11
C ASP DA 5 6.25 -4.90 -28.34
N PRO DA 6 6.82 -5.52 -27.29
CA PRO DA 6 6.07 -6.48 -26.46
C PRO DA 6 4.86 -5.80 -25.81
N ALA DA 7 5.00 -4.51 -25.47
CA ALA DA 7 3.90 -3.76 -24.82
C ALA DA 7 2.65 -3.77 -25.70
N LYS DA 8 2.77 -3.34 -26.96
CA LYS DA 8 1.61 -3.26 -27.88
C LYS DA 8 0.93 -4.63 -27.97
N ALA DA 9 1.72 -5.68 -28.23
CA ALA DA 9 1.14 -7.04 -28.39
C ALA DA 9 0.36 -7.43 -27.14
N ALA DA 10 0.93 -7.21 -25.96
CA ALA DA 10 0.26 -7.57 -24.69
C ALA DA 10 -1.02 -6.77 -24.52
N PHE DA 11 -0.98 -5.46 -24.80
CA PHE DA 11 -2.17 -4.59 -24.63
C PHE DA 11 -3.30 -5.08 -25.53
N ASN DA 12 -2.98 -5.42 -26.78
CA ASN DA 12 -4.01 -5.93 -27.73
C ASN DA 12 -4.59 -7.24 -27.20
N SER DA 13 -3.74 -8.11 -26.64
CA SER DA 13 -4.20 -9.42 -26.11
C SER DA 13 -5.15 -9.21 -24.92
N LEU DA 14 -4.80 -8.27 -24.03
CA LEU DA 14 -5.64 -8.00 -22.83
C LEU DA 14 -6.99 -7.44 -23.26
N GLN DA 15 -7.02 -6.64 -24.33
CA GLN DA 15 -8.28 -6.05 -24.85
C GLN DA 15 -9.14 -7.17 -25.46
N ALA DA 16 -8.53 -8.07 -26.25
CA ALA DA 16 -9.26 -9.20 -26.85
C ALA DA 16 -9.79 -10.12 -25.75
N SER DA 17 -8.99 -10.36 -24.70
CA SER DA 17 -9.43 -11.21 -23.57
C SER DA 17 -10.63 -10.57 -22.87
N ALA DA 18 -10.61 -9.23 -22.70
CA ALA DA 18 -11.76 -8.53 -22.09
C ALA DA 18 -12.98 -8.68 -23.01
N THR DA 19 -12.80 -8.50 -24.31
CA THR DA 19 -13.93 -8.57 -25.28
C THR DA 19 -14.61 -9.94 -25.17
N GLU DA 20 -13.83 -11.02 -25.14
CA GLU DA 20 -14.44 -12.38 -25.11
C GLU DA 20 -15.16 -12.57 -23.77
N TYR DA 21 -14.61 -12.04 -22.68
CA TYR DA 21 -15.26 -12.15 -21.34
C TYR DA 21 -16.62 -11.43 -21.39
N ILE DA 22 -16.67 -10.25 -22.02
CA ILE DA 22 -17.94 -9.49 -22.12
C ILE DA 22 -18.98 -10.35 -22.87
N GLY DA 23 -18.57 -11.03 -23.94
CA GLY DA 23 -19.48 -11.92 -24.67
C GLY DA 23 -20.04 -13.01 -23.76
N TYR DA 24 -19.18 -13.69 -23.00
CA TYR DA 24 -19.64 -14.73 -22.06
C TYR DA 24 -20.58 -14.13 -21.02
N ALA DA 25 -20.21 -12.96 -20.47
CA ALA DA 25 -21.02 -12.32 -19.41
C ALA DA 25 -22.43 -12.01 -19.94
N TRP DA 26 -22.53 -11.41 -21.13
CA TRP DA 26 -23.86 -11.03 -21.66
C TRP DA 26 -24.75 -12.26 -21.83
N ALA DA 27 -24.18 -13.38 -22.28
CA ALA DA 27 -24.96 -14.63 -22.43
C ALA DA 27 -25.56 -15.02 -21.08
N MET DA 28 -24.73 -15.00 -20.02
CA MET DA 28 -25.21 -15.37 -18.66
C MET DA 28 -26.31 -14.39 -18.22
N VAL DA 29 -26.11 -13.09 -18.44
CA VAL DA 29 -27.11 -12.06 -18.02
C VAL DA 29 -28.45 -12.40 -18.67
N VAL DA 30 -28.46 -12.66 -19.99
CA VAL DA 30 -29.75 -12.92 -20.71
C VAL DA 30 -30.45 -14.11 -20.05
N VAL DA 31 -29.73 -15.20 -19.79
CA VAL DA 31 -30.35 -16.42 -19.18
C VAL DA 31 -30.99 -16.04 -17.84
N ILE DA 32 -30.22 -15.42 -16.94
CA ILE DA 32 -30.72 -15.08 -15.58
C ILE DA 32 -31.90 -14.12 -15.69
N VAL DA 33 -31.74 -13.02 -16.44
CA VAL DA 33 -32.81 -11.97 -16.56
C VAL DA 33 -34.07 -12.61 -17.16
N GLY DA 34 -33.90 -13.44 -18.20
CA GLY DA 34 -35.06 -14.09 -18.85
C GLY DA 34 -35.88 -14.87 -17.85
N ALA DA 35 -35.23 -15.71 -17.04
CA ALA DA 35 -35.95 -16.50 -16.01
C ALA DA 35 -36.61 -15.56 -15.00
N THR DA 36 -35.87 -14.56 -14.52
CA THR DA 36 -36.40 -13.62 -13.51
C THR DA 36 -37.68 -12.94 -14.03
N ILE DA 37 -37.60 -12.31 -15.20
CA ILE DA 37 -38.77 -11.59 -15.78
C ILE DA 37 -39.87 -12.60 -16.06
N GLY DA 38 -39.52 -13.77 -16.60
CA GLY DA 38 -40.52 -14.79 -16.95
C GLY DA 38 -41.33 -15.23 -15.74
N ILE DA 39 -40.64 -15.58 -14.64
CA ILE DA 39 -41.32 -16.03 -13.40
C ILE DA 39 -42.23 -14.89 -12.91
N LYS DA 40 -41.71 -13.66 -12.85
CA LYS DA 40 -42.50 -12.52 -12.32
C LYS DA 40 -43.76 -12.33 -13.16
N LEU DA 41 -43.62 -12.26 -14.49
CA LEU DA 41 -44.79 -12.06 -15.39
C LEU DA 41 -45.75 -13.24 -15.27
N PHE DA 42 -45.22 -14.46 -15.16
CA PHE DA 42 -46.07 -15.67 -15.02
C PHE DA 42 -46.99 -15.50 -13.81
N LYS DA 43 -46.42 -15.22 -12.63
CA LYS DA 43 -47.22 -15.08 -11.39
C LYS DA 43 -48.20 -13.92 -11.54
N LYS DA 44 -47.74 -12.80 -12.11
CA LYS DA 44 -48.60 -11.59 -12.28
C LYS DA 44 -49.77 -11.89 -13.22
N PHE DA 45 -49.49 -12.34 -14.44
CA PHE DA 45 -50.57 -12.52 -15.46
C PHE DA 45 -51.55 -13.62 -15.02
N THR DA 46 -51.06 -14.69 -14.40
CA THR DA 46 -51.96 -15.77 -13.91
C THR DA 46 -52.98 -15.16 -12.93
N SER DA 47 -52.50 -14.38 -11.96
CA SER DA 47 -53.40 -13.74 -10.97
C SER DA 47 -54.37 -12.78 -11.67
N LYS DA 48 -53.89 -11.99 -12.62
CA LYS DA 48 -54.74 -10.99 -13.33
C LYS DA 48 -55.85 -11.71 -14.10
N ALA DA 49 -55.49 -12.76 -14.87
CA ALA DA 49 -56.49 -13.46 -15.72
C ALA DA 49 -57.44 -14.28 -14.84
N SER DA 50 -56.90 -15.15 -13.98
CA SER DA 50 -57.74 -16.03 -13.13
C SER DA 50 -57.78 -15.48 -11.69
N ASP EA 5 23.06 14.42 -26.50
CA ASP EA 5 22.72 14.28 -25.06
C ASP EA 5 21.96 12.96 -24.86
N PRO EA 6 22.53 11.97 -24.15
CA PRO EA 6 21.83 10.71 -23.84
C PRO EA 6 20.59 10.95 -22.98
N ALA EA 7 20.62 11.96 -22.11
CA ALA EA 7 19.47 12.27 -21.23
C ALA EA 7 18.23 12.63 -22.07
N LYS EA 8 18.36 13.46 -23.07
CA LYS EA 8 17.20 13.83 -23.92
C LYS EA 8 16.63 12.57 -24.58
N ALA EA 9 17.53 11.70 -25.11
CA ALA EA 9 17.04 10.46 -25.78
C ALA EA 9 16.21 9.64 -24.79
N ALA EA 10 16.69 9.50 -23.55
CA ALA EA 10 15.97 8.71 -22.52
C ALA EA 10 14.59 9.32 -22.29
N PHE EA 11 14.52 10.64 -22.09
CA PHE EA 11 13.23 11.31 -21.81
C PHE EA 11 12.30 11.12 -23.01
N ASN EA 12 12.78 11.32 -24.23
CA ASN EA 12 11.92 11.21 -25.43
C ASN EA 12 11.35 9.81 -25.54
N SER EA 13 12.18 8.78 -25.34
CA SER EA 13 11.71 7.37 -25.45
C SER EA 13 10.63 7.11 -24.40
N LEU EA 14 10.84 7.56 -23.17
CA LEU EA 14 9.85 7.34 -22.07
C LEU EA 14 8.57 8.12 -22.35
N GLN EA 15 8.69 9.34 -22.90
CA GLN EA 15 7.49 10.15 -23.24
C GLN EA 15 6.67 9.42 -24.31
N ALA EA 16 7.33 8.85 -25.31
CA ALA EA 16 6.64 8.08 -26.37
C ALA EA 16 5.96 6.85 -25.75
N SER EA 17 6.67 6.12 -24.89
CA SER EA 17 6.10 4.92 -24.23
C SER EA 17 4.83 5.32 -23.47
N ALA EA 18 4.90 6.39 -22.67
CA ALA EA 18 3.74 6.83 -21.87
C ALA EA 18 2.56 7.15 -22.80
N THR EA 19 2.81 7.88 -23.88
CA THR EA 19 1.71 8.28 -24.81
C THR EA 19 1.01 7.02 -25.36
N GLU EA 20 1.79 6.04 -25.81
CA GLU EA 20 1.21 4.78 -26.34
C GLU EA 20 0.34 4.11 -25.26
N TYR EA 21 0.87 3.97 -24.05
CA TYR EA 21 0.12 3.28 -22.97
C TYR EA 21 -1.19 4.01 -22.69
N ILE EA 22 -1.17 5.35 -22.62
CA ILE EA 22 -2.39 6.14 -22.31
C ILE EA 22 -3.45 5.85 -23.38
N GLY EA 23 -3.06 5.87 -24.65
CA GLY EA 23 -4.02 5.59 -25.74
C GLY EA 23 -4.62 4.21 -25.62
N TYR EA 24 -3.78 3.18 -25.45
CA TYR EA 24 -4.28 1.78 -25.33
C TYR EA 24 -5.18 1.67 -24.10
N ALA EA 25 -4.77 2.27 -22.98
CA ALA EA 25 -5.54 2.16 -21.72
C ALA EA 25 -6.94 2.77 -21.92
N TRP EA 26 -7.01 3.97 -22.49
CA TRP EA 26 -8.32 4.65 -22.65
C TRP EA 26 -9.26 3.77 -23.49
N ALA EA 27 -8.74 3.14 -24.55
CA ALA EA 27 -9.56 2.27 -25.40
C ALA EA 27 -10.16 1.14 -24.56
N MET EA 28 -9.34 0.46 -23.76
CA MET EA 28 -9.83 -0.68 -22.95
C MET EA 28 -10.83 -0.18 -21.90
N VAL EA 29 -10.56 0.98 -21.29
CA VAL EA 29 -11.50 1.56 -20.29
C VAL EA 29 -12.88 1.69 -20.94
N VAL EA 30 -12.95 2.27 -22.14
CA VAL EA 30 -14.27 2.50 -22.82
C VAL EA 30 -15.00 1.17 -22.97
N VAL EA 31 -14.32 0.13 -23.49
CA VAL EA 31 -14.98 -1.18 -23.76
C VAL EA 31 -15.48 -1.76 -22.44
N ILE EA 32 -14.63 -1.85 -21.42
CA ILE EA 32 -15.01 -2.47 -20.12
C ILE EA 32 -16.13 -1.66 -19.45
N VAL EA 33 -16.01 -0.34 -19.43
CA VAL EA 33 -17.05 0.55 -18.81
C VAL EA 33 -18.36 0.34 -19.56
N GLY EA 34 -18.33 0.34 -20.89
CA GLY EA 34 -19.56 0.16 -21.69
C GLY EA 34 -20.29 -1.11 -21.31
N ALA EA 35 -19.56 -2.23 -21.17
CA ALA EA 35 -20.18 -3.51 -20.79
C ALA EA 35 -20.83 -3.40 -19.41
N THR EA 36 -20.10 -2.89 -18.42
CA THR EA 36 -20.63 -2.78 -17.03
C THR EA 36 -21.90 -1.92 -17.04
N ILE EA 37 -21.83 -0.73 -17.65
CA ILE EA 37 -23.00 0.20 -17.67
C ILE EA 37 -24.14 -0.46 -18.46
N GLY EA 38 -23.83 -1.09 -19.59
CA GLY EA 38 -24.86 -1.74 -20.43
C GLY EA 38 -25.62 -2.81 -19.65
N ILE EA 39 -24.90 -3.67 -18.93
CA ILE EA 39 -25.56 -4.74 -18.12
C ILE EA 39 -26.45 -4.09 -17.07
N LYS EA 40 -25.94 -3.09 -16.34
CA LYS EA 40 -26.72 -2.45 -15.25
C LYS EA 40 -27.99 -1.82 -15.82
N LEU EA 41 -27.87 -1.01 -16.88
CA LEU EA 41 -29.06 -0.32 -17.46
C LEU EA 41 -30.06 -1.37 -17.97
N PHE EA 42 -29.58 -2.43 -18.61
CA PHE EA 42 -30.48 -3.49 -19.14
C PHE EA 42 -31.31 -4.06 -17.99
N LYS EA 43 -30.65 -4.47 -16.90
CA LYS EA 43 -31.36 -5.12 -15.77
C LYS EA 43 -32.36 -4.13 -15.14
N LYS EA 44 -32.01 -2.84 -15.09
CA LYS EA 44 -32.88 -1.82 -14.46
C LYS EA 44 -34.14 -1.62 -15.31
N PHE EA 45 -33.99 -1.37 -16.61
CA PHE EA 45 -35.16 -1.07 -17.48
C PHE EA 45 -36.03 -2.32 -17.67
N THR EA 46 -35.42 -3.51 -17.79
CA THR EA 46 -36.22 -4.73 -18.05
C THR EA 46 -37.18 -4.98 -16.88
N SER EA 47 -36.78 -4.61 -15.65
CA SER EA 47 -37.64 -4.78 -14.45
C SER EA 47 -38.72 -3.69 -14.42
N LYS EA 48 -38.37 -2.46 -14.80
CA LYS EA 48 -39.36 -1.34 -14.84
C LYS EA 48 -40.44 -1.65 -15.87
N ALA EA 49 -40.03 -2.07 -17.07
CA ALA EA 49 -41.01 -2.35 -18.16
C ALA EA 49 -41.87 -3.57 -17.79
N SER EA 50 -41.25 -4.64 -17.30
CA SER EA 50 -41.99 -5.87 -16.94
C SER EA 50 -42.99 -5.58 -15.81
N MET FA 1 50.52 21.50 -0.55
CA MET FA 1 49.05 21.59 -0.67
C MET FA 1 48.64 21.15 -2.08
N SER FA 2 49.58 21.05 -3.01
CA SER FA 2 49.24 20.74 -4.42
C SER FA 2 48.51 19.39 -4.51
N VAL FA 3 49.08 18.33 -3.90
CA VAL FA 3 48.47 16.98 -4.03
C VAL FA 3 47.09 16.98 -3.34
N LEU FA 4 46.93 17.71 -2.23
CA LEU FA 4 45.61 17.81 -1.55
C LEU FA 4 44.61 18.48 -2.50
N VAL FA 5 44.98 19.62 -3.08
CA VAL FA 5 44.04 20.38 -3.97
C VAL FA 5 43.62 19.49 -5.14
N TYR FA 6 44.57 18.82 -5.80
CA TYR FA 6 44.23 18.02 -7.01
C TYR FA 6 43.49 16.74 -6.62
N SER FA 7 43.84 16.13 -5.49
CA SER FA 7 43.10 14.91 -5.02
C SER FA 7 41.67 15.29 -4.65
N PHE FA 8 41.48 16.45 -4.02
CA PHE FA 8 40.12 16.92 -3.65
C PHE FA 8 39.34 17.23 -4.93
N ALA FA 9 39.99 17.86 -5.91
CA ALA FA 9 39.33 18.17 -7.19
C ALA FA 9 38.86 16.88 -7.85
N SER FA 10 39.67 15.81 -7.74
CA SER FA 10 39.28 14.50 -8.31
C SER FA 10 38.02 13.98 -7.63
N PHE FA 11 37.93 14.11 -6.30
CA PHE FA 11 36.74 13.65 -5.54
C PHE FA 11 35.51 14.43 -5.99
N VAL FA 12 35.62 15.76 -6.09
CA VAL FA 12 34.46 16.62 -6.49
C VAL FA 12 34.05 16.26 -7.92
N LEU FA 13 35.02 16.06 -8.82
CA LEU FA 13 34.71 15.67 -10.22
C LEU FA 13 33.90 14.37 -10.20
N GLY FA 14 34.36 13.36 -9.46
CA GLY FA 14 33.64 12.07 -9.39
C GLY FA 14 32.22 12.24 -8.88
N TRP FA 15 32.03 12.97 -7.78
CA TRP FA 15 30.66 13.25 -7.26
C TRP FA 15 29.82 13.92 -8.34
N CYS FA 16 30.34 14.94 -9.02
CA CYS FA 16 29.54 15.71 -10.03
C CYS FA 16 29.11 14.80 -11.18
N LEU FA 17 30.03 13.98 -11.72
CA LEU FA 17 29.70 13.11 -12.87
C LEU FA 17 28.62 12.10 -12.48
N ARG FA 18 28.78 11.41 -11.35
CA ARG FA 18 27.81 10.36 -10.94
C ARG FA 18 26.51 11.02 -10.48
N SER FA 19 26.58 12.16 -9.79
CA SER FA 19 25.33 12.75 -9.26
C SER FA 19 24.37 13.06 -10.41
N GLY FA 20 24.88 13.42 -11.58
CA GLY FA 20 24.02 13.65 -12.75
C GLY FA 20 23.19 12.43 -13.09
N ILE FA 21 23.78 11.23 -13.01
CA ILE FA 21 23.02 9.98 -13.24
C ILE FA 21 21.99 9.84 -12.11
N THR FA 22 22.42 9.90 -10.84
CA THR FA 22 21.50 9.68 -9.70
C THR FA 22 20.28 10.59 -9.81
N TYR FA 23 20.48 11.89 -10.03
CA TYR FA 23 19.34 12.84 -10.07
C TYR FA 23 18.41 12.48 -11.22
N PHE FA 24 18.96 12.22 -12.41
CA PHE FA 24 18.12 11.87 -13.58
C PHE FA 24 17.27 10.65 -13.26
N THR FA 25 17.89 9.58 -12.77
CA THR FA 25 17.16 8.33 -12.47
C THR FA 25 16.08 8.60 -11.43
N ARG FA 26 16.44 9.28 -10.33
CA ARG FA 26 15.46 9.51 -9.23
C ARG FA 26 14.28 10.34 -9.75
N LEU FA 27 14.56 11.46 -10.41
CA LEU FA 27 13.47 12.35 -10.89
C LEU FA 27 12.53 11.57 -11.82
N MET FA 28 13.08 10.89 -12.83
CA MET FA 28 12.24 10.13 -13.80
C MET FA 28 11.43 9.06 -13.07
N GLU FA 29 12.03 8.37 -12.09
CA GLU FA 29 11.33 7.28 -11.36
C GLU FA 29 10.11 7.85 -10.63
N THR FA 30 10.31 8.89 -9.82
CA THR FA 30 9.18 9.48 -9.04
C THR FA 30 8.23 10.23 -9.98
N SER FA 31 8.72 10.66 -11.14
CA SER FA 31 7.86 11.34 -12.14
C SER FA 31 6.74 10.39 -12.59
N SER FA 32 7.11 9.15 -12.92
CA SER FA 32 6.08 8.14 -13.30
C SER FA 32 5.37 7.63 -12.04
N ASP GA 5 39.28 26.67 -8.44
CA ASP GA 5 38.72 25.30 -8.30
C ASP GA 5 38.83 24.58 -9.64
N PRO GA 6 39.62 23.48 -9.73
CA PRO GA 6 39.77 22.72 -10.98
C PRO GA 6 38.49 21.99 -11.39
N ALA GA 7 37.58 21.73 -10.44
CA ALA GA 7 36.34 20.98 -10.75
C ALA GA 7 35.12 21.91 -10.75
N LYS GA 8 35.35 23.23 -10.76
CA LYS GA 8 34.21 24.19 -10.83
C LYS GA 8 33.45 23.98 -12.13
N ALA GA 9 34.17 23.68 -13.23
CA ALA GA 9 33.52 23.43 -14.53
C ALA GA 9 32.54 22.26 -14.41
N ALA GA 10 32.94 21.20 -13.69
CA ALA GA 10 32.05 20.02 -13.52
C ALA GA 10 30.78 20.42 -12.76
N PHE GA 11 30.91 21.20 -11.69
CA PHE GA 11 29.72 21.67 -10.93
C PHE GA 11 28.82 22.51 -11.85
N ASN GA 12 29.42 23.41 -12.64
CA ASN GA 12 28.63 24.29 -13.54
C ASN GA 12 27.86 23.43 -14.53
N SER GA 13 28.50 22.38 -15.07
CA SER GA 13 27.81 21.46 -16.02
C SER GA 13 26.65 20.77 -15.31
N LEU GA 14 26.89 20.27 -14.09
CA LEU GA 14 25.82 19.57 -13.32
C LEU GA 14 24.65 20.54 -13.10
N GLN GA 15 24.93 21.80 -12.78
CA GLN GA 15 23.86 22.78 -12.49
C GLN GA 15 22.99 23.00 -13.73
N ALA GA 16 23.62 23.16 -14.90
CA ALA GA 16 22.87 23.38 -16.16
C ALA GA 16 22.13 22.10 -16.55
N SER GA 17 22.66 20.93 -16.18
CA SER GA 17 22.00 19.63 -16.47
C SER GA 17 20.81 19.43 -15.54
N ALA GA 18 20.93 19.81 -14.27
CA ALA GA 18 19.84 19.58 -13.28
C ALA GA 18 18.58 20.34 -13.68
N THR GA 19 18.70 21.61 -14.06
CA THR GA 19 17.50 22.43 -14.40
C THR GA 19 16.79 21.80 -15.61
N GLU GA 20 17.54 21.16 -16.51
CA GLU GA 20 16.93 20.48 -17.69
C GLU GA 20 16.16 19.25 -17.20
N TYR GA 21 16.73 18.48 -16.27
CA TYR GA 21 16.07 17.24 -15.76
C TYR GA 21 14.77 17.59 -15.04
N ILE GA 22 14.76 18.68 -14.28
CA ILE GA 22 13.54 19.09 -13.53
C ILE GA 22 12.43 19.39 -14.54
N GLY GA 23 12.75 20.08 -15.63
CA GLY GA 23 11.75 20.34 -16.69
C GLY GA 23 11.22 19.05 -17.26
N TYR GA 24 12.11 18.08 -17.53
CA TYR GA 24 11.68 16.76 -18.05
C TYR GA 24 10.71 16.11 -17.07
N ALA GA 25 11.04 16.09 -15.78
CA ALA GA 25 10.19 15.43 -14.77
C ALA GA 25 8.79 16.05 -14.77
N TRP GA 26 8.70 17.38 -14.64
CA TRP GA 26 7.37 18.03 -14.53
C TRP GA 26 6.52 17.70 -15.76
N ALA GA 27 7.12 17.67 -16.94
CA ALA GA 27 6.37 17.37 -18.19
C ALA GA 27 5.76 15.97 -18.09
N MET GA 28 6.55 14.96 -17.69
CA MET GA 28 6.05 13.57 -17.63
C MET GA 28 5.02 13.41 -16.50
N VAL GA 29 5.25 14.07 -15.35
CA VAL GA 29 4.27 14.00 -14.22
C VAL GA 29 2.91 14.47 -14.72
N VAL GA 30 2.86 15.65 -15.35
CA VAL GA 30 1.55 16.23 -15.78
C VAL GA 30 0.80 15.24 -16.68
N VAL GA 31 1.48 14.60 -17.65
CA VAL GA 31 0.76 13.71 -18.61
C VAL GA 31 0.26 12.45 -17.88
N ILE GA 32 1.08 11.86 -17.01
CA ILE GA 32 0.69 10.59 -16.32
C ILE GA 32 -0.47 10.90 -15.35
N VAL GA 33 -0.34 11.94 -14.53
CA VAL GA 33 -1.40 12.31 -13.54
C VAL GA 33 -2.67 12.66 -14.32
N GLY GA 34 -2.56 13.40 -15.42
CA GLY GA 34 -3.74 13.80 -16.21
C GLY GA 34 -4.53 12.58 -16.65
N ALA GA 35 -3.85 11.59 -17.23
CA ALA GA 35 -4.54 10.37 -17.71
C ALA GA 35 -5.13 9.60 -16.52
N THR GA 36 -4.36 9.45 -15.44
CA THR GA 36 -4.82 8.68 -14.26
C THR GA 36 -6.11 9.29 -13.71
N ILE GA 37 -6.09 10.59 -13.41
CA ILE GA 37 -7.28 11.27 -12.81
C ILE GA 37 -8.43 11.21 -13.82
N GLY GA 38 -8.14 11.42 -15.11
CA GLY GA 38 -9.20 11.41 -16.14
C GLY GA 38 -9.93 10.08 -16.18
N ILE GA 39 -9.20 8.97 -16.24
CA ILE GA 39 -9.83 7.62 -16.28
C ILE GA 39 -10.64 7.42 -14.99
N LYS GA 40 -10.06 7.74 -13.84
CA LYS GA 40 -10.75 7.52 -12.54
C LYS GA 40 -12.05 8.34 -12.49
N LEU GA 41 -12.01 9.61 -12.87
CA LEU GA 41 -13.22 10.48 -12.84
C LEU GA 41 -14.26 9.93 -13.83
N PHE GA 42 -13.83 9.48 -15.01
CA PHE GA 42 -14.76 8.95 -16.02
C PHE GA 42 -15.56 7.79 -15.42
N LYS GA 43 -14.87 6.82 -14.81
CA LYS GA 43 -15.54 5.64 -14.20
C LYS GA 43 -16.48 6.11 -13.09
N LYS GA 44 -16.03 7.04 -12.23
CA LYS GA 44 -16.85 7.52 -11.09
C LYS GA 44 -18.12 8.18 -11.61
N PHE GA 45 -18.01 9.12 -12.54
CA PHE GA 45 -19.19 9.88 -13.02
C PHE GA 45 -20.17 8.96 -13.75
N THR GA 46 -19.68 8.02 -14.55
CA THR GA 46 -20.60 7.16 -15.35
C THR GA 46 -21.44 6.30 -14.39
N SER GA 47 -20.83 5.81 -13.30
CA SER GA 47 -21.57 5.01 -12.29
C SER GA 47 -22.59 5.88 -11.57
N LYS GA 48 -22.21 7.09 -11.17
CA LYS GA 48 -23.15 8.03 -10.48
C LYS GA 48 -24.26 8.41 -11.45
N ALA GA 49 -23.95 8.54 -12.74
CA ALA GA 49 -24.95 8.94 -13.75
C ALA GA 49 -25.86 7.76 -14.12
N SER GA 50 -25.62 6.60 -13.53
CA SER GA 50 -26.46 5.39 -13.78
C SER GA 50 -26.35 4.98 -15.26
N ALA HA 5 61.21 12.25 -4.23
CA ALA HA 5 62.44 13.08 -4.23
C ALA HA 5 63.15 12.91 -2.89
N ASP HA 6 62.61 13.52 -1.82
CA ASP HA 6 63.22 13.40 -0.47
C ASP HA 6 62.23 12.68 0.46
N PHE HA 7 62.73 12.10 1.56
CA PHE HA 7 61.83 11.45 2.54
C PHE HA 7 60.76 12.44 3.00
N ASP HA 8 61.17 13.66 3.39
CA ASP HA 8 60.21 14.70 3.83
C ASP HA 8 59.15 14.92 2.74
N THR HA 9 59.57 14.94 1.46
CA THR HA 9 58.61 15.11 0.35
C THR HA 9 57.55 14.01 0.41
N ILE HA 10 57.98 12.74 0.51
CA ILE HA 10 57.04 11.60 0.58
C ILE HA 10 56.16 11.74 1.82
N TYR HA 11 56.76 12.07 2.96
CA TYR HA 11 56.00 12.21 4.24
C TYR HA 11 54.88 13.24 4.08
N GLN HA 12 55.21 14.44 3.60
CA GLN HA 12 54.20 15.52 3.50
C GLN HA 12 53.09 15.10 2.52
N ALA HA 13 53.48 14.53 1.37
CA ALA HA 13 52.49 14.12 0.35
C ALA HA 13 51.55 13.05 0.95
N MET HA 14 52.12 12.05 1.65
CA MET HA 14 51.31 10.95 2.23
C MET HA 14 50.28 11.54 3.21
N ILE HA 15 50.70 12.49 4.05
CA ILE HA 15 49.78 13.10 5.06
C ILE HA 15 48.62 13.79 4.34
N GLN HA 16 48.91 14.57 3.29
CA GLN HA 16 47.85 15.30 2.54
C GLN HA 16 46.90 14.30 1.87
N ILE HA 17 47.44 13.20 1.34
CA ILE HA 17 46.59 12.14 0.73
C ILE HA 17 45.69 11.54 1.81
N SER HA 18 46.24 11.29 3.00
CA SER HA 18 45.46 10.66 4.10
C SER HA 18 44.25 11.52 4.47
N VAL HA 19 44.45 12.82 4.70
CA VAL HA 19 43.30 13.65 5.18
C VAL HA 19 42.21 13.69 4.09
N VAL HA 20 42.59 13.73 2.80
CA VAL HA 20 41.59 13.85 1.71
C VAL HA 20 40.85 12.50 1.54
N LEU HA 21 41.50 11.38 1.87
CA LEU HA 21 40.81 10.07 1.82
C LEU HA 21 39.83 10.01 3.00
N CYS HA 22 40.27 10.42 4.18
CA CYS HA 22 39.42 10.35 5.39
C CYS HA 22 38.17 11.22 5.21
N PHE HA 23 38.32 12.37 4.53
CA PHE HA 23 37.14 13.25 4.27
C PHE HA 23 36.17 12.53 3.33
N ALA HA 24 36.69 11.89 2.27
CA ALA HA 24 35.83 11.17 1.30
C ALA HA 24 35.10 10.03 2.01
N LEU HA 25 35.81 9.24 2.83
CA LEU HA 25 35.16 8.15 3.60
C LEU HA 25 34.11 8.77 4.54
N GLY HA 26 34.40 9.95 5.10
CA GLY HA 26 33.43 10.64 5.97
C GLY HA 26 32.16 10.99 5.24
N ILE HA 27 32.28 11.49 3.99
CA ILE HA 27 31.08 11.82 3.16
C ILE HA 27 30.28 10.54 2.92
N ILE HA 28 30.95 9.44 2.54
CA ILE HA 28 30.24 8.16 2.25
C ILE HA 28 29.52 7.69 3.51
N ALA HA 29 30.18 7.75 4.67
CA ALA HA 29 29.57 7.31 5.95
C ALA HA 29 28.38 8.20 6.32
N GLY HA 30 28.52 9.51 6.11
CA GLY HA 30 27.45 10.46 6.49
C GLY HA 30 26.25 10.36 5.56
N GLY HA 31 26.45 9.92 4.31
CA GLY HA 31 25.36 9.84 3.32
C GLY HA 31 24.57 8.56 3.44
N GLN HA 32 24.88 7.71 4.43
CA GLN HA 32 24.11 6.46 4.66
C GLN HA 32 22.88 6.79 5.48
N ARG HA 33 21.70 6.78 4.86
CA ARG HA 33 20.42 7.11 5.57
C ARG HA 33 20.01 5.91 6.44
N ASP IA 5 -10.35 13.93 -27.68
CA ASP IA 5 -11.07 13.69 -26.40
C ASP IA 5 -11.71 12.30 -26.44
N PRO IA 6 -11.05 11.25 -25.92
CA PRO IA 6 -11.64 9.90 -25.88
C PRO IA 6 -12.86 9.86 -24.94
N ALA IA 7 -12.79 10.57 -23.81
CA ALA IA 7 -13.90 10.57 -22.82
C ALA IA 7 -15.19 11.10 -23.45
N LYS IA 8 -15.10 12.17 -24.24
CA LYS IA 8 -16.31 12.78 -24.85
C LYS IA 8 -17.01 11.74 -25.72
N ALA IA 9 -16.26 11.06 -26.59
CA ALA IA 9 -16.85 10.03 -27.48
C ALA IA 9 -17.47 8.92 -26.63
N ALA IA 10 -16.78 8.48 -25.59
CA ALA IA 10 -17.28 7.37 -24.73
C ALA IA 10 -18.59 7.78 -24.06
N PHE IA 11 -18.64 8.99 -23.49
CA PHE IA 11 -19.87 9.47 -22.80
C PHE IA 11 -21.02 9.53 -23.80
N ASN IA 12 -20.76 10.03 -25.01
CA ASN IA 12 -21.82 10.16 -26.04
C ASN IA 12 -22.34 8.76 -26.41
N SER IA 13 -21.44 7.79 -26.59
CA SER IA 13 -21.85 6.42 -26.96
C SER IA 13 -22.69 5.80 -25.84
N LEU IA 14 -22.30 6.03 -24.57
CA LEU IA 14 -23.05 5.49 -23.41
C LEU IA 14 -24.46 6.10 -23.39
N GLN IA 15 -24.57 7.41 -23.63
CA GLN IA 15 -25.89 8.09 -23.64
C GLN IA 15 -26.73 7.58 -24.82
N ALA IA 16 -26.10 7.34 -25.98
CA ALA IA 16 -26.83 6.80 -27.14
C ALA IA 16 -27.36 5.41 -26.82
N SER IA 17 -26.55 4.57 -26.19
CA SER IA 17 -27.00 3.20 -25.78
C SER IA 17 -28.14 3.33 -24.75
N ALA IA 18 -28.02 4.26 -23.81
CA ALA IA 18 -29.07 4.48 -22.80
C ALA IA 18 -30.39 4.83 -23.50
N THR IA 19 -30.34 5.75 -24.47
CA THR IA 19 -31.56 6.16 -25.20
C THR IA 19 -32.15 4.95 -25.93
N GLU IA 20 -31.29 4.08 -26.48
CA GLU IA 20 -31.78 2.85 -27.14
C GLU IA 20 -32.56 2.01 -26.14
N TYR IA 21 -32.02 1.79 -24.94
CA TYR IA 21 -32.68 0.92 -23.94
C TYR IA 21 -34.06 1.49 -23.58
N ILE IA 22 -34.14 2.81 -23.42
CA ILE IA 22 -35.42 3.49 -23.08
C ILE IA 22 -36.44 3.20 -24.18
N GLY IA 23 -36.04 3.36 -25.44
CA GLY IA 23 -36.93 3.06 -26.57
C GLY IA 23 -37.54 1.68 -26.44
N TYR IA 24 -36.73 0.69 -26.03
CA TYR IA 24 -37.24 -0.70 -25.93
C TYR IA 24 -38.11 -0.85 -24.68
N ALA IA 25 -37.69 -0.24 -23.57
CA ALA IA 25 -38.45 -0.34 -22.30
C ALA IA 25 -39.86 0.24 -22.50
N TRP IA 26 -39.96 1.39 -23.15
CA TRP IA 26 -41.28 2.04 -23.36
C TRP IA 26 -42.17 1.15 -24.24
N ALA IA 27 -41.61 0.53 -25.27
CA ALA IA 27 -42.39 -0.38 -26.13
C ALA IA 27 -42.96 -1.53 -25.28
N MET IA 28 -42.12 -2.17 -24.47
CA MET IA 28 -42.57 -3.32 -23.65
C MET IA 28 -43.59 -2.86 -22.62
N VAL IA 29 -43.35 -1.73 -21.94
CA VAL IA 29 -44.28 -1.29 -20.86
C VAL IA 29 -45.66 -1.00 -21.45
N VAL IA 30 -45.72 -0.44 -22.67
CA VAL IA 30 -47.03 -0.18 -23.32
C VAL IA 30 -47.78 -1.52 -23.48
N VAL IA 31 -47.09 -2.55 -23.96
CA VAL IA 31 -47.73 -3.88 -24.17
C VAL IA 31 -48.24 -4.43 -22.83
N ILE IA 32 -47.38 -4.45 -21.81
CA ILE IA 32 -47.77 -5.05 -20.50
C ILE IA 32 -48.95 -4.27 -19.91
N VAL IA 33 -48.85 -2.93 -19.87
CA VAL IA 33 -49.93 -2.10 -19.26
C VAL IA 33 -51.21 -2.32 -20.06
N GLY IA 34 -51.13 -2.28 -21.39
CA GLY IA 34 -52.32 -2.51 -22.22
C GLY IA 34 -52.99 -3.82 -21.87
N ALA IA 35 -52.21 -4.89 -21.72
CA ALA IA 35 -52.79 -6.23 -21.43
C ALA IA 35 -53.53 -6.21 -20.09
N THR IA 36 -52.86 -5.77 -19.01
CA THR IA 36 -53.50 -5.82 -17.66
C THR IA 36 -54.73 -4.92 -17.62
N ILE IA 37 -54.63 -3.70 -18.19
CA ILE IA 37 -55.77 -2.75 -18.16
C ILE IA 37 -56.92 -3.37 -18.96
N GLY IA 38 -56.62 -3.98 -20.11
CA GLY IA 38 -57.66 -4.61 -20.93
C GLY IA 38 -58.43 -5.66 -20.14
N ILE IA 39 -57.72 -6.54 -19.45
CA ILE IA 39 -58.37 -7.62 -18.65
C ILE IA 39 -59.27 -6.96 -17.59
N LYS IA 40 -58.74 -5.97 -16.87
CA LYS IA 40 -59.51 -5.29 -15.80
C LYS IA 40 -60.79 -4.68 -16.38
N LEU IA 41 -60.67 -3.92 -17.47
CA LEU IA 41 -61.86 -3.24 -18.06
C LEU IA 41 -62.86 -4.30 -18.55
N PHE IA 42 -62.37 -5.34 -19.21
CA PHE IA 42 -63.27 -6.40 -19.75
C PHE IA 42 -64.10 -6.98 -18.60
N LYS IA 43 -63.42 -7.42 -17.53
CA LYS IA 43 -64.14 -8.04 -16.38
C LYS IA 43 -65.13 -7.03 -15.79
N LYS IA 44 -64.68 -5.78 -15.59
CA LYS IA 44 -65.55 -4.74 -14.99
C LYS IA 44 -66.79 -4.53 -15.87
N PHE IA 45 -66.61 -4.32 -17.17
CA PHE IA 45 -67.76 -4.01 -18.06
C PHE IA 45 -68.75 -5.18 -18.09
N THR IA 46 -68.23 -6.41 -18.25
CA THR IA 46 -69.12 -7.60 -18.34
C THR IA 46 -69.92 -7.73 -17.04
N SER IA 47 -69.27 -7.54 -15.89
CA SER IA 47 -69.97 -7.64 -14.58
C SER IA 47 -71.08 -6.58 -14.50
N LYS IA 48 -70.79 -5.34 -14.91
CA LYS IA 48 -71.80 -4.24 -14.86
C LYS IA 48 -72.95 -4.56 -15.81
N ALA IA 49 -72.64 -5.06 -17.01
CA ALA IA 49 -73.68 -5.39 -18.01
C ALA IA 49 -74.61 -6.46 -17.46
N SER IA 50 -74.05 -7.52 -16.86
CA SER IA 50 -74.87 -8.61 -16.28
C SER IA 50 -75.10 -8.36 -14.78
#